data_3TBV
#
_entry.id   3TBV
#
_cell.length_a   96.584
_cell.length_b   126.473
_cell.length_c   102.110
_cell.angle_alpha   90.00
_cell.angle_beta   106.71
_cell.angle_gamma   90.00
#
_symmetry.space_group_name_H-M   'P 1 21 1'
#
loop_
_entity.id
_entity.type
_entity.pdbx_description
1 polymer 'H-2 class I histocompatibility antigen, D-B alpha chain'
2 polymer Beta-2-microglobulin
3 polymer 'Glycoprotein G1'
4 non-polymer 'SULFATE ION'
5 non-polymer GLYCEROL
6 water water
#
loop_
_entity_poly.entity_id
_entity_poly.type
_entity_poly.pdbx_seq_one_letter_code
_entity_poly.pdbx_strand_id
1 'polypeptide(L)'
;GPHSMRYFETAVSRPGLEEPRYISVGYVDNKEFVRFDSDAENPRYEPRAPWMEQEGPEYWERETQKAKGQEQWFRVSLRN
LLGYYNQSAGGSHTLQQMSGCDLGSDWRLLRGYLQFAYEGRDYIALNEDLKTWTAADMAAQITRRKWEQSGAAEHYKAYL
EGECVEWLHRYLKNGNATLLRTDSPKAHVTHHPRSKGEVTLRCWALGFYPADITLTWQLNGEELTQDMELVETRPAGDGT
FQKWASVVVPLGKEQNYTCRVYHEGLPEPLTLRWEP
;
A,C,E,G
2 'polypeptide(L)'
;IQKTPQIQVYSRHPPENGKPNILNCYVTQFHPPHIEIQMLKNGKKIPKVEMSDMSFSKDWSFYILAHTEFTPTETDTYAC
RVKHDSMAEPKTVYWDRDM
;
B,D,F,H
3 'polypeptide(L)' KGPANFATM I,J,K,L
#
loop_
_chem_comp.id
_chem_comp.type
_chem_comp.name
_chem_comp.formula
GOL non-polymer GLYCEROL 'C3 H8 O3'
SO4 non-polymer 'SULFATE ION' 'O4 S -2'
#
# COMPACT_ATOMS: atom_id res chain seq x y z
N GLY A 1 -8.73 9.94 -7.85
CA GLY A 1 -10.01 9.19 -8.02
C GLY A 1 -11.14 10.18 -8.32
N PRO A 2 -12.03 9.82 -9.27
CA PRO A 2 -13.05 10.79 -9.70
C PRO A 2 -14.03 10.98 -8.57
N HIS A 3 -14.89 11.98 -8.64
CA HIS A 3 -15.86 12.26 -7.57
C HIS A 3 -17.17 12.75 -8.18
N SER A 4 -18.20 12.88 -7.34
CA SER A 4 -19.52 13.26 -7.87
C SER A 4 -20.43 13.82 -6.79
N MET A 5 -21.46 14.55 -7.21
CA MET A 5 -22.54 14.92 -6.29
C MET A 5 -23.88 14.98 -6.99
N ARG A 6 -24.92 14.55 -6.28
CA ARG A 6 -26.28 14.53 -6.82
C ARG A 6 -27.33 14.99 -5.80
N TYR A 7 -28.39 15.62 -6.28
CA TYR A 7 -29.60 15.77 -5.49
C TYR A 7 -30.71 15.09 -6.26
N PHE A 8 -31.44 14.15 -5.63
CA PHE A 8 -32.57 13.46 -6.30
C PHE A 8 -33.79 13.99 -5.60
N GLU A 9 -34.76 14.50 -6.36
CA GLU A 9 -35.89 15.16 -5.76
C GLU A 9 -37.08 14.58 -6.35
N THR A 10 -38.14 14.50 -5.55
CA THR A 10 -39.34 13.94 -6.03
C THR A 10 -40.55 14.62 -5.51
N ALA A 11 -41.61 14.62 -6.30
CA ALA A 11 -42.88 15.10 -5.75
C ALA A 11 -43.96 14.17 -6.18
N VAL A 12 -44.85 13.79 -5.28
CA VAL A 12 -45.80 12.75 -5.58
C VAL A 12 -47.14 13.18 -5.14
N SER A 13 -48.14 13.05 -6.01
CA SER A 13 -49.53 13.27 -5.62
C SER A 13 -50.34 11.97 -5.62
N ARG A 14 -51.26 11.81 -4.68
CA ARG A 14 -52.21 10.69 -4.67
C ARG A 14 -53.71 11.17 -4.68
N PRO A 15 -54.61 10.37 -5.31
CA PRO A 15 -56.02 10.73 -5.51
C PRO A 15 -56.74 11.18 -4.24
N GLY A 16 -56.42 10.58 -3.13
CA GLY A 16 -57.01 11.12 -1.92
C GLY A 16 -56.75 12.62 -1.71
N LEU A 17 -55.48 13.00 -1.85
CA LEU A 17 -54.87 14.03 -0.99
C LEU A 17 -54.99 15.44 -1.52
N GLU A 18 -54.80 16.39 -0.63
CA GLU A 18 -54.91 17.77 -1.02
C GLU A 18 -53.62 18.26 -1.72
N GLU A 19 -52.45 17.92 -1.17
CA GLU A 19 -51.16 18.39 -1.67
C GLU A 19 -50.21 17.21 -1.88
N PRO A 20 -49.18 17.40 -2.77
CA PRO A 20 -48.19 16.34 -3.03
C PRO A 20 -47.18 16.33 -1.91
N ARG A 21 -46.36 15.30 -1.84
CA ARG A 21 -45.31 15.28 -0.83
C ARG A 21 -44.00 15.47 -1.54
N TYR A 22 -43.08 16.24 -0.97
CA TYR A 22 -41.87 16.57 -1.75
C TYR A 22 -40.71 16.03 -0.96
N ILE A 23 -39.78 15.33 -1.61
CA ILE A 23 -38.66 14.79 -0.87
C ILE A 23 -37.38 15.06 -1.61
N SER A 24 -36.32 15.45 -0.90
CA SER A 24 -35.04 15.64 -1.58
C SER A 24 -33.88 14.88 -0.94
N VAL A 25 -32.98 14.34 -1.75
CA VAL A 25 -31.92 13.59 -1.15
C VAL A 25 -30.61 13.91 -1.82
N GLY A 26 -29.65 14.33 -1.01
CA GLY A 26 -28.34 14.65 -1.55
C GLY A 26 -27.36 13.53 -1.38
N TYR A 27 -26.43 13.41 -2.32
CA TYR A 27 -25.47 12.30 -2.38
C TYR A 27 -24.05 12.84 -2.68
N VAL A 28 -23.06 12.39 -1.92
CA VAL A 28 -21.67 12.62 -2.32
C VAL A 28 -21.07 11.27 -2.67
N ASP A 29 -20.35 11.17 -3.78
CA ASP A 29 -19.85 9.89 -4.23
C ASP A 29 -20.81 8.75 -4.00
N ASN A 30 -22.09 9.03 -4.18
CA ASN A 30 -23.15 8.01 -4.20
C ASN A 30 -23.57 7.55 -2.83
N LYS A 31 -23.03 8.16 -1.77
CA LYS A 31 -23.47 7.87 -0.42
C LYS A 31 -24.40 9.02 0.02
N GLU A 32 -25.56 8.68 0.60
CA GLU A 32 -26.52 9.71 0.99
C GLU A 32 -25.95 10.59 2.09
N PHE A 33 -26.02 11.91 1.93
CA PHE A 33 -25.53 12.82 3.00
C PHE A 33 -26.53 13.86 3.54
N VAL A 34 -27.56 14.23 2.77
CA VAL A 34 -28.58 15.16 3.30
C VAL A 34 -29.94 14.65 2.85
N ARG A 35 -31.01 15.16 3.46
CA ARG A 35 -32.34 14.75 3.05
C ARG A 35 -33.39 15.67 3.62
N PHE A 36 -34.48 15.91 2.87
CA PHE A 36 -35.62 16.77 3.31
C PHE A 36 -36.93 16.10 2.92
N ASP A 37 -38.00 16.27 3.68
CA ASP A 37 -39.22 15.53 3.42
C ASP A 37 -40.43 16.26 3.97
N SER A 38 -41.41 16.56 3.13
CA SER A 38 -42.44 17.48 3.56
C SER A 38 -43.46 16.81 4.46
N ASP A 39 -43.40 15.47 4.54
CA ASP A 39 -44.29 14.76 5.46
C ASP A 39 -43.89 14.97 6.92
N ALA A 40 -42.62 15.28 7.18
CA ALA A 40 -42.10 15.45 8.54
C ALA A 40 -42.78 16.56 9.34
N GLU A 41 -42.75 16.37 10.66
CA GLU A 41 -43.32 17.32 11.58
C GLU A 41 -42.72 18.71 11.32
N ASN A 42 -41.40 18.80 11.39
CA ASN A 42 -40.70 20.05 11.14
C ASN A 42 -39.85 19.91 9.87
N PRO A 43 -40.44 20.25 8.71
CA PRO A 43 -39.65 19.93 7.53
C PRO A 43 -38.35 20.74 7.50
N ARG A 44 -37.24 20.04 7.40
CA ARG A 44 -35.96 20.67 7.36
C ARG A 44 -35.04 19.72 6.68
N TYR A 45 -34.07 20.26 5.97
CA TYR A 45 -32.97 19.44 5.56
C TYR A 45 -32.29 18.93 6.82
N GLU A 46 -31.88 17.67 6.78
CA GLU A 46 -31.16 17.02 7.90
C GLU A 46 -29.79 16.43 7.49
N PRO A 47 -28.82 16.45 8.40
CA PRO A 47 -27.60 15.79 7.98
C PRO A 47 -27.79 14.28 8.02
N ARG A 48 -27.23 13.56 7.05
CA ARG A 48 -27.44 12.14 6.95
C ARG A 48 -26.19 11.23 7.10
N ALA A 49 -24.99 11.81 7.23
CA ALA A 49 -23.74 11.07 7.46
C ALA A 49 -22.91 11.84 8.48
N PRO A 50 -22.25 11.13 9.43
CA PRO A 50 -21.65 11.87 10.54
C PRO A 50 -20.95 13.15 10.10
N TRP A 51 -20.37 13.19 8.91
CA TRP A 51 -19.57 14.38 8.57
C TRP A 51 -20.36 15.65 8.21
N MET A 52 -21.68 15.56 8.07
CA MET A 52 -22.47 16.78 7.85
C MET A 52 -22.97 17.55 9.12
N GLU A 53 -22.71 17.08 10.33
CA GLU A 53 -23.07 17.89 11.51
C GLU A 53 -22.14 19.11 11.68
N GLN A 54 -21.09 19.18 10.86
CA GLN A 54 -20.20 20.32 10.79
C GLN A 54 -20.95 21.62 10.48
N GLU A 55 -21.73 21.60 9.40
CA GLU A 55 -22.37 22.83 8.89
C GLU A 55 -23.26 23.46 9.96
N GLY A 56 -23.22 24.80 10.06
CA GLY A 56 -23.75 25.45 11.25
C GLY A 56 -25.22 25.79 11.26
N PRO A 57 -25.59 26.81 12.04
CA PRO A 57 -27.04 27.02 12.00
C PRO A 57 -27.45 27.60 10.64
N GLU A 58 -26.53 28.31 9.99
CA GLU A 58 -26.88 29.03 8.79
C GLU A 58 -27.09 28.07 7.60
N TYR A 59 -26.19 27.10 7.41
CA TYR A 59 -26.35 26.09 6.37
C TYR A 59 -27.73 25.46 6.28
N TRP A 60 -28.13 24.80 7.37
CA TRP A 60 -29.39 24.05 7.45
C TRP A 60 -30.60 24.94 7.25
N GLU A 61 -30.55 26.10 7.86
CA GLU A 61 -31.57 27.11 7.69
C GLU A 61 -31.77 27.51 6.21
N ARG A 62 -30.66 27.73 5.49
CA ARG A 62 -30.71 28.35 4.15
C ARG A 62 -31.06 27.27 3.09
N GLU A 63 -30.50 26.10 3.30
CA GLU A 63 -30.87 24.94 2.51
C GLU A 63 -32.33 24.56 2.73
N THR A 64 -32.84 24.71 3.95
CA THR A 64 -34.23 24.36 4.23
C THR A 64 -35.15 25.24 3.42
N GLN A 65 -34.85 26.54 3.41
CA GLN A 65 -35.65 27.52 2.63
C GLN A 65 -35.65 27.23 1.12
N LYS A 66 -34.51 26.87 0.58
CA LYS A 66 -34.43 26.43 -0.80
C LYS A 66 -35.40 25.24 -0.96
N ALA A 67 -35.44 24.34 0.02
CA ALA A 67 -36.26 23.15 -0.12
C ALA A 67 -37.73 23.54 -0.12
N LYS A 68 -38.12 24.51 0.69
CA LYS A 68 -39.50 24.91 0.67
C LYS A 68 -39.76 25.62 -0.71
N GLY A 69 -38.74 26.22 -1.29
CA GLY A 69 -38.87 26.83 -2.62
C GLY A 69 -39.02 25.76 -3.73
N GLN A 70 -38.16 24.73 -3.72
CA GLN A 70 -38.35 23.59 -4.66
C GLN A 70 -39.76 23.02 -4.58
N GLU A 71 -40.28 22.92 -3.36
CA GLU A 71 -41.54 22.21 -3.12
C GLU A 71 -42.65 22.90 -3.87
N GLN A 72 -42.73 24.20 -3.71
CA GLN A 72 -43.67 24.97 -4.51
C GLN A 72 -43.39 24.86 -6.00
N TRP A 73 -42.14 24.88 -6.42
CA TRP A 73 -41.88 24.72 -7.85
C TRP A 73 -42.47 23.38 -8.43
N PHE A 74 -42.24 22.32 -7.67
CA PHE A 74 -42.80 20.98 -7.95
C PHE A 74 -44.30 20.92 -7.88
N ARG A 75 -44.92 21.57 -6.88
CA ARG A 75 -46.39 21.67 -6.83
C ARG A 75 -46.95 22.31 -8.13
N VAL A 76 -46.36 23.43 -8.53
CA VAL A 76 -46.95 24.16 -9.66
C VAL A 76 -46.71 23.31 -10.95
N SER A 77 -45.57 22.68 -11.01
CA SER A 77 -45.26 21.89 -12.22
C SER A 77 -46.21 20.68 -12.38
N LEU A 78 -46.53 19.96 -11.30
CA LEU A 78 -47.42 18.81 -11.41
C LEU A 78 -48.70 19.36 -12.03
N ARG A 79 -49.16 20.46 -11.45
CA ARG A 79 -50.41 21.01 -11.88
C ARG A 79 -50.38 21.30 -13.37
N ASN A 80 -49.31 21.92 -13.84
CA ASN A 80 -49.18 22.18 -15.27
C ASN A 80 -49.09 20.90 -16.12
N LEU A 81 -48.28 19.94 -15.69
CA LEU A 81 -48.14 18.62 -16.35
C LEU A 81 -49.53 17.95 -16.59
N LEU A 82 -50.45 18.13 -15.64
CA LEU A 82 -51.73 17.45 -15.66
C LEU A 82 -52.47 17.98 -16.86
N GLY A 83 -52.30 19.27 -17.13
CA GLY A 83 -52.99 19.90 -18.27
C GLY A 83 -52.29 19.60 -19.58
N TYR A 84 -50.96 19.63 -19.58
CA TYR A 84 -50.23 19.23 -20.78
C TYR A 84 -50.61 17.81 -21.24
N TYR A 85 -50.99 16.91 -20.34
CA TYR A 85 -51.27 15.55 -20.76
C TYR A 85 -52.75 15.28 -20.85
N ASN A 86 -53.57 16.26 -20.51
CA ASN A 86 -55.02 16.09 -20.57
C ASN A 86 -55.42 14.95 -19.60
N GLN A 87 -54.91 15.00 -18.39
CA GLN A 87 -55.13 13.94 -17.46
C GLN A 87 -56.25 14.40 -16.62
N SER A 88 -57.24 13.58 -16.45
CA SER A 88 -58.27 14.11 -15.56
C SER A 88 -57.76 13.92 -14.13
N ALA A 89 -58.15 14.82 -13.23
CA ALA A 89 -57.98 14.59 -11.81
C ALA A 89 -58.59 13.21 -11.46
N GLY A 90 -58.01 12.50 -10.47
CA GLY A 90 -58.41 11.15 -10.11
C GLY A 90 -57.27 10.12 -10.19
N GLY A 91 -56.04 10.56 -10.48
CA GLY A 91 -54.88 9.68 -10.60
C GLY A 91 -53.74 9.93 -9.59
N SER A 92 -52.72 9.05 -9.55
CA SER A 92 -51.44 9.37 -8.87
C SER A 92 -50.39 9.86 -9.89
N HIS A 93 -49.47 10.71 -9.48
CA HIS A 93 -48.55 11.26 -10.46
C HIS A 93 -47.23 11.54 -9.84
N THR A 94 -46.19 11.53 -10.64
CA THR A 94 -44.88 11.68 -10.12
C THR A 94 -43.99 12.57 -10.98
N LEU A 95 -43.21 13.37 -10.33
CA LEU A 95 -42.30 14.20 -11.06
C LEU A 95 -41.04 14.07 -10.26
N GLN A 96 -39.93 13.83 -10.95
CA GLN A 96 -38.65 13.58 -10.33
C GLN A 96 -37.54 14.39 -11.05
N GLN A 97 -36.48 14.69 -10.31
CA GLN A 97 -35.40 15.46 -10.81
C GLN A 97 -34.07 14.88 -10.33
N MET A 98 -33.11 14.81 -11.23
CA MET A 98 -31.72 14.50 -10.87
C MET A 98 -30.78 15.62 -11.34
N SER A 99 -29.88 16.07 -10.46
CA SER A 99 -29.01 17.21 -10.68
C SER A 99 -27.65 16.91 -10.12
N GLY A 100 -26.60 17.45 -10.72
CA GLY A 100 -25.33 17.53 -10.05
C GLY A 100 -24.11 17.48 -10.92
N CYS A 101 -22.97 17.06 -10.37
CA CYS A 101 -21.69 17.22 -11.08
C CYS A 101 -20.71 16.07 -10.87
N ASP A 102 -20.04 15.67 -11.95
CA ASP A 102 -18.95 14.68 -11.90
C ASP A 102 -17.59 15.35 -12.03
N LEU A 103 -16.66 15.01 -11.15
CA LEU A 103 -15.30 15.50 -11.19
C LEU A 103 -14.32 14.39 -11.59
N GLY A 104 -13.22 14.74 -12.28
CA GLY A 104 -12.20 13.78 -12.66
C GLY A 104 -11.26 13.59 -11.49
N SER A 105 -10.37 12.60 -11.52
CA SER A 105 -9.37 12.51 -10.44
C SER A 105 -8.55 13.82 -10.22
N ASP A 106 -8.59 14.76 -11.17
CA ASP A 106 -7.92 16.06 -10.99
C ASP A 106 -8.79 17.13 -10.25
N TRP A 107 -10.03 16.74 -9.93
CA TRP A 107 -11.02 17.58 -9.25
C TRP A 107 -11.70 18.63 -10.17
N ARG A 108 -11.46 18.54 -11.47
CA ARG A 108 -12.06 19.45 -12.45
C ARG A 108 -13.43 18.96 -12.86
N LEU A 109 -14.31 19.86 -13.30
CA LEU A 109 -15.61 19.45 -13.79
C LEU A 109 -15.48 18.50 -15.02
N LEU A 110 -16.16 17.37 -14.96
CA LEU A 110 -16.14 16.42 -16.07
C LEU A 110 -17.50 16.55 -16.82
N ARG A 111 -18.60 16.67 -16.06
CA ARG A 111 -19.92 16.64 -16.64
C ARG A 111 -20.98 17.17 -15.70
N GLY A 112 -21.85 18.05 -16.21
CA GLY A 112 -23.01 18.49 -15.43
C GLY A 112 -24.22 17.59 -15.67
N TYR A 113 -25.15 17.53 -14.72
CA TYR A 113 -26.37 16.73 -14.87
C TYR A 113 -27.60 17.50 -14.49
N LEU A 114 -28.56 17.58 -15.40
CA LEU A 114 -29.94 18.04 -15.04
C LEU A 114 -30.93 17.18 -15.83
N GLN A 115 -31.75 16.36 -15.17
CA GLN A 115 -32.77 15.57 -15.88
C GLN A 115 -34.07 15.54 -15.12
N PHE A 116 -35.20 15.41 -15.83
CA PHE A 116 -36.48 15.36 -15.18
C PHE A 116 -37.28 14.19 -15.73
N ALA A 117 -38.17 13.62 -14.91
CA ALA A 117 -39.11 12.65 -15.36
C ALA A 117 -40.45 12.88 -14.73
N TYR A 118 -41.47 12.49 -15.47
CA TYR A 118 -42.81 12.63 -15.08
C TYR A 118 -43.40 11.19 -15.27
N GLU A 119 -44.18 10.71 -14.30
CA GLU A 119 -44.71 9.32 -14.29
C GLU A 119 -43.59 8.27 -14.54
N GLY A 120 -42.38 8.44 -14.02
CA GLY A 120 -41.34 7.49 -14.30
C GLY A 120 -40.61 7.55 -15.62
N ARG A 121 -40.97 8.50 -16.48
CA ARG A 121 -40.47 8.54 -17.85
C ARG A 121 -39.77 9.86 -18.15
N ASP A 122 -38.69 9.77 -18.91
CA ASP A 122 -37.89 10.90 -19.35
C ASP A 122 -38.78 12.01 -19.85
N TYR A 123 -38.68 13.18 -19.24
CA TYR A 123 -39.55 14.31 -19.66
C TYR A 123 -38.73 15.41 -20.34
N ILE A 124 -37.71 15.97 -19.67
CA ILE A 124 -36.83 16.84 -20.37
C ILE A 124 -35.51 16.74 -19.65
N ALA A 125 -34.41 16.91 -20.37
CA ALA A 125 -33.07 16.79 -19.77
C ALA A 125 -32.12 17.85 -20.36
N LEU A 126 -31.19 18.37 -19.56
CA LEU A 126 -30.17 19.29 -20.04
C LEU A 126 -29.13 18.50 -20.80
N ASN A 127 -28.83 18.82 -22.07
CA ASN A 127 -27.74 18.06 -22.75
C ASN A 127 -26.35 18.35 -22.14
N GLU A 128 -25.38 17.47 -22.43
CA GLU A 128 -24.06 17.56 -21.82
C GLU A 128 -23.36 18.89 -22.18
N ASP A 129 -23.71 19.48 -23.30
CA ASP A 129 -23.24 20.83 -23.59
C ASP A 129 -23.78 21.89 -22.58
N LEU A 130 -24.67 21.50 -21.67
CA LEU A 130 -25.32 22.46 -20.80
C LEU A 130 -25.87 23.71 -21.50
N LYS A 131 -26.25 23.60 -22.76
CA LYS A 131 -26.84 24.71 -23.52
C LYS A 131 -28.19 24.35 -24.13
N THR A 132 -28.33 23.10 -24.60
CA THR A 132 -29.51 22.70 -25.39
C THR A 132 -30.34 21.64 -24.58
N TRP A 133 -31.63 21.49 -24.88
CA TRP A 133 -32.50 20.53 -24.17
C TRP A 133 -32.92 19.36 -25.05
N THR A 134 -33.02 18.19 -24.43
CA THR A 134 -33.69 17.06 -25.04
C THR A 134 -35.07 16.87 -24.35
N ALA A 135 -36.14 16.87 -25.13
CA ALA A 135 -37.50 16.60 -24.63
C ALA A 135 -38.26 15.85 -25.71
N ALA A 136 -38.64 14.61 -25.45
CA ALA A 136 -39.17 13.73 -26.49
C ALA A 136 -40.61 13.93 -26.73
N ASP A 137 -41.37 14.04 -25.66
CA ASP A 137 -42.82 14.05 -25.80
C ASP A 137 -43.36 15.30 -26.55
N MET A 138 -44.40 15.12 -27.34
CA MET A 138 -45.15 16.23 -27.87
C MET A 138 -45.53 17.13 -26.70
N ALA A 139 -46.05 16.57 -25.61
CA ALA A 139 -46.51 17.38 -24.49
C ALA A 139 -45.37 18.12 -23.86
N ALA A 140 -44.15 17.61 -23.96
CA ALA A 140 -43.07 18.33 -23.33
C ALA A 140 -42.50 19.51 -24.22
N GLN A 141 -42.86 19.64 -25.50
CA GLN A 141 -42.27 20.72 -26.35
C GLN A 141 -42.63 22.10 -25.71
N ILE A 142 -43.81 22.22 -25.11
CA ILE A 142 -44.28 23.41 -24.35
C ILE A 142 -43.22 23.80 -23.33
N THR A 143 -42.91 22.91 -22.38
CA THR A 143 -41.88 23.18 -21.41
C THR A 143 -40.54 23.54 -22.02
N ARG A 144 -40.13 22.77 -23.06
CA ARG A 144 -38.82 22.98 -23.71
C ARG A 144 -38.78 24.42 -24.37
N ARG A 145 -39.87 24.83 -24.97
CA ARG A 145 -39.98 26.21 -25.54
C ARG A 145 -39.96 27.29 -24.43
N LYS A 146 -40.61 27.06 -23.27
CA LYS A 146 -40.62 28.07 -22.18
C LYS A 146 -39.24 28.22 -21.57
N TRP A 147 -38.51 27.12 -21.54
CA TRP A 147 -37.21 27.09 -20.93
C TRP A 147 -36.15 27.70 -21.88
N GLU A 148 -36.29 27.47 -23.18
CA GLU A 148 -35.40 28.07 -24.14
C GLU A 148 -35.58 29.59 -24.11
N GLN A 149 -36.83 30.04 -24.21
CA GLN A 149 -37.20 31.44 -24.27
C GLN A 149 -36.76 32.16 -23.01
N SER A 150 -36.67 31.45 -21.88
CA SER A 150 -36.37 32.11 -20.59
C SER A 150 -34.90 32.04 -20.17
N GLY A 151 -34.04 31.48 -21.01
CA GLY A 151 -32.63 31.37 -20.66
C GLY A 151 -32.44 30.40 -19.48
N ALA A 152 -33.37 29.48 -19.24
CA ALA A 152 -33.18 28.50 -18.08
C ALA A 152 -31.82 27.81 -18.14
N ALA A 153 -31.43 27.36 -19.31
CA ALA A 153 -30.20 26.62 -19.49
C ALA A 153 -28.96 27.30 -18.94
N GLU A 154 -28.83 28.61 -19.17
CA GLU A 154 -27.67 29.33 -18.75
C GLU A 154 -27.68 29.46 -17.22
N HIS A 155 -28.84 29.64 -16.59
CA HIS A 155 -28.95 29.56 -15.13
C HIS A 155 -28.42 28.20 -14.50
N TYR A 156 -29.02 27.06 -14.88
CA TYR A 156 -28.57 25.73 -14.43
C TYR A 156 -27.10 25.48 -14.78
N LYS A 157 -26.65 25.98 -15.93
CA LYS A 157 -25.24 25.85 -16.28
C LYS A 157 -24.38 26.59 -15.27
N ALA A 158 -24.85 27.74 -14.80
CA ALA A 158 -24.11 28.47 -13.75
C ALA A 158 -24.03 27.65 -12.43
N TYR A 159 -25.16 27.15 -11.94
CA TYR A 159 -25.19 26.30 -10.75
C TYR A 159 -24.34 25.03 -11.02
N LEU A 160 -24.60 24.28 -12.08
CA LEU A 160 -23.79 23.09 -12.33
C LEU A 160 -22.24 23.30 -12.34
N GLU A 161 -21.78 24.42 -12.92
CA GLU A 161 -20.33 24.71 -13.04
C GLU A 161 -19.72 25.41 -11.83
N GLY A 162 -20.52 26.20 -11.14
CA GLY A 162 -20.02 26.99 -10.01
C GLY A 162 -20.47 26.42 -8.65
N GLU A 163 -21.66 26.77 -8.19
CA GLU A 163 -22.01 26.44 -6.80
C GLU A 163 -21.91 24.93 -6.54
N CYS A 164 -22.35 24.12 -7.50
CA CYS A 164 -22.27 22.67 -7.37
C CYS A 164 -20.84 22.18 -7.19
N VAL A 165 -19.93 22.55 -8.10
CA VAL A 165 -18.55 22.07 -8.08
C VAL A 165 -17.88 22.52 -6.81
N GLU A 166 -18.23 23.73 -6.39
CA GLU A 166 -17.61 24.37 -5.27
C GLU A 166 -18.01 23.54 -4.07
N TRP A 167 -19.30 23.42 -3.81
CA TRP A 167 -19.70 22.87 -2.50
C TRP A 167 -19.24 21.41 -2.34
N LEU A 168 -19.09 20.72 -3.47
CA LEU A 168 -18.57 19.38 -3.50
C LEU A 168 -17.10 19.35 -3.05
N HIS A 169 -16.30 20.28 -3.55
CA HIS A 169 -14.91 20.41 -3.13
C HIS A 169 -14.94 20.53 -1.62
N ARG A 170 -15.81 21.41 -1.14
CA ARG A 170 -15.87 21.68 0.28
C ARG A 170 -16.27 20.44 1.03
N TYR A 171 -17.27 19.73 0.55
CA TYR A 171 -17.71 18.53 1.27
C TYR A 171 -16.65 17.44 1.19
N LEU A 172 -15.83 17.54 0.15
CA LEU A 172 -14.79 16.54 -0.06
C LEU A 172 -13.65 16.71 0.96
N LYS A 173 -13.25 17.93 1.24
CA LYS A 173 -12.27 18.15 2.31
C LYS A 173 -12.86 17.76 3.70
N ASN A 174 -14.13 18.06 3.92
CA ASN A 174 -14.78 17.86 5.22
C ASN A 174 -14.89 16.43 5.66
N GLY A 175 -14.98 15.53 4.70
CA GLY A 175 -14.98 14.12 5.03
C GLY A 175 -13.99 13.40 4.15
N ASN A 176 -12.70 13.65 4.35
CA ASN A 176 -11.68 12.94 3.57
C ASN A 176 -11.18 11.74 4.36
N ALA A 177 -11.93 11.34 5.39
CA ALA A 177 -11.59 10.18 6.22
C ALA A 177 -12.41 8.90 5.88
N THR A 178 -13.28 8.96 4.87
CA THR A 178 -14.08 7.79 4.47
C THR A 178 -14.09 7.79 2.90
N LEU A 179 -14.42 8.92 2.26
CA LEU A 179 -15.09 9.15 0.95
C LEU A 179 -14.30 8.70 -0.29
N LEU A 180 -13.08 8.22 -0.11
CA LEU A 180 -12.28 7.66 -1.20
C LEU A 180 -12.37 6.13 -1.16
N ARG A 181 -12.40 5.61 0.08
CA ARG A 181 -12.30 4.18 0.42
C ARG A 181 -13.26 3.22 -0.32
N THR A 182 -12.66 2.18 -0.89
CA THR A 182 -13.35 1.01 -1.42
C THR A 182 -13.14 -0.19 -0.47
N ASP A 183 -14.18 -1.01 -0.30
CA ASP A 183 -14.02 -2.30 0.37
C ASP A 183 -14.01 -3.43 -0.67
N SER A 184 -12.98 -4.25 -0.66
CA SER A 184 -12.85 -5.31 -1.61
C SER A 184 -13.77 -6.48 -1.31
N PRO A 185 -14.20 -7.18 -2.34
CA PRO A 185 -15.04 -8.35 -2.06
C PRO A 185 -14.19 -9.44 -1.37
N LYS A 186 -14.73 -10.11 -0.33
CA LYS A 186 -14.31 -11.50 0.03
C LYS A 186 -15.22 -12.52 -0.68
N ALA A 187 -14.61 -13.48 -1.37
CA ALA A 187 -15.36 -14.43 -2.19
C ALA A 187 -15.19 -15.88 -1.72
N HIS A 188 -16.23 -16.71 -1.87
CA HIS A 188 -16.14 -18.14 -1.64
C HIS A 188 -17.20 -18.86 -2.46
N VAL A 189 -17.03 -20.17 -2.62
CA VAL A 189 -18.00 -21.00 -3.33
C VAL A 189 -18.66 -22.00 -2.38
N THR A 190 -19.97 -22.13 -2.48
CA THR A 190 -20.72 -23.07 -1.67
C THR A 190 -21.18 -24.19 -2.58
N HIS A 191 -21.41 -25.37 -1.98
CA HIS A 191 -21.77 -26.58 -2.70
C HIS A 191 -23.20 -26.96 -2.36
N HIS A 192 -24.07 -27.04 -3.35
CA HIS A 192 -25.46 -27.42 -3.10
C HIS A 192 -25.88 -28.59 -3.99
N PRO A 193 -26.44 -29.64 -3.38
CA PRO A 193 -26.98 -30.77 -4.16
C PRO A 193 -28.11 -30.29 -5.11
N ARG A 194 -28.26 -30.91 -6.27
CA ARG A 194 -29.33 -30.54 -7.20
C ARG A 194 -29.78 -31.80 -7.94
N SER A 195 -30.35 -31.65 -9.13
CA SER A 195 -30.87 -32.78 -9.89
C SER A 195 -29.91 -33.98 -9.97
N LYS A 196 -30.44 -35.19 -10.16
CA LYS A 196 -29.63 -36.41 -10.11
C LYS A 196 -28.27 -36.21 -10.75
N GLY A 197 -27.20 -36.47 -10.00
CA GLY A 197 -25.85 -36.40 -10.52
C GLY A 197 -25.32 -34.99 -10.81
N GLU A 198 -26.15 -33.97 -10.60
CA GLU A 198 -25.78 -32.58 -10.88
C GLU A 198 -25.89 -31.71 -9.63
N VAL A 199 -24.88 -30.88 -9.38
CA VAL A 199 -24.87 -30.00 -8.21
C VAL A 199 -24.83 -28.53 -8.63
N THR A 200 -24.93 -27.64 -7.66
CA THR A 200 -24.85 -26.20 -7.89
C THR A 200 -23.56 -25.66 -7.24
N LEU A 201 -22.70 -25.01 -8.02
CA LEU A 201 -21.62 -24.19 -7.49
C LEU A 201 -22.10 -22.70 -7.40
N ARG A 202 -22.13 -22.12 -6.19
CA ARG A 202 -22.61 -20.75 -6.02
C ARG A 202 -21.47 -19.93 -5.47
N CYS A 203 -20.85 -19.14 -6.35
CA CYS A 203 -19.83 -18.15 -6.02
C CYS A 203 -20.43 -16.87 -5.42
N TRP A 204 -20.04 -16.63 -4.19
CA TRP A 204 -20.46 -15.49 -3.41
C TRP A 204 -19.34 -14.50 -3.41
N ALA A 205 -19.68 -13.23 -3.58
CA ALA A 205 -18.82 -12.10 -3.27
C ALA A 205 -19.49 -11.28 -2.13
N LEU A 206 -18.75 -10.90 -1.10
CA LEU A 206 -19.36 -10.32 0.08
C LEU A 206 -18.48 -9.15 0.58
N GLY A 207 -19.10 -8.22 1.29
CA GLY A 207 -18.35 -7.21 2.00
C GLY A 207 -17.82 -6.09 1.12
N PHE A 208 -18.30 -5.93 -0.10
CA PHE A 208 -17.64 -4.99 -0.99
C PHE A 208 -18.35 -3.61 -1.06
N TYR A 209 -17.57 -2.57 -1.38
CA TYR A 209 -18.09 -1.24 -1.70
C TYR A 209 -17.11 -0.58 -2.65
N PRO A 210 -17.62 0.12 -3.67
CA PRO A 210 -19.01 0.36 -4.17
C PRO A 210 -19.66 -0.87 -4.73
N ALA A 211 -20.93 -0.76 -5.17
CA ALA A 211 -21.72 -1.89 -5.58
C ALA A 211 -21.30 -2.56 -6.92
N ASP A 212 -20.72 -1.80 -7.84
CA ASP A 212 -20.40 -2.30 -9.19
C ASP A 212 -19.48 -3.46 -9.05
N ILE A 213 -19.84 -4.62 -9.61
CA ILE A 213 -18.97 -5.83 -9.46
C ILE A 213 -19.41 -6.75 -10.61
N THR A 214 -18.50 -7.60 -11.10
CA THR A 214 -18.85 -8.57 -12.12
C THR A 214 -18.40 -9.96 -11.56
N LEU A 215 -19.20 -11.00 -11.71
CA LEU A 215 -18.87 -12.37 -11.32
C LEU A 215 -18.95 -13.25 -12.58
N THR A 216 -17.96 -14.10 -12.82
CA THR A 216 -18.07 -14.99 -13.98
C THR A 216 -17.60 -16.37 -13.66
N TRP A 217 -18.18 -17.34 -14.37
CA TRP A 217 -17.75 -18.71 -14.28
C TRP A 217 -17.13 -19.21 -15.59
N GLN A 218 -16.07 -19.98 -15.49
CA GLN A 218 -15.42 -20.51 -16.69
C GLN A 218 -15.32 -22.02 -16.61
N LEU A 219 -15.40 -22.65 -17.78
CA LEU A 219 -15.14 -24.06 -17.96
C LEU A 219 -13.87 -24.18 -18.76
N ASN A 220 -12.74 -24.24 -18.06
CA ASN A 220 -11.43 -24.13 -18.72
C ASN A 220 -11.36 -23.10 -19.87
N GLY A 221 -11.58 -21.84 -19.52
CA GLY A 221 -11.29 -20.73 -20.41
C GLY A 221 -12.53 -20.15 -21.04
N GLU A 222 -13.63 -20.90 -21.01
CA GLU A 222 -14.82 -20.45 -21.72
C GLU A 222 -15.87 -19.88 -20.77
N GLU A 223 -16.19 -18.59 -20.92
CA GLU A 223 -17.14 -17.93 -20.03
C GLU A 223 -18.54 -18.49 -20.25
N LEU A 224 -19.25 -18.75 -19.16
CA LEU A 224 -20.61 -19.28 -19.21
C LEU A 224 -21.75 -18.26 -19.13
N THR A 225 -22.14 -17.70 -20.28
CA THR A 225 -23.40 -16.97 -20.37
C THR A 225 -24.51 -18.00 -20.45
N GLN A 226 -24.17 -19.18 -20.96
CA GLN A 226 -25.13 -20.26 -21.04
C GLN A 226 -25.71 -20.24 -19.64
N ASP A 227 -26.95 -19.80 -19.53
CA ASP A 227 -27.78 -20.04 -18.37
C ASP A 227 -27.03 -20.07 -17.03
N MET A 228 -26.10 -19.14 -16.82
CA MET A 228 -25.59 -18.94 -15.48
C MET A 228 -26.74 -18.35 -14.66
N GLU A 229 -26.68 -18.44 -13.34
CA GLU A 229 -27.72 -17.87 -12.49
C GLU A 229 -27.07 -16.83 -11.55
N LEU A 230 -27.42 -15.56 -11.71
CA LEU A 230 -26.91 -14.59 -10.74
C LEU A 230 -28.13 -13.97 -9.97
N VAL A 231 -27.85 -13.08 -9.00
CA VAL A 231 -28.89 -12.25 -8.41
C VAL A 231 -28.43 -10.81 -8.63
N GLU A 232 -29.34 -9.85 -8.55
CA GLU A 232 -28.98 -8.45 -8.66
C GLU A 232 -28.17 -8.07 -7.42
N THR A 233 -27.13 -7.29 -7.60
CA THR A 233 -26.34 -6.84 -6.44
C THR A 233 -27.21 -6.23 -5.34
N ARG A 234 -26.94 -6.54 -4.09
CA ARG A 234 -27.88 -6.14 -3.07
C ARG A 234 -27.15 -5.58 -1.91
N PRO A 235 -27.81 -4.66 -1.18
CA PRO A 235 -27.26 -4.16 0.09
C PRO A 235 -27.29 -5.15 1.25
N ALA A 236 -26.18 -5.25 1.92
CA ALA A 236 -26.11 -6.08 3.10
C ALA A 236 -26.84 -5.36 4.22
N GLY A 237 -26.95 -4.03 4.09
CA GLY A 237 -27.60 -3.16 5.06
C GLY A 237 -26.68 -2.55 6.12
N ASP A 238 -25.38 -2.86 6.03
CA ASP A 238 -24.31 -2.26 6.84
C ASP A 238 -23.40 -1.39 5.94
N GLY A 239 -23.91 -0.99 4.78
CA GLY A 239 -23.15 -0.14 3.87
C GLY A 239 -22.36 -0.92 2.82
N THR A 240 -22.35 -2.26 2.87
CA THR A 240 -21.56 -3.06 1.91
C THR A 240 -22.51 -3.85 1.12
N PHE A 241 -22.06 -4.50 0.04
CA PHE A 241 -23.00 -5.15 -0.89
C PHE A 241 -22.71 -6.65 -1.09
N GLN A 242 -23.59 -7.37 -1.76
CA GLN A 242 -23.45 -8.80 -1.97
C GLN A 242 -23.86 -9.15 -3.34
N LYS A 243 -23.23 -10.18 -3.90
CA LYS A 243 -23.73 -10.75 -5.17
C LYS A 243 -23.29 -12.23 -5.29
N TRP A 244 -24.00 -13.04 -6.06
CA TRP A 244 -23.59 -14.40 -6.25
C TRP A 244 -23.98 -14.85 -7.64
N ALA A 245 -23.16 -15.73 -8.19
CA ALA A 245 -23.45 -16.33 -9.48
C ALA A 245 -23.26 -17.84 -9.30
N SER A 246 -24.18 -18.62 -9.82
CA SER A 246 -24.11 -20.07 -9.65
C SER A 246 -24.24 -20.75 -10.98
N VAL A 247 -23.71 -21.95 -11.05
CA VAL A 247 -23.79 -22.76 -12.25
C VAL A 247 -24.12 -24.23 -11.84
N VAL A 248 -24.78 -24.99 -12.71
CA VAL A 248 -25.04 -26.42 -12.46
C VAL A 248 -23.92 -27.24 -13.10
N VAL A 249 -23.49 -28.30 -12.43
CA VAL A 249 -22.21 -28.88 -12.78
C VAL A 249 -22.31 -30.42 -12.76
N PRO A 250 -21.56 -31.10 -13.63
CA PRO A 250 -21.52 -32.56 -13.49
C PRO A 250 -20.86 -32.96 -12.18
N LEU A 251 -21.51 -33.82 -11.39
CA LEU A 251 -20.99 -34.24 -10.08
C LEU A 251 -19.65 -34.99 -10.17
N GLY A 252 -18.60 -34.39 -9.61
CA GLY A 252 -17.25 -34.94 -9.69
C GLY A 252 -16.36 -34.06 -10.55
N LYS A 253 -16.92 -33.58 -11.66
CA LYS A 253 -16.24 -32.68 -12.56
C LYS A 253 -16.08 -31.27 -11.99
N GLU A 254 -16.32 -31.08 -10.69
CA GLU A 254 -16.42 -29.71 -10.17
C GLU A 254 -15.07 -29.05 -9.84
N GLN A 255 -14.06 -29.26 -10.67
CA GLN A 255 -12.87 -28.43 -10.63
C GLN A 255 -12.45 -28.00 -12.03
N ASN A 256 -13.31 -28.26 -13.01
CA ASN A 256 -13.14 -27.66 -14.33
C ASN A 256 -13.88 -26.33 -14.31
N TYR A 257 -14.26 -25.92 -13.11
CA TYR A 257 -15.02 -24.69 -12.92
C TYR A 257 -14.29 -23.72 -12.01
N THR A 258 -14.01 -22.53 -12.56
CA THR A 258 -13.42 -21.41 -11.82
C THR A 258 -14.32 -20.15 -11.87
N CYS A 259 -14.54 -19.54 -10.70
CA CYS A 259 -15.23 -18.25 -10.54
C CYS A 259 -14.24 -17.09 -10.50
N ARG A 260 -14.46 -16.07 -11.32
CA ARG A 260 -13.63 -14.85 -11.29
C ARG A 260 -14.47 -13.70 -10.72
N VAL A 261 -13.87 -12.87 -9.86
CA VAL A 261 -14.54 -11.73 -9.23
C VAL A 261 -13.84 -10.43 -9.66
N TYR A 262 -14.48 -9.54 -10.45
CA TYR A 262 -13.87 -8.26 -10.85
C TYR A 262 -14.47 -7.12 -10.06
N HIS A 263 -13.60 -6.36 -9.37
CA HIS A 263 -14.01 -5.23 -8.56
C HIS A 263 -12.96 -4.12 -8.37
N GLU A 264 -13.38 -2.87 -8.46
CA GLU A 264 -12.43 -1.77 -8.51
C GLU A 264 -11.51 -1.70 -7.31
N GLY A 265 -11.89 -2.35 -6.24
CA GLY A 265 -11.14 -2.24 -5.02
C GLY A 265 -9.98 -3.20 -5.01
N LEU A 266 -10.00 -4.16 -5.94
CA LEU A 266 -9.09 -5.30 -5.94
C LEU A 266 -7.72 -4.98 -6.59
N PRO A 267 -6.62 -5.50 -6.00
CA PRO A 267 -5.32 -5.47 -6.69
C PRO A 267 -5.37 -6.14 -8.08
N GLU A 268 -6.35 -7.02 -8.28
CA GLU A 268 -6.51 -7.70 -9.56
C GLU A 268 -7.64 -8.64 -9.33
N PRO A 269 -8.21 -9.23 -10.40
CA PRO A 269 -9.45 -9.99 -10.23
C PRO A 269 -9.15 -11.19 -9.35
N LEU A 270 -10.11 -11.67 -8.59
CA LEU A 270 -9.97 -12.93 -7.86
C LEU A 270 -10.22 -14.12 -8.78
N THR A 271 -9.61 -15.25 -8.42
CA THR A 271 -9.86 -16.52 -9.12
C THR A 271 -10.18 -17.54 -8.11
N LEU A 272 -11.16 -18.36 -8.39
CA LEU A 272 -11.81 -19.10 -7.32
C LEU A 272 -12.30 -20.43 -7.87
N ARG A 273 -12.27 -21.45 -7.03
CA ARG A 273 -12.91 -22.70 -7.39
C ARG A 273 -13.38 -23.37 -6.11
N TRP A 274 -14.42 -24.22 -6.18
CA TRP A 274 -14.90 -25.01 -5.03
C TRP A 274 -13.78 -25.78 -4.33
N GLU A 275 -13.65 -25.63 -3.01
CA GLU A 275 -12.61 -26.35 -2.29
C GLU A 275 -13.14 -27.06 -1.04
N PRO A 276 -13.24 -28.39 -1.10
CA PRO A 276 -13.94 -29.11 -0.03
C PRO A 276 -13.11 -29.24 1.23
N ILE B 1 -46.87 5.06 -15.16
CA ILE B 1 -47.29 3.69 -15.60
C ILE B 1 -46.42 2.72 -14.76
N GLN B 2 -47.03 1.60 -14.43
CA GLN B 2 -46.62 0.88 -13.24
C GLN B 2 -45.43 0.03 -13.59
N LYS B 3 -44.47 -0.09 -12.66
CA LYS B 3 -43.37 -0.99 -12.76
C LYS B 3 -43.44 -1.96 -11.52
N THR B 4 -43.38 -3.25 -11.81
CA THR B 4 -43.72 -4.22 -10.81
C THR B 4 -42.48 -4.43 -9.93
N PRO B 5 -42.67 -4.35 -8.63
CA PRO B 5 -41.49 -4.54 -7.77
C PRO B 5 -40.77 -5.86 -8.00
N GLN B 6 -39.42 -5.91 -7.90
CA GLN B 6 -38.58 -7.13 -7.79
C GLN B 6 -38.13 -7.33 -6.35
N ILE B 7 -38.05 -8.57 -5.82
CA ILE B 7 -37.99 -8.76 -4.37
C ILE B 7 -36.86 -9.76 -4.03
N GLN B 8 -35.96 -9.43 -3.17
CA GLN B 8 -35.02 -10.46 -2.70
C GLN B 8 -35.17 -10.54 -1.23
N VAL B 9 -35.10 -11.74 -0.65
CA VAL B 9 -35.15 -11.91 0.82
C VAL B 9 -33.90 -12.65 1.24
N TYR B 10 -33.12 -12.10 2.15
CA TYR B 10 -31.80 -12.67 2.34
C TYR B 10 -31.27 -12.13 3.65
N SER B 11 -30.38 -12.90 4.28
CA SER B 11 -29.77 -12.48 5.54
C SER B 11 -28.55 -11.63 5.26
N ARG B 12 -28.22 -10.77 6.21
CA ARG B 12 -27.02 -9.96 6.20
C ARG B 12 -25.76 -10.73 6.24
N HIS B 13 -25.60 -11.60 7.24
CA HIS B 13 -24.44 -12.49 7.32
C HIS B 13 -24.86 -13.94 7.02
N PRO B 14 -23.92 -14.78 6.56
CA PRO B 14 -24.24 -16.19 6.31
C PRO B 14 -25.01 -16.79 7.51
N PRO B 15 -26.12 -17.46 7.25
CA PRO B 15 -26.97 -17.82 8.38
C PRO B 15 -26.42 -18.99 9.16
N GLU B 16 -26.59 -18.98 10.47
CA GLU B 16 -26.26 -20.13 11.34
C GLU B 16 -27.31 -20.22 12.40
N ASN B 17 -27.95 -21.37 12.51
CA ASN B 17 -28.91 -21.58 13.58
C ASN B 17 -28.32 -21.22 14.92
N GLY B 18 -29.18 -20.62 15.75
CA GLY B 18 -28.84 -20.11 17.06
C GLY B 18 -28.15 -18.76 17.12
N LYS B 19 -27.67 -18.24 16.00
CA LYS B 19 -26.97 -16.96 16.00
C LYS B 19 -27.79 -15.80 15.44
N PRO B 20 -27.86 -14.71 16.22
CA PRO B 20 -28.70 -13.59 15.79
C PRO B 20 -28.15 -13.00 14.47
N ASN B 21 -29.03 -12.44 13.67
CA ASN B 21 -28.69 -12.03 12.33
C ASN B 21 -29.70 -10.93 11.99
N ILE B 22 -29.61 -10.41 10.77
CA ILE B 22 -30.60 -9.50 10.26
C ILE B 22 -31.13 -10.15 8.99
N LEU B 23 -32.44 -10.17 8.83
CA LEU B 23 -33.11 -10.64 7.61
C LEU B 23 -33.63 -9.41 6.84
N ASN B 24 -33.30 -9.32 5.55
CA ASN B 24 -33.60 -8.21 4.64
C ASN B 24 -34.64 -8.58 3.62
N CYS B 25 -35.49 -7.64 3.26
CA CYS B 25 -36.40 -7.77 2.12
C CYS B 25 -36.14 -6.50 1.26
N TYR B 26 -35.46 -6.64 0.13
CA TYR B 26 -35.02 -5.57 -0.77
C TYR B 26 -35.93 -5.49 -1.99
N VAL B 27 -36.63 -4.37 -2.12
CA VAL B 27 -37.74 -4.28 -3.06
C VAL B 27 -37.35 -3.14 -4.07
N THR B 28 -37.28 -3.46 -5.37
CA THR B 28 -36.59 -2.57 -6.37
C THR B 28 -37.39 -2.42 -7.60
N GLN B 29 -36.98 -1.48 -8.47
CA GLN B 29 -37.57 -1.26 -9.79
C GLN B 29 -39.05 -1.08 -9.75
N PHE B 30 -39.64 -0.46 -8.73
CA PHE B 30 -41.08 -0.27 -8.78
C PHE B 30 -41.50 1.20 -9.09
N HIS B 31 -42.78 1.38 -9.48
CA HIS B 31 -43.42 2.69 -9.76
C HIS B 31 -44.93 2.49 -9.86
N PRO B 32 -45.73 3.35 -9.22
CA PRO B 32 -45.36 4.58 -8.51
C PRO B 32 -44.70 4.24 -7.20
N PRO B 33 -44.28 5.23 -6.39
CA PRO B 33 -43.58 4.85 -5.16
C PRO B 33 -44.41 4.26 -4.00
N HIS B 34 -45.74 4.36 -4.03
CA HIS B 34 -46.55 3.93 -2.88
C HIS B 34 -46.48 2.41 -2.82
N ILE B 35 -46.11 1.86 -1.68
CA ILE B 35 -45.96 0.43 -1.59
C ILE B 35 -46.06 0.00 -0.14
N GLU B 36 -46.41 -1.28 0.07
CA GLU B 36 -46.47 -1.87 1.43
C GLU B 36 -45.68 -3.15 1.50
N ILE B 37 -44.70 -3.12 2.38
CA ILE B 37 -43.85 -4.26 2.62
C ILE B 37 -44.02 -4.80 4.07
N GLN B 38 -44.51 -6.03 4.23
CA GLN B 38 -44.48 -6.70 5.58
C GLN B 38 -43.53 -7.90 5.59
N MET B 39 -42.80 -8.14 6.67
CA MET B 39 -42.00 -9.38 6.73
C MET B 39 -42.76 -10.38 7.59
N LEU B 40 -42.63 -11.69 7.32
CA LEU B 40 -43.47 -12.67 7.99
C LEU B 40 -42.64 -13.85 8.51
N LYS B 41 -42.89 -14.24 9.77
CA LYS B 41 -42.26 -15.40 10.36
C LYS B 41 -43.39 -16.41 10.63
N ASN B 42 -43.31 -17.56 10.00
CA ASN B 42 -44.26 -18.63 10.24
C ASN B 42 -45.65 -18.17 9.85
N GLY B 43 -45.71 -17.29 8.86
CA GLY B 43 -46.96 -16.88 8.29
C GLY B 43 -47.67 -15.80 9.10
N LYS B 44 -46.93 -15.10 9.95
CA LYS B 44 -47.52 -14.07 10.79
C LYS B 44 -46.70 -12.79 10.82
N LYS B 45 -47.37 -11.65 10.80
CA LYS B 45 -46.69 -10.35 10.66
C LYS B 45 -45.67 -10.16 11.78
N ILE B 46 -44.41 -9.90 11.39
CA ILE B 46 -43.33 -9.52 12.33
C ILE B 46 -43.52 -8.05 12.70
N PRO B 47 -43.41 -7.73 14.00
CA PRO B 47 -43.79 -6.43 14.58
C PRO B 47 -42.78 -5.28 14.45
N LYS B 48 -41.50 -5.50 14.71
CA LYS B 48 -40.59 -4.37 14.62
C LYS B 48 -39.72 -4.39 13.37
N VAL B 49 -40.34 -4.04 12.24
CA VAL B 49 -39.69 -4.15 10.93
C VAL B 49 -39.14 -2.74 10.56
N GLU B 50 -37.81 -2.60 10.45
CA GLU B 50 -37.17 -1.35 9.93
C GLU B 50 -37.39 -1.21 8.45
N MET B 51 -37.58 0.04 8.00
CA MET B 51 -37.97 0.35 6.65
C MET B 51 -37.12 1.58 6.22
N SER B 52 -36.12 1.42 5.34
CA SER B 52 -35.34 2.56 4.78
C SER B 52 -36.24 3.64 4.13
N ASP B 53 -35.76 4.86 4.04
CA ASP B 53 -36.55 5.91 3.36
C ASP B 53 -36.63 5.59 1.87
N MET B 54 -37.59 6.28 1.20
CA MET B 54 -37.77 6.48 -0.26
C MET B 54 -36.44 6.77 -0.93
N SER B 55 -36.12 6.02 -1.96
CA SER B 55 -35.01 6.40 -2.82
C SER B 55 -35.34 5.99 -4.21
N PHE B 56 -34.57 6.52 -5.13
CA PHE B 56 -34.78 6.16 -6.53
C PHE B 56 -33.49 6.09 -7.22
N SER B 57 -33.44 5.25 -8.26
CA SER B 57 -32.21 4.96 -8.96
C SER B 57 -32.16 5.82 -10.19
N LYS B 58 -31.08 5.67 -10.94
CA LYS B 58 -30.85 6.56 -12.05
C LYS B 58 -31.77 6.24 -13.24
N ASP B 59 -32.33 5.03 -13.32
CA ASP B 59 -33.38 4.72 -14.27
C ASP B 59 -34.74 5.22 -13.77
N TRP B 60 -34.74 6.00 -12.68
CA TRP B 60 -35.92 6.63 -12.06
C TRP B 60 -36.86 5.66 -11.26
N SER B 61 -36.55 4.37 -11.17
CA SER B 61 -37.47 3.49 -10.44
C SER B 61 -37.18 3.50 -8.95
N PHE B 62 -38.18 3.30 -8.12
CA PHE B 62 -37.90 3.40 -6.70
C PHE B 62 -37.33 2.12 -6.09
N TYR B 63 -36.79 2.21 -4.90
CA TYR B 63 -36.36 1.00 -4.17
C TYR B 63 -36.38 1.27 -2.67
N ILE B 64 -36.54 0.19 -1.90
CA ILE B 64 -36.63 0.19 -0.45
C ILE B 64 -36.07 -1.15 0.12
N LEU B 65 -35.45 -1.05 1.29
CA LEU B 65 -34.89 -2.19 2.02
C LEU B 65 -35.64 -2.18 3.28
N ALA B 66 -36.34 -3.26 3.54
CA ALA B 66 -36.94 -3.48 4.84
C ALA B 66 -36.13 -4.57 5.52
N HIS B 67 -36.01 -4.54 6.84
CA HIS B 67 -35.18 -5.52 7.57
C HIS B 67 -35.62 -5.68 9.02
N THR B 68 -35.23 -6.79 9.64
CA THR B 68 -35.61 -7.07 11.00
C THR B 68 -34.60 -8.05 11.56
N GLU B 69 -34.40 -7.98 12.86
CA GLU B 69 -33.46 -8.83 13.55
C GLU B 69 -34.12 -10.18 13.67
N PHE B 70 -33.33 -11.23 13.63
CA PHE B 70 -33.88 -12.58 13.81
C PHE B 70 -32.77 -13.54 14.13
N THR B 71 -33.18 -14.72 14.61
CA THR B 71 -32.26 -15.79 14.86
C THR B 71 -32.82 -17.02 14.15
N PRO B 72 -32.08 -17.53 13.16
CA PRO B 72 -32.72 -18.58 12.39
C PRO B 72 -32.75 -19.90 13.18
N THR B 73 -33.83 -20.64 13.10
CA THR B 73 -33.79 -22.01 13.55
C THR B 73 -34.13 -22.86 12.34
N GLU B 74 -33.90 -24.18 12.44
CA GLU B 74 -34.14 -25.10 11.37
C GLU B 74 -35.62 -25.29 11.09
N THR B 75 -36.51 -24.86 12.00
CA THR B 75 -37.95 -25.06 11.76
C THR B 75 -38.74 -23.86 11.18
N ASP B 76 -38.31 -22.63 11.51
CA ASP B 76 -39.05 -21.39 11.11
C ASP B 76 -38.97 -21.08 9.63
N THR B 77 -40.05 -20.56 9.06
CA THR B 77 -39.98 -19.99 7.74
C THR B 77 -40.15 -18.48 7.83
N TYR B 78 -39.42 -17.77 7.00
CA TYR B 78 -39.58 -16.31 6.83
C TYR B 78 -39.96 -15.93 5.41
N ALA B 79 -40.57 -14.76 5.25
CA ALA B 79 -41.12 -14.37 3.96
C ALA B 79 -41.34 -12.87 3.96
N CYS B 80 -41.43 -12.29 2.76
CA CYS B 80 -41.64 -10.86 2.59
C CYS B 80 -42.89 -10.74 1.77
N ARG B 81 -43.82 -9.92 2.18
CA ARG B 81 -45.11 -9.83 1.50
C ARG B 81 -45.24 -8.39 1.07
N VAL B 82 -45.47 -8.18 -0.22
CA VAL B 82 -45.32 -6.87 -0.83
C VAL B 82 -46.59 -6.59 -1.60
N LYS B 83 -47.31 -5.55 -1.17
CA LYS B 83 -48.50 -5.08 -1.86
C LYS B 83 -48.20 -3.76 -2.65
N HIS B 84 -48.48 -3.77 -3.95
CA HIS B 84 -48.19 -2.65 -4.82
C HIS B 84 -49.23 -2.62 -5.89
N ASP B 85 -49.49 -1.41 -6.37
CA ASP B 85 -50.54 -1.19 -7.34
C ASP B 85 -50.37 -1.90 -8.70
N SER B 86 -49.14 -2.19 -9.09
CA SER B 86 -48.97 -2.94 -10.32
C SER B 86 -49.35 -4.42 -10.18
N MET B 87 -49.70 -4.90 -8.99
CA MET B 87 -50.09 -6.33 -8.87
C MET B 87 -51.49 -6.47 -8.29
N ALA B 88 -52.31 -7.29 -8.93
CA ALA B 88 -53.64 -7.54 -8.40
C ALA B 88 -53.63 -8.07 -6.96
N GLU B 89 -52.75 -9.02 -6.67
CA GLU B 89 -52.73 -9.55 -5.30
C GLU B 89 -51.36 -9.32 -4.63
N PRO B 90 -51.31 -9.38 -3.31
CA PRO B 90 -49.99 -9.24 -2.65
C PRO B 90 -49.06 -10.33 -3.09
N LYS B 91 -47.76 -10.06 -3.14
CA LYS B 91 -46.78 -11.03 -3.54
C LYS B 91 -45.88 -11.41 -2.37
N THR B 92 -45.87 -12.69 -2.06
CA THR B 92 -45.10 -13.21 -0.95
C THR B 92 -43.87 -13.94 -1.46
N VAL B 93 -42.70 -13.67 -0.95
CA VAL B 93 -41.57 -14.48 -1.36
C VAL B 93 -40.81 -15.00 -0.11
N TYR B 94 -40.56 -16.31 -0.11
CA TYR B 94 -40.03 -17.03 1.07
C TYR B 94 -38.52 -16.82 1.16
N TRP B 95 -37.94 -16.80 2.37
CA TRP B 95 -36.50 -16.78 2.51
C TRP B 95 -35.92 -18.19 2.20
N ASP B 96 -34.90 -18.22 1.34
CA ASP B 96 -34.08 -19.41 1.08
C ASP B 96 -32.67 -19.24 1.64
N ARG B 97 -32.32 -19.99 2.68
CA ARG B 97 -31.03 -19.80 3.38
C ARG B 97 -29.75 -19.94 2.50
N ASP B 98 -29.86 -20.70 1.41
CA ASP B 98 -28.76 -20.81 0.42
C ASP B 98 -28.80 -19.71 -0.66
N MET B 99 -29.55 -18.66 -0.41
CA MET B 99 -29.59 -17.60 -1.40
C MET B 99 -29.56 -16.20 -0.80
N GLY C 1 -7.03 1.70 -10.33
CA GLY C 1 -7.29 2.68 -11.47
C GLY C 1 -7.20 1.97 -12.79
N PRO C 2 -7.58 2.64 -13.90
CA PRO C 2 -7.77 2.08 -15.27
C PRO C 2 -6.44 1.67 -15.92
N HIS C 3 -6.50 0.92 -17.02
CA HIS C 3 -5.26 0.56 -17.74
C HIS C 3 -5.65 0.46 -19.22
N SER C 4 -4.65 0.37 -20.11
CA SER C 4 -4.88 0.32 -21.54
C SER C 4 -3.66 -0.29 -22.20
N MET C 5 -3.85 -0.75 -23.42
CA MET C 5 -2.73 -1.13 -24.22
C MET C 5 -2.99 -0.53 -25.64
N ARG C 6 -1.92 -0.12 -26.34
CA ARG C 6 -2.11 0.32 -27.74
C ARG C 6 -0.98 -0.20 -28.58
N TYR C 7 -1.30 -0.51 -29.82
CA TYR C 7 -0.22 -0.64 -30.76
C TYR C 7 -0.38 0.46 -31.84
N PHE C 8 0.67 1.27 -32.03
CA PHE C 8 0.72 2.31 -33.06
C PHE C 8 1.56 1.88 -34.21
N GLU C 9 0.97 1.70 -35.36
CA GLU C 9 1.80 1.16 -36.41
C GLU C 9 1.81 2.12 -37.57
N THR C 10 2.95 2.25 -38.26
CA THR C 10 3.14 3.25 -39.34
C THR C 10 3.87 2.57 -40.48
N ALA C 11 3.30 2.65 -41.69
CA ALA C 11 4.09 2.36 -42.87
C ALA C 11 4.28 3.68 -43.69
N VAL C 12 5.48 3.99 -44.08
CA VAL C 12 5.76 5.15 -44.89
C VAL C 12 6.41 4.78 -46.20
N SER C 13 5.79 5.11 -47.33
CA SER C 13 6.54 5.00 -48.60
C SER C 13 7.18 6.36 -48.98
N ARG C 14 8.20 6.33 -49.83
CA ARG C 14 8.87 7.54 -50.34
C ARG C 14 9.28 7.35 -51.83
N PRO C 15 9.34 8.44 -52.64
CA PRO C 15 9.44 8.24 -54.09
C PRO C 15 10.55 7.30 -54.50
N GLY C 16 11.75 7.62 -54.01
CA GLY C 16 12.91 6.77 -54.18
C GLY C 16 13.23 5.36 -53.69
N LEU C 17 12.73 5.06 -52.48
CA LEU C 17 12.62 3.72 -51.90
C LEU C 17 11.94 2.70 -52.80
N GLU C 18 12.45 1.47 -52.79
CA GLU C 18 11.71 0.40 -53.39
C GLU C 18 10.49 0.13 -52.50
N GLU C 19 10.70 -0.33 -51.26
CA GLU C 19 9.55 -0.70 -50.42
C GLU C 19 9.44 0.09 -49.08
N PRO C 20 8.23 0.17 -48.53
CA PRO C 20 7.87 1.07 -47.43
C PRO C 20 8.62 0.70 -46.15
N ARG C 21 8.84 1.65 -45.23
CA ARG C 21 9.39 1.31 -43.95
C ARG C 21 8.23 1.15 -42.96
N TYR C 22 8.30 0.15 -42.10
CA TYR C 22 7.16 -0.20 -41.26
C TYR C 22 7.64 -0.10 -39.82
N ILE C 23 6.88 0.53 -38.95
CA ILE C 23 7.30 0.62 -37.60
C ILE C 23 6.10 0.31 -36.80
N SER C 24 6.28 -0.45 -35.73
CA SER C 24 5.22 -0.71 -34.80
C SER C 24 5.71 -0.43 -33.39
N VAL C 25 4.89 0.27 -32.58
CA VAL C 25 5.25 0.60 -31.20
C VAL C 25 4.11 0.23 -30.28
N GLY C 26 4.40 -0.49 -29.19
CA GLY C 26 3.30 -0.94 -28.36
C GLY C 26 3.46 -0.22 -27.02
N TYR C 27 2.35 0.09 -26.34
CA TYR C 27 2.35 0.83 -25.12
C TYR C 27 1.47 0.06 -24.14
N VAL C 28 1.84 0.07 -22.87
CA VAL C 28 0.98 -0.36 -21.79
C VAL C 28 0.84 0.87 -20.92
N ASP C 29 -0.40 1.20 -20.58
CA ASP C 29 -0.72 2.42 -19.87
C ASP C 29 0.12 3.64 -20.34
N ASN C 30 0.21 3.81 -21.67
CA ASN C 30 0.81 4.96 -22.36
C ASN C 30 2.31 5.02 -22.28
N LYS C 31 2.91 3.91 -21.88
CA LYS C 31 4.34 3.84 -21.77
C LYS C 31 4.85 2.72 -22.63
N GLU C 32 5.89 3.04 -23.41
CA GLU C 32 6.30 2.27 -24.54
C GLU C 32 6.92 0.97 -24.01
N PHE C 33 6.52 -0.20 -24.51
CA PHE C 33 7.11 -1.45 -23.97
C PHE C 33 7.78 -2.41 -25.01
N VAL C 34 7.45 -2.27 -26.29
CA VAL C 34 8.09 -3.01 -27.38
C VAL C 34 8.13 -2.21 -28.64
N ARG C 35 8.95 -2.64 -29.58
CA ARG C 35 9.06 -1.88 -30.85
C ARG C 35 9.75 -2.70 -31.91
N PHE C 36 9.22 -2.55 -33.13
CA PHE C 36 9.78 -3.20 -34.31
C PHE C 36 10.05 -2.10 -35.27
N ASP C 37 11.19 -2.09 -35.94
CA ASP C 37 11.46 -1.12 -37.00
C ASP C 37 12.13 -1.85 -38.16
N SER C 38 11.44 -1.89 -39.30
CA SER C 38 11.95 -2.61 -40.48
C SER C 38 13.26 -2.03 -40.94
N ASP C 39 13.61 -0.85 -40.47
CA ASP C 39 14.89 -0.30 -40.92
C ASP C 39 16.07 -0.93 -40.17
N ALA C 40 15.85 -1.60 -39.06
CA ALA C 40 16.98 -2.10 -38.27
C ALA C 40 17.79 -3.14 -39.05
N GLU C 41 18.99 -3.40 -38.59
CA GLU C 41 19.81 -4.43 -39.22
C GLU C 41 19.04 -5.79 -39.27
N ASN C 42 18.64 -6.22 -38.09
CA ASN C 42 17.99 -7.52 -37.92
C ASN C 42 16.59 -7.18 -37.40
N PRO C 43 15.60 -7.00 -38.29
CA PRO C 43 14.37 -6.42 -37.73
C PRO C 43 13.63 -7.39 -36.81
N ARG C 44 13.30 -7.03 -35.57
CA ARG C 44 12.58 -7.92 -34.65
C ARG C 44 11.88 -7.08 -33.61
N TYR C 45 10.78 -7.53 -33.00
CA TYR C 45 10.37 -6.86 -31.78
C TYR C 45 11.48 -6.85 -30.71
N GLU C 46 11.67 -5.73 -30.04
CA GLU C 46 12.66 -5.60 -28.97
C GLU C 46 11.97 -5.14 -27.69
N PRO C 47 12.34 -5.69 -26.53
CA PRO C 47 11.74 -5.18 -25.28
C PRO C 47 12.10 -3.70 -25.14
N ARG C 48 11.29 -2.87 -24.47
CA ARG C 48 11.60 -1.48 -24.39
C ARG C 48 11.44 -0.96 -22.98
N ALA C 49 11.24 -1.88 -22.04
CA ALA C 49 11.15 -1.58 -20.62
C ALA C 49 11.82 -2.76 -19.92
N PRO C 50 12.41 -2.58 -18.74
CA PRO C 50 13.09 -3.73 -18.12
C PRO C 50 12.22 -5.00 -18.04
N TRP C 51 10.93 -4.83 -17.77
CA TRP C 51 10.08 -5.96 -17.41
C TRP C 51 9.65 -6.87 -18.59
N MET C 52 9.95 -6.49 -19.81
CA MET C 52 9.58 -7.35 -20.92
C MET C 52 10.72 -8.29 -21.25
N GLU C 53 11.86 -8.06 -20.61
CA GLU C 53 12.98 -8.99 -20.70
C GLU C 53 12.59 -10.39 -20.18
N GLN C 54 11.61 -10.44 -19.29
CA GLN C 54 11.02 -11.69 -18.81
C GLN C 54 10.62 -12.66 -19.91
N GLU C 55 9.98 -12.14 -20.96
CA GLU C 55 9.35 -12.99 -21.98
C GLU C 55 10.35 -13.83 -22.72
N GLY C 56 9.94 -15.07 -22.98
CA GLY C 56 10.83 -16.10 -23.52
C GLY C 56 10.89 -16.14 -25.04
N PRO C 57 11.80 -16.95 -25.60
CA PRO C 57 12.04 -16.88 -27.03
C PRO C 57 10.81 -17.16 -27.88
N GLU C 58 9.84 -17.92 -27.39
CA GLU C 58 8.67 -18.12 -28.18
C GLU C 58 7.92 -16.77 -28.35
N TYR C 59 7.77 -15.96 -27.31
CA TYR C 59 7.13 -14.64 -27.47
C TYR C 59 7.75 -13.81 -28.62
N TRP C 60 9.04 -13.45 -28.51
CA TRP C 60 9.80 -12.69 -29.50
C TRP C 60 9.66 -13.20 -30.92
N GLU C 61 9.69 -14.52 -31.07
CA GLU C 61 9.77 -15.16 -32.39
C GLU C 61 8.42 -15.01 -33.09
N ARG C 62 7.37 -15.15 -32.29
CA ARG C 62 6.04 -15.12 -32.78
C ARG C 62 5.58 -13.68 -33.02
N GLU C 63 5.86 -12.80 -32.08
CA GLU C 63 5.59 -11.39 -32.28
C GLU C 63 6.38 -10.87 -33.49
N THR C 64 7.63 -11.28 -33.64
CA THR C 64 8.42 -10.82 -34.78
C THR C 64 7.79 -11.24 -36.09
N GLN C 65 7.26 -12.47 -36.16
CA GLN C 65 6.70 -12.91 -37.44
C GLN C 65 5.40 -12.16 -37.65
N LYS C 66 4.61 -11.97 -36.61
CA LYS C 66 3.37 -11.19 -36.75
C LYS C 66 3.74 -9.81 -37.37
N ALA C 67 4.80 -9.16 -36.84
CA ALA C 67 5.30 -7.90 -37.35
C ALA C 67 5.53 -7.97 -38.83
N LYS C 68 6.13 -9.07 -39.29
CA LYS C 68 6.42 -9.22 -40.74
C LYS C 68 5.18 -9.44 -41.53
N GLY C 69 4.15 -10.07 -40.93
CA GLY C 69 2.88 -10.16 -41.65
C GLY C 69 2.19 -8.75 -41.81
N GLN C 70 2.25 -7.94 -40.75
CA GLN C 70 1.80 -6.51 -40.73
C GLN C 70 2.56 -5.69 -41.81
N GLU C 71 3.89 -5.84 -41.87
CA GLU C 71 4.66 -5.11 -42.88
C GLU C 71 4.11 -5.37 -44.28
N GLN C 72 3.78 -6.61 -44.60
CA GLN C 72 3.20 -6.95 -45.93
C GLN C 72 1.79 -6.41 -46.09
N TRP C 73 0.99 -6.63 -45.07
CA TRP C 73 -0.37 -6.08 -45.07
C TRP C 73 -0.35 -4.56 -45.43
N PHE C 74 0.48 -3.78 -44.72
CA PHE C 74 0.65 -2.32 -45.00
C PHE C 74 1.13 -2.04 -46.39
N ARG C 75 2.06 -2.87 -46.90
CA ARG C 75 2.63 -2.63 -48.21
C ARG C 75 1.53 -2.81 -49.24
N VAL C 76 0.77 -3.90 -49.12
CA VAL C 76 -0.22 -4.23 -50.15
C VAL C 76 -1.33 -3.13 -49.98
N SER C 77 -1.60 -2.66 -48.78
CA SER C 77 -2.72 -1.69 -48.59
C SER C 77 -2.33 -0.30 -49.16
N LEU C 78 -1.05 0.07 -48.96
CA LEU C 78 -0.50 1.31 -49.40
C LEU C 78 -0.71 1.27 -50.91
N ARG C 79 -0.48 0.12 -51.55
CA ARG C 79 -0.59 0.05 -53.01
C ARG C 79 -2.04 0.21 -53.49
N ASN C 80 -2.96 -0.36 -52.76
CA ASN C 80 -4.36 -0.29 -53.16
C ASN C 80 -4.87 1.15 -53.03
N LEU C 81 -4.40 1.81 -51.98
CA LEU C 81 -4.86 3.15 -51.64
C LEU C 81 -4.43 4.11 -52.73
N LEU C 82 -3.24 3.88 -53.31
CA LEU C 82 -2.73 4.70 -54.39
C LEU C 82 -3.79 4.63 -55.45
N GLY C 83 -4.30 3.44 -55.69
CA GLY C 83 -5.26 3.23 -56.76
C GLY C 83 -6.57 3.86 -56.35
N TYR C 84 -7.02 3.70 -55.10
CA TYR C 84 -8.36 4.24 -54.78
C TYR C 84 -8.44 5.77 -54.92
N TYR C 85 -7.33 6.46 -54.73
CA TYR C 85 -7.29 7.91 -54.76
C TYR C 85 -6.70 8.47 -56.05
N ASN C 86 -6.44 7.61 -57.04
CA ASN C 86 -5.98 8.06 -58.34
C ASN C 86 -4.72 8.84 -58.18
N GLN C 87 -3.86 8.28 -57.31
CA GLN C 87 -2.69 9.06 -56.93
C GLN C 87 -1.60 8.50 -57.87
N SER C 88 -0.70 9.28 -58.39
CA SER C 88 0.23 8.62 -59.33
C SER C 88 1.48 8.15 -58.61
N ALA C 89 2.45 7.58 -59.31
CA ALA C 89 3.73 7.33 -58.67
C ALA C 89 4.40 8.71 -58.51
N GLY C 90 5.37 8.85 -57.63
CA GLY C 90 5.98 10.14 -57.48
C GLY C 90 5.81 10.83 -56.13
N GLY C 91 4.92 10.34 -55.26
CA GLY C 91 4.73 10.94 -53.94
C GLY C 91 5.29 10.15 -52.74
N SER C 92 5.19 10.75 -51.57
CA SER C 92 5.30 10.08 -50.31
C SER C 92 3.92 9.85 -49.79
N HIS C 93 3.72 8.74 -49.07
CA HIS C 93 2.40 8.34 -48.61
C HIS C 93 2.57 7.64 -47.27
N THR C 94 1.51 7.67 -46.47
CA THR C 94 1.57 7.28 -45.09
C THR C 94 0.32 6.48 -44.67
N LEU C 95 0.53 5.35 -44.00
CA LEU C 95 -0.68 4.62 -43.56
C LEU C 95 -0.45 4.35 -42.10
N GLN C 96 -1.40 4.72 -41.21
CA GLN C 96 -1.18 4.50 -39.80
C GLN C 96 -2.30 3.71 -39.21
N GLN C 97 -2.02 3.11 -38.04
CA GLN C 97 -3.03 2.33 -37.33
C GLN C 97 -2.83 2.42 -35.85
N MET C 98 -3.95 2.51 -35.14
CA MET C 98 -3.91 2.45 -33.66
C MET C 98 -4.90 1.37 -33.33
N SER C 99 -4.49 0.49 -32.42
CA SER C 99 -5.27 -0.71 -31.99
C SER C 99 -5.12 -0.90 -30.51
N GLY C 100 -6.13 -1.43 -29.82
CA GLY C 100 -5.93 -1.65 -28.40
C GLY C 100 -7.15 -1.70 -27.54
N CYS C 101 -6.95 -1.81 -26.24
CA CYS C 101 -8.06 -1.94 -25.34
C CYS C 101 -7.85 -1.04 -24.14
N ASP C 102 -8.93 -0.51 -23.59
CA ASP C 102 -8.95 0.14 -22.29
C ASP C 102 -9.58 -0.80 -21.26
N LEU C 103 -9.04 -0.87 -20.03
CA LEU C 103 -9.72 -1.55 -18.93
C LEU C 103 -10.04 -0.56 -17.87
N GLY C 104 -11.15 -0.76 -17.19
CA GLY C 104 -11.49 0.00 -16.01
C GLY C 104 -10.68 -0.51 -14.85
N SER C 105 -10.89 0.12 -13.71
CA SER C 105 -10.11 -0.25 -12.53
C SER C 105 -10.44 -1.70 -12.08
N ASP C 106 -11.54 -2.28 -12.57
CA ASP C 106 -11.87 -3.67 -12.23
C ASP C 106 -11.20 -4.66 -13.19
N TRP C 107 -10.41 -4.14 -14.17
CA TRP C 107 -9.65 -4.93 -15.16
C TRP C 107 -10.50 -5.48 -16.29
N ARG C 108 -11.77 -5.09 -16.32
CA ARG C 108 -12.63 -5.51 -17.41
C ARG C 108 -12.53 -4.57 -18.64
N LEU C 109 -12.79 -5.11 -19.81
CA LEU C 109 -12.75 -4.34 -21.02
C LEU C 109 -13.77 -3.16 -20.97
N LEU C 110 -13.28 -1.94 -21.06
CA LEU C 110 -14.19 -0.79 -21.12
C LEU C 110 -14.54 -0.48 -22.63
N ARG C 111 -13.55 -0.64 -23.52
CA ARG C 111 -13.60 -0.23 -24.91
C ARG C 111 -12.46 -0.78 -25.78
N GLY C 112 -12.77 -1.23 -27.00
CA GLY C 112 -11.76 -1.64 -27.96
C GLY C 112 -11.50 -0.53 -28.95
N TYR C 113 -10.33 -0.53 -29.60
CA TYR C 113 -9.98 0.51 -30.59
C TYR C 113 -9.31 -0.11 -31.79
N LEU C 114 -9.72 0.31 -32.99
CA LEU C 114 -9.12 -0.09 -34.23
C LEU C 114 -9.43 1.07 -35.15
N GLN C 115 -8.39 1.79 -35.58
CA GLN C 115 -8.55 2.94 -36.44
C GLN C 115 -7.38 3.00 -37.36
N PHE C 116 -7.64 3.58 -38.54
CA PHE C 116 -6.65 3.71 -39.59
C PHE C 116 -6.71 5.15 -40.21
N ALA C 117 -5.57 5.64 -40.67
CA ALA C 117 -5.46 6.95 -41.33
C ALA C 117 -4.61 6.76 -42.53
N TYR C 118 -4.97 7.50 -43.54
CA TYR C 118 -4.18 7.56 -44.69
C TYR C 118 -3.77 9.02 -44.91
N GLU C 119 -2.51 9.25 -45.21
CA GLU C 119 -1.94 10.63 -45.29
C GLU C 119 -2.25 11.47 -44.04
N GLY C 120 -2.35 10.86 -42.88
CA GLY C 120 -2.51 11.66 -41.68
C GLY C 120 -3.93 11.99 -41.39
N ARG C 121 -4.86 11.44 -42.16
CA ARG C 121 -6.29 11.64 -41.92
C ARG C 121 -7.06 10.34 -41.81
N ASP C 122 -8.18 10.44 -41.10
CA ASP C 122 -9.03 9.34 -40.71
C ASP C 122 -9.47 8.66 -41.97
N TYR C 123 -9.31 7.33 -42.04
CA TYR C 123 -9.62 6.56 -43.27
C TYR C 123 -10.78 5.59 -42.94
N ILE C 124 -10.59 4.72 -41.94
CA ILE C 124 -11.69 3.85 -41.51
C ILE C 124 -11.39 3.49 -40.09
N ALA C 125 -12.46 3.41 -39.29
CA ALA C 125 -12.35 3.05 -37.92
C ALA C 125 -13.46 2.05 -37.59
N LEU C 126 -13.15 1.15 -36.65
CA LEU C 126 -14.17 0.26 -36.06
C LEU C 126 -14.95 1.03 -35.01
N ASN C 127 -16.27 1.02 -35.12
CA ASN C 127 -17.09 1.71 -34.11
C ASN C 127 -16.96 1.06 -32.75
N GLU C 128 -17.38 1.76 -31.71
CA GLU C 128 -17.31 1.20 -30.38
C GLU C 128 -18.17 -0.09 -30.20
N ASP C 129 -19.17 -0.33 -31.05
CA ASP C 129 -19.94 -1.56 -30.94
C ASP C 129 -19.17 -2.75 -31.38
N LEU C 130 -18.10 -2.49 -32.14
CA LEU C 130 -17.12 -3.49 -32.61
C LEU C 130 -17.73 -4.42 -33.65
N LYS C 131 -18.82 -3.96 -34.28
CA LYS C 131 -19.62 -4.64 -35.32
C LYS C 131 -19.61 -3.80 -36.60
N THR C 132 -19.72 -2.48 -36.46
CA THR C 132 -19.87 -1.62 -37.64
C THR C 132 -18.69 -0.62 -37.85
N TRP C 133 -18.52 -0.20 -39.10
CA TRP C 133 -17.41 0.66 -39.54
C TRP C 133 -17.81 2.09 -39.92
N THR C 134 -16.99 3.05 -39.47
CA THR C 134 -17.00 4.41 -39.98
C THR C 134 -15.89 4.65 -41.00
N ALA C 135 -16.29 5.20 -42.15
CA ALA C 135 -15.37 5.53 -43.24
C ALA C 135 -15.91 6.75 -43.95
N ALA C 136 -15.23 7.87 -43.86
CA ALA C 136 -15.82 9.12 -44.36
C ALA C 136 -15.73 9.21 -45.88
N ASP C 137 -14.53 8.97 -46.41
CA ASP C 137 -14.19 9.27 -47.77
C ASP C 137 -14.98 8.45 -48.78
N MET C 138 -15.28 9.02 -49.95
CA MET C 138 -15.90 8.24 -51.02
C MET C 138 -14.99 7.01 -51.36
N ALA C 139 -13.69 7.24 -51.45
CA ALA C 139 -12.77 6.20 -51.76
C ALA C 139 -12.70 5.14 -50.65
N ALA C 140 -12.97 5.53 -49.41
CA ALA C 140 -12.82 4.61 -48.31
C ALA C 140 -13.96 3.60 -48.33
N GLN C 141 -15.05 3.92 -49.04
CA GLN C 141 -16.19 2.98 -49.18
C GLN C 141 -15.77 1.66 -49.81
N ILE C 142 -14.85 1.71 -50.75
CA ILE C 142 -14.37 0.49 -51.38
C ILE C 142 -13.87 -0.46 -50.25
N THR C 143 -13.08 0.07 -49.31
CA THR C 143 -12.59 -0.71 -48.20
C THR C 143 -13.72 -1.15 -47.21
N ARG C 144 -14.69 -0.27 -46.94
CA ARG C 144 -15.70 -0.58 -45.95
C ARG C 144 -16.59 -1.73 -46.49
N ARG C 145 -16.81 -1.76 -47.79
CA ARG C 145 -17.58 -2.84 -48.39
C ARG C 145 -16.81 -4.13 -48.34
N LYS C 146 -15.53 -4.11 -48.73
CA LYS C 146 -14.69 -5.28 -48.72
C LYS C 146 -14.75 -5.93 -47.33
N TRP C 147 -14.49 -5.13 -46.30
CA TRP C 147 -14.35 -5.60 -44.96
C TRP C 147 -15.71 -6.05 -44.38
N GLU C 148 -16.82 -5.41 -44.76
CA GLU C 148 -18.15 -5.92 -44.40
C GLU C 148 -18.39 -7.35 -45.01
N GLN C 149 -18.19 -7.52 -46.32
CA GLN C 149 -18.38 -8.81 -46.96
C GLN C 149 -17.49 -9.84 -46.31
N SER C 150 -16.31 -9.44 -45.88
CA SER C 150 -15.34 -10.42 -45.44
C SER C 150 -15.47 -10.78 -43.98
N GLY C 151 -16.34 -10.13 -43.24
CA GLY C 151 -16.54 -10.44 -41.83
C GLY C 151 -15.41 -9.97 -40.96
N ALA C 152 -14.60 -9.08 -41.52
CA ALA C 152 -13.40 -8.54 -40.80
C ALA C 152 -13.67 -8.08 -39.36
N ALA C 153 -14.75 -7.35 -39.18
CA ALA C 153 -15.05 -6.79 -37.86
C ALA C 153 -15.15 -7.85 -36.72
N GLU C 154 -15.70 -9.02 -37.03
CA GLU C 154 -15.87 -10.01 -35.96
C GLU C 154 -14.47 -10.48 -35.51
N HIS C 155 -13.55 -10.63 -36.48
CA HIS C 155 -12.19 -11.08 -36.17
C HIS C 155 -11.39 -10.06 -35.35
N TYR C 156 -11.45 -8.78 -35.68
CA TYR C 156 -10.86 -7.76 -34.78
C TYR C 156 -11.59 -7.74 -33.44
N LYS C 157 -12.90 -8.01 -33.50
CA LYS C 157 -13.68 -7.99 -32.23
C LYS C 157 -13.16 -9.08 -31.29
N ALA C 158 -12.93 -10.28 -31.84
CA ALA C 158 -12.31 -11.38 -31.03
C ALA C 158 -10.92 -10.93 -30.45
N TYR C 159 -10.12 -10.31 -31.30
CA TYR C 159 -8.78 -9.94 -30.89
C TYR C 159 -8.84 -8.93 -29.74
N LEU C 160 -9.74 -7.96 -29.84
CA LEU C 160 -9.76 -6.86 -28.90
C LEU C 160 -10.30 -7.29 -27.51
N GLU C 161 -11.36 -8.09 -27.54
CA GLU C 161 -11.93 -8.67 -26.36
C GLU C 161 -11.12 -9.82 -25.76
N GLY C 162 -10.37 -10.56 -26.58
CA GLY C 162 -9.67 -11.76 -26.14
C GLY C 162 -8.18 -11.53 -25.91
N GLU C 163 -7.37 -11.72 -26.94
CA GLU C 163 -5.92 -11.55 -26.82
C GLU C 163 -5.41 -10.23 -26.22
N CYS C 164 -5.98 -9.10 -26.63
CA CYS C 164 -5.54 -7.76 -26.18
C CYS C 164 -5.85 -7.62 -24.68
N VAL C 165 -7.06 -8.00 -24.27
CA VAL C 165 -7.38 -7.97 -22.83
C VAL C 165 -6.47 -9.01 -22.13
N GLU C 166 -6.31 -10.21 -22.71
CA GLU C 166 -5.56 -11.29 -22.05
C GLU C 166 -4.08 -10.94 -21.84
N TRP C 167 -3.39 -10.54 -22.90
CA TRP C 167 -2.02 -10.13 -22.76
C TRP C 167 -1.74 -8.94 -21.87
N LEU C 168 -2.68 -8.00 -21.89
CA LEU C 168 -2.54 -6.80 -21.10
C LEU C 168 -2.61 -7.18 -19.64
N HIS C 169 -3.50 -8.10 -19.32
CA HIS C 169 -3.58 -8.59 -17.97
C HIS C 169 -2.23 -9.18 -17.58
N ARG C 170 -1.62 -9.93 -18.49
CA ARG C 170 -0.36 -10.55 -18.17
C ARG C 170 0.71 -9.53 -18.03
N TYR C 171 0.74 -8.51 -18.89
CA TYR C 171 1.80 -7.51 -18.78
C TYR C 171 1.68 -6.75 -17.45
N LEU C 172 0.47 -6.48 -16.99
CA LEU C 172 0.35 -5.63 -15.84
C LEU C 172 0.91 -6.39 -14.65
N LYS C 173 0.74 -7.70 -14.60
CA LYS C 173 1.22 -8.42 -13.46
C LYS C 173 2.75 -8.45 -13.50
N ASN C 174 3.31 -8.39 -14.70
CA ASN C 174 4.76 -8.51 -14.89
C ASN C 174 5.60 -7.34 -14.42
N GLY C 175 5.00 -6.16 -14.31
CA GLY C 175 5.68 -5.02 -13.74
C GLY C 175 4.72 -4.21 -12.88
N ASN C 176 4.55 -4.63 -11.63
CA ASN C 176 3.55 -4.04 -10.72
C ASN C 176 3.96 -2.74 -10.02
N ALA C 177 5.15 -2.25 -10.34
CA ALA C 177 5.67 -1.01 -9.74
C ALA C 177 6.10 0.03 -10.77
N THR C 178 6.40 -0.43 -12.00
CA THR C 178 6.94 0.44 -13.06
C THR C 178 5.92 1.45 -13.64
N LEU C 179 4.64 1.33 -13.26
CA LEU C 179 3.59 2.18 -13.85
C LEU C 179 2.55 2.74 -12.84
N LEU C 180 2.49 2.17 -11.63
CA LEU C 180 1.51 2.56 -10.60
C LEU C 180 1.50 4.07 -10.27
N ARG C 181 2.63 4.58 -9.75
CA ARG C 181 2.72 5.93 -9.16
C ARG C 181 2.83 7.13 -10.13
N THR C 182 1.74 7.89 -10.26
CA THR C 182 1.76 9.23 -10.83
C THR C 182 2.76 10.06 -10.02
N ASP C 183 3.33 11.11 -10.64
CA ASP C 183 4.14 12.11 -9.91
C ASP C 183 3.40 13.46 -9.83
N SER C 184 3.28 13.93 -8.59
CA SER C 184 2.59 15.17 -8.30
C SER C 184 3.44 16.29 -8.85
N PRO C 185 2.78 17.29 -9.50
CA PRO C 185 3.49 18.47 -10.00
C PRO C 185 4.00 19.31 -8.82
N LYS C 186 5.20 19.88 -8.97
CA LYS C 186 5.71 20.91 -8.09
C LYS C 186 5.52 22.29 -8.79
N ALA C 187 4.82 23.20 -8.13
CA ALA C 187 4.39 24.47 -8.71
C ALA C 187 5.13 25.65 -8.09
N HIS C 188 5.51 26.62 -8.91
CA HIS C 188 6.08 27.87 -8.40
C HIS C 188 5.86 29.02 -9.42
N VAL C 189 5.74 30.26 -8.95
CA VAL C 189 5.48 31.40 -9.87
C VAL C 189 6.70 32.32 -10.03
N THR C 190 7.31 32.37 -11.22
CA THR C 190 8.43 33.28 -11.50
C THR C 190 7.88 34.67 -11.78
N HIS C 191 8.72 35.67 -11.56
CA HIS C 191 8.34 37.07 -11.71
C HIS C 191 9.28 37.75 -12.67
N HIS C 192 8.76 38.07 -13.87
CA HIS C 192 9.55 38.62 -14.95
C HIS C 192 9.13 40.03 -15.27
N PRO C 193 10.10 40.96 -15.33
CA PRO C 193 9.82 42.33 -15.77
C PRO C 193 9.15 42.35 -17.13
N ARG C 194 8.31 43.35 -17.35
CA ARG C 194 7.56 43.50 -18.59
C ARG C 194 7.24 44.99 -18.86
N SER C 195 6.26 45.26 -19.72
CA SER C 195 5.92 46.62 -20.16
C SER C 195 5.72 47.64 -19.02
N LYS C 196 5.72 48.92 -19.34
CA LYS C 196 5.72 49.93 -18.29
C LYS C 196 4.68 49.59 -17.24
N GLY C 197 5.11 49.61 -15.99
CA GLY C 197 4.26 49.33 -14.84
C GLY C 197 3.58 47.97 -14.85
N GLU C 198 4.14 47.02 -15.58
CA GLU C 198 3.52 45.70 -15.69
C GLU C 198 4.53 44.57 -15.60
N VAL C 199 4.20 43.56 -14.83
CA VAL C 199 5.04 42.38 -14.74
C VAL C 199 4.32 41.12 -15.24
N THR C 200 5.09 40.12 -15.65
CA THR C 200 4.52 38.84 -16.03
C THR C 200 4.67 37.84 -14.87
N LEU C 201 3.56 37.24 -14.45
CA LEU C 201 3.64 36.16 -13.47
C LEU C 201 3.59 34.88 -14.24
N ARG C 202 4.63 34.05 -14.12
CA ARG C 202 4.68 32.81 -14.88
C ARG C 202 4.57 31.60 -13.95
N CYS C 203 3.39 31.00 -13.84
CA CYS C 203 3.19 29.81 -12.98
C CYS C 203 3.66 28.50 -13.64
N TRP C 204 4.63 27.85 -12.99
CA TRP C 204 5.26 26.65 -13.52
C TRP C 204 4.76 25.45 -12.76
N ALA C 205 4.57 24.37 -13.50
CA ALA C 205 4.36 23.05 -12.96
C ALA C 205 5.53 22.20 -13.46
N LEU C 206 6.14 21.40 -12.60
CA LEU C 206 7.30 20.63 -13.02
C LEU C 206 7.28 19.22 -12.47
N GLY C 207 8.09 18.32 -13.04
CA GLY C 207 8.21 16.93 -12.58
C GLY C 207 7.01 15.98 -12.66
N PHE C 208 5.86 16.41 -13.19
CA PHE C 208 4.64 15.59 -13.01
C PHE C 208 4.56 14.46 -14.03
N TYR C 209 3.65 13.50 -13.79
CA TYR C 209 3.38 12.39 -14.71
C TYR C 209 2.12 11.68 -14.26
N PRO C 210 1.21 11.26 -15.18
CA PRO C 210 1.13 11.52 -16.62
C PRO C 210 1.19 13.01 -16.99
N ALA C 211 1.15 13.30 -18.28
CA ALA C 211 1.32 14.66 -18.74
C ALA C 211 0.05 15.46 -18.53
N ASP C 212 -1.09 14.82 -18.32
CA ASP C 212 -2.34 15.58 -18.27
C ASP C 212 -2.41 16.45 -17.02
N ILE C 213 -2.80 17.71 -17.20
CA ILE C 213 -2.76 18.72 -16.15
C ILE C 213 -3.56 19.97 -16.60
N THR C 214 -3.97 20.83 -15.68
CA THR C 214 -4.68 22.04 -16.06
C THR C 214 -4.16 23.17 -15.19
N LEU C 215 -3.77 24.27 -15.81
CA LEU C 215 -3.33 25.45 -15.05
C LEU C 215 -4.32 26.59 -15.25
N THR C 216 -4.72 27.22 -14.15
CA THR C 216 -5.62 28.35 -14.21
C THR C 216 -5.08 29.49 -13.39
N TRP C 217 -5.46 30.71 -13.76
CA TRP C 217 -5.15 31.88 -12.97
C TRP C 217 -6.46 32.55 -12.60
N GLN C 218 -6.59 32.96 -11.34
CA GLN C 218 -7.79 33.66 -10.89
C GLN C 218 -7.46 35.06 -10.38
N LEU C 219 -8.31 36.01 -10.77
CA LEU C 219 -8.30 37.35 -10.18
C LEU C 219 -9.38 37.44 -9.11
N ASN C 220 -9.02 36.98 -7.92
CA ASN C 220 -9.94 36.81 -6.79
C ASN C 220 -11.27 36.11 -7.15
N GLY C 221 -11.17 34.91 -7.71
CA GLY C 221 -12.32 34.09 -8.03
C GLY C 221 -12.71 34.01 -9.50
N GLU C 222 -12.10 34.85 -10.34
CA GLU C 222 -12.49 34.89 -11.75
C GLU C 222 -11.44 34.26 -12.64
N GLU C 223 -11.75 33.08 -13.19
CA GLU C 223 -10.80 32.38 -14.05
C GLU C 223 -10.51 33.16 -15.34
N LEU C 224 -9.31 33.74 -15.45
CA LEU C 224 -8.89 34.50 -16.65
C LEU C 224 -8.71 33.66 -17.93
N THR C 225 -9.81 33.40 -18.63
CA THR C 225 -9.79 32.84 -19.98
C THR C 225 -9.04 33.81 -20.91
N GLN C 226 -9.43 35.07 -20.86
CA GLN C 226 -8.81 36.12 -21.63
C GLN C 226 -7.29 36.16 -21.55
N ASP C 227 -6.63 35.97 -22.69
CA ASP C 227 -5.22 36.35 -22.82
C ASP C 227 -4.19 35.77 -21.83
N MET C 228 -4.58 34.87 -20.93
CA MET C 228 -3.58 34.15 -20.14
C MET C 228 -2.74 33.38 -21.14
N GLU C 229 -1.42 33.48 -21.05
CA GLU C 229 -0.58 32.76 -22.02
C GLU C 229 -0.27 31.40 -21.43
N LEU C 230 -0.12 30.39 -22.30
CA LEU C 230 0.40 29.10 -21.86
C LEU C 230 1.29 28.42 -22.93
N VAL C 231 1.76 27.21 -22.64
CA VAL C 231 2.57 26.44 -23.61
C VAL C 231 2.02 25.05 -23.64
N GLU C 232 2.30 24.31 -24.72
CA GLU C 232 1.82 22.92 -24.75
C GLU C 232 2.61 22.16 -23.69
N THR C 233 1.96 21.29 -22.96
CA THR C 233 2.71 20.38 -22.08
C THR C 233 3.87 19.70 -22.80
N ARG C 234 5.05 19.66 -22.16
CA ARG C 234 6.21 19.13 -22.82
C ARG C 234 7.08 18.22 -21.97
N PRO C 235 7.80 17.33 -22.64
CA PRO C 235 8.74 16.40 -22.01
C PRO C 235 10.02 17.03 -21.49
N ALA C 236 10.24 16.88 -20.19
CA ALA C 236 11.54 17.21 -19.63
C ALA C 236 12.66 16.30 -20.23
N GLY C 237 12.30 15.08 -20.55
CA GLY C 237 13.28 14.15 -21.08
C GLY C 237 13.73 13.12 -20.05
N ASP C 238 13.32 13.32 -18.78
CA ASP C 238 13.60 12.38 -17.71
C ASP C 238 12.33 11.60 -17.34
N GLY C 239 11.42 11.45 -18.30
CA GLY C 239 10.17 10.77 -18.06
C GLY C 239 9.05 11.65 -17.49
N THR C 240 9.39 12.82 -16.92
CA THR C 240 8.32 13.70 -16.42
C THR C 240 8.00 14.83 -17.41
N PHE C 241 7.07 15.68 -16.99
CA PHE C 241 6.51 16.75 -17.81
C PHE C 241 6.51 18.17 -17.16
N GLN C 242 6.55 19.19 -18.05
CA GLN C 242 6.53 20.59 -17.66
C GLN C 242 5.44 21.34 -18.40
N LYS C 243 4.95 22.42 -17.78
CA LYS C 243 3.97 23.33 -18.38
C LYS C 243 4.02 24.62 -17.56
N TRP C 244 3.73 25.75 -18.18
CA TRP C 244 3.49 26.98 -17.43
C TRP C 244 2.29 27.73 -17.99
N ALA C 245 1.66 28.59 -17.20
CA ALA C 245 0.74 29.56 -17.77
C ALA C 245 1.09 30.88 -17.12
N SER C 246 1.01 31.96 -17.87
CA SER C 246 1.40 33.25 -17.34
C SER C 246 0.28 34.28 -17.61
N VAL C 247 0.32 35.37 -16.87
CA VAL C 247 -0.67 36.39 -17.10
C VAL C 247 0.12 37.66 -16.99
N VAL C 248 -0.43 38.77 -17.49
CA VAL C 248 0.17 40.08 -17.20
C VAL C 248 -0.60 40.80 -16.11
N VAL C 249 0.12 41.57 -15.32
CA VAL C 249 -0.39 42.08 -14.05
C VAL C 249 0.08 43.52 -13.86
N PRO C 250 -0.74 44.36 -13.22
CA PRO C 250 -0.27 45.67 -12.78
C PRO C 250 0.80 45.55 -11.70
N LEU C 251 1.93 46.22 -11.88
CA LEU C 251 3.02 46.17 -10.90
C LEU C 251 2.47 46.56 -9.52
N GLY C 252 2.81 45.74 -8.52
CA GLY C 252 2.42 45.98 -7.16
C GLY C 252 1.14 45.26 -6.80
N LYS C 253 0.29 45.06 -7.80
CA LYS C 253 -0.98 44.35 -7.64
C LYS C 253 -0.78 42.83 -7.71
N GLU C 254 0.47 42.37 -7.58
CA GLU C 254 0.78 40.96 -7.77
C GLU C 254 0.59 40.11 -6.51
N GLN C 255 -0.59 40.23 -5.90
CA GLN C 255 -1.02 39.33 -4.83
C GLN C 255 -2.52 39.14 -4.93
N ASN C 256 -3.12 39.75 -5.94
CA ASN C 256 -4.54 39.57 -6.22
C ASN C 256 -4.65 38.45 -7.22
N TYR C 257 -3.54 37.74 -7.40
CA TYR C 257 -3.45 36.74 -8.44
C TYR C 257 -2.95 35.40 -7.94
N THR C 258 -3.83 34.41 -8.05
CA THR C 258 -3.52 33.05 -7.66
C THR C 258 -3.58 32.07 -8.83
N CYS C 259 -2.63 31.14 -8.83
CA CYS C 259 -2.55 30.08 -9.83
C CYS C 259 -3.13 28.78 -9.25
N ARG C 260 -3.93 28.05 -10.03
CA ARG C 260 -4.39 26.75 -9.58
C ARG C 260 -3.76 25.69 -10.46
N VAL C 261 -3.45 24.55 -9.85
CA VAL C 261 -2.90 23.37 -10.54
C VAL C 261 -3.73 22.10 -10.23
N TYR C 262 -4.41 21.60 -11.25
CA TYR C 262 -5.20 20.38 -11.15
C TYR C 262 -4.43 19.26 -11.83
N HIS C 263 -4.14 18.20 -11.09
CA HIS C 263 -3.45 17.02 -11.66
C HIS C 263 -3.92 15.77 -10.92
N GLU C 264 -3.95 14.63 -11.61
CA GLU C 264 -4.60 13.44 -11.08
C GLU C 264 -3.84 12.88 -9.86
N GLY C 265 -2.65 13.41 -9.62
CA GLY C 265 -1.77 12.82 -8.64
C GLY C 265 -1.75 13.65 -7.39
N LEU C 266 -2.49 14.76 -7.44
CA LEU C 266 -2.58 15.69 -6.33
C LEU C 266 -3.68 15.27 -5.36
N PRO C 267 -3.41 15.34 -4.03
CA PRO C 267 -4.45 15.10 -3.02
C PRO C 267 -5.70 15.96 -3.30
N GLU C 268 -5.46 17.24 -3.53
CA GLU C 268 -6.44 18.16 -4.04
C GLU C 268 -5.66 19.13 -4.90
N PRO C 269 -6.35 20.05 -5.60
CA PRO C 269 -5.61 20.93 -6.53
C PRO C 269 -4.72 21.91 -5.76
N LEU C 270 -3.67 22.44 -6.40
CA LEU C 270 -2.74 23.37 -5.75
C LEU C 270 -3.16 24.83 -5.87
N THR C 271 -2.92 25.59 -4.80
CA THR C 271 -3.11 27.05 -4.83
C THR C 271 -1.80 27.82 -4.55
N LEU C 272 -1.39 28.62 -5.54
CA LEU C 272 -0.05 29.20 -5.65
C LEU C 272 -0.16 30.69 -5.88
N ARG C 273 0.79 31.46 -5.35
CA ARG C 273 0.88 32.88 -5.70
C ARG C 273 2.34 33.33 -5.61
N TRP C 274 2.68 34.41 -6.33
CA TRP C 274 4.04 34.98 -6.33
C TRP C 274 4.59 35.32 -4.94
N GLU C 275 5.72 34.76 -4.55
CA GLU C 275 6.26 35.11 -3.23
C GLU C 275 7.64 35.74 -3.30
N PRO C 276 7.68 37.08 -3.13
CA PRO C 276 8.84 37.98 -3.20
C PRO C 276 10.12 37.39 -2.62
N ILE D 1 -1.29 15.59 -46.93
CA ILE D 1 -1.10 17.07 -46.84
C ILE D 1 -0.43 17.44 -45.51
N GLN D 2 0.18 18.61 -45.54
CA GLN D 2 1.27 18.96 -44.62
C GLN D 2 0.69 19.52 -43.35
N LYS D 3 1.26 19.14 -42.20
CA LYS D 3 0.90 19.84 -40.98
C LYS D 3 2.25 20.43 -40.52
N THR D 4 2.21 21.73 -40.15
CA THR D 4 3.43 22.50 -39.85
C THR D 4 3.87 22.32 -38.38
N PRO D 5 5.14 21.96 -38.17
CA PRO D 5 5.74 21.68 -36.86
C PRO D 5 5.55 22.80 -35.91
N GLN D 6 4.92 22.60 -34.76
CA GLN D 6 5.13 23.42 -33.56
C GLN D 6 6.43 23.07 -32.85
N ILE D 7 7.18 24.06 -32.39
CA ILE D 7 8.54 23.86 -31.87
C ILE D 7 8.68 24.56 -30.54
N GLN D 8 9.20 23.88 -29.53
CA GLN D 8 9.57 24.56 -28.25
C GLN D 8 11.04 24.29 -27.93
N VAL D 9 11.77 25.26 -27.41
CA VAL D 9 13.17 25.05 -27.10
C VAL D 9 13.25 25.48 -25.66
N TYR D 10 13.86 24.65 -24.80
CA TYR D 10 13.77 24.87 -23.32
C TYR D 10 14.73 23.90 -22.58
N SER D 11 15.06 24.24 -21.34
CA SER D 11 15.98 23.42 -20.55
C SER D 11 15.19 22.43 -19.63
N ARG D 12 15.71 21.22 -19.49
CA ARG D 12 15.18 20.24 -18.52
C ARG D 12 15.10 20.75 -17.07
N HIS D 13 16.22 21.21 -16.50
CA HIS D 13 16.25 21.78 -15.15
C HIS D 13 16.24 23.30 -15.17
N PRO D 14 15.76 23.98 -14.10
CA PRO D 14 15.76 25.42 -14.35
C PRO D 14 17.21 25.89 -14.58
N PRO D 15 17.39 26.86 -15.49
CA PRO D 15 18.70 27.18 -16.02
C PRO D 15 19.50 28.04 -15.04
N GLU D 16 20.82 27.86 -15.03
CA GLU D 16 21.72 28.60 -14.15
C GLU D 16 23.07 28.70 -14.87
N ASN D 17 23.55 29.93 -15.06
CA ASN D 17 24.78 30.12 -15.81
C ASN D 17 25.89 29.33 -15.12
N GLY D 18 26.64 28.54 -15.89
CA GLY D 18 27.71 27.73 -15.33
C GLY D 18 27.37 26.30 -14.92
N LYS D 19 26.07 25.99 -14.81
CA LYS D 19 25.65 24.64 -14.43
C LYS D 19 25.27 23.77 -15.64
N PRO D 20 25.94 22.62 -15.78
CA PRO D 20 25.54 21.69 -16.85
C PRO D 20 24.04 21.41 -16.79
N ASN D 21 23.43 21.30 -17.96
CA ASN D 21 22.00 21.17 -18.02
C ASN D 21 21.71 20.44 -19.35
N ILE D 22 20.44 20.24 -19.69
CA ILE D 22 20.08 19.60 -20.94
C ILE D 22 19.20 20.59 -21.69
N LEU D 23 19.40 20.75 -23.00
CA LEU D 23 18.55 21.62 -23.83
C LEU D 23 17.70 20.75 -24.74
N ASN D 24 16.39 20.94 -24.63
CA ASN D 24 15.42 20.23 -25.44
C ASN D 24 14.93 21.04 -26.60
N CYS D 25 14.72 20.38 -27.72
CA CYS D 25 13.94 20.96 -28.78
C CYS D 25 12.84 19.93 -29.18
N TYR D 26 11.62 20.23 -28.78
CA TYR D 26 10.44 19.38 -28.90
C TYR D 26 9.60 19.85 -30.08
N VAL D 27 9.46 18.99 -31.07
CA VAL D 27 8.84 19.31 -32.34
C VAL D 27 7.61 18.42 -32.42
N THR D 28 6.44 19.02 -32.45
CA THR D 28 5.19 18.29 -32.52
C THR D 28 4.34 18.71 -33.70
N GLN D 29 3.25 17.97 -33.88
CA GLN D 29 2.12 18.17 -34.81
C GLN D 29 2.50 18.28 -36.23
N PHE D 30 3.52 17.53 -36.66
CA PHE D 30 3.92 17.59 -38.07
C PHE D 30 3.57 16.35 -38.90
N HIS D 31 3.49 16.57 -40.19
CA HIS D 31 3.14 15.54 -41.20
C HIS D 31 3.61 16.00 -42.54
N PRO D 32 4.28 15.14 -43.25
CA PRO D 32 4.62 13.76 -42.97
C PRO D 32 5.77 13.66 -41.96
N PRO D 33 6.15 12.43 -41.62
CA PRO D 33 7.12 12.21 -40.55
C PRO D 33 8.56 12.55 -40.92
N HIS D 34 8.93 12.54 -42.19
CA HIS D 34 10.31 12.96 -42.52
C HIS D 34 10.51 14.44 -42.06
N ILE D 35 11.61 14.68 -41.33
CA ILE D 35 11.87 15.93 -40.67
C ILE D 35 13.36 16.06 -40.32
N GLU D 36 13.92 17.26 -40.45
CA GLU D 36 15.30 17.52 -40.01
C GLU D 36 15.34 18.56 -38.90
N ILE D 37 16.08 18.29 -37.84
CA ILE D 37 16.11 19.20 -36.70
C ILE D 37 17.56 19.45 -36.36
N GLN D 38 18.00 20.71 -36.21
CA GLN D 38 19.39 20.92 -35.70
C GLN D 38 19.41 21.82 -34.48
N MET D 39 20.35 21.61 -33.57
CA MET D 39 20.47 22.48 -32.42
C MET D 39 21.78 23.28 -32.59
N LEU D 40 21.74 24.60 -32.30
CA LEU D 40 22.85 25.54 -32.62
C LEU D 40 23.28 26.29 -31.35
N LYS D 41 24.59 26.51 -31.28
CA LYS D 41 25.16 27.29 -30.21
C LYS D 41 25.96 28.37 -30.92
N ASN D 42 25.53 29.63 -30.76
CA ASN D 42 26.13 30.78 -31.46
C ASN D 42 26.25 30.49 -32.96
N GLY D 43 25.21 29.91 -33.53
CA GLY D 43 25.11 29.86 -34.97
C GLY D 43 25.84 28.65 -35.57
N LYS D 44 26.46 27.85 -34.73
CA LYS D 44 27.13 26.65 -35.23
C LYS D 44 26.46 25.38 -34.75
N LYS D 45 26.25 24.42 -35.67
CA LYS D 45 25.67 23.07 -35.40
C LYS D 45 26.29 22.38 -34.21
N ILE D 46 25.47 21.90 -33.27
CA ILE D 46 25.99 21.30 -32.05
C ILE D 46 26.21 19.82 -32.33
N PRO D 47 27.46 19.33 -32.12
CA PRO D 47 28.08 18.17 -32.78
C PRO D 47 27.29 16.91 -32.74
N LYS D 48 26.52 16.64 -31.69
CA LYS D 48 25.41 15.72 -31.88
C LYS D 48 24.51 15.53 -30.69
N VAL D 49 23.25 15.56 -31.05
CA VAL D 49 22.18 15.67 -30.12
C VAL D 49 21.37 14.42 -30.29
N GLU D 50 20.92 13.89 -29.15
CA GLU D 50 19.97 12.77 -29.09
C GLU D 50 18.63 13.14 -29.72
N MET D 51 18.16 12.24 -30.58
CA MET D 51 16.88 12.31 -31.23
C MET D 51 16.01 11.14 -30.66
N SER D 52 14.83 11.39 -30.08
CA SER D 52 13.90 10.28 -29.77
C SER D 52 13.46 9.58 -31.06
N ASP D 53 12.88 8.39 -30.93
CA ASP D 53 12.38 7.65 -32.10
C ASP D 53 11.01 8.14 -32.54
N MET D 54 10.55 7.61 -33.68
CA MET D 54 9.35 8.07 -34.35
C MET D 54 8.17 7.67 -33.50
N SER D 55 7.39 8.67 -33.08
CA SER D 55 6.08 8.47 -32.46
C SER D 55 4.96 9.35 -33.02
N PHE D 56 3.72 8.91 -32.86
CA PHE D 56 2.65 9.80 -33.24
C PHE D 56 1.64 9.84 -32.19
N SER D 57 0.78 10.85 -32.22
CA SER D 57 -0.17 11.11 -31.17
C SER D 57 -1.52 10.64 -31.68
N LYS D 58 -2.53 10.74 -30.81
CA LYS D 58 -3.91 10.33 -31.08
C LYS D 58 -4.50 10.94 -32.34
N ASP D 59 -4.02 12.14 -32.69
CA ASP D 59 -4.65 12.91 -33.82
C ASP D 59 -3.91 12.58 -35.08
N TRP D 60 -3.06 11.58 -34.93
CA TRP D 60 -2.25 11.11 -36.02
C TRP D 60 -0.90 11.83 -36.32
N SER D 61 -0.70 13.00 -35.70
CA SER D 61 0.43 13.85 -36.10
C SER D 61 1.71 13.27 -35.42
N PHE D 62 2.87 13.43 -36.03
CA PHE D 62 4.11 12.97 -35.36
C PHE D 62 4.74 14.00 -34.39
N TYR D 63 5.60 13.49 -33.53
CA TYR D 63 6.41 14.35 -32.68
C TYR D 63 7.76 13.71 -32.43
N ILE D 64 8.74 14.53 -32.06
CA ILE D 64 10.11 14.11 -31.75
C ILE D 64 10.73 15.04 -30.73
N LEU D 65 11.66 14.52 -29.96
CA LEU D 65 12.37 15.34 -28.97
C LEU D 65 13.88 15.25 -29.18
N ALA D 66 14.49 16.34 -29.65
CA ALA D 66 15.93 16.44 -29.75
C ALA D 66 16.43 17.06 -28.43
N HIS D 67 17.58 16.59 -27.90
CA HIS D 67 18.11 17.15 -26.66
C HIS D 67 19.61 16.98 -26.58
N THR D 68 20.28 17.82 -25.81
CA THR D 68 21.73 17.83 -25.78
C THR D 68 22.16 18.55 -24.50
N GLU D 69 23.32 18.14 -24.02
CA GLU D 69 23.96 18.76 -22.87
C GLU D 69 24.47 20.14 -23.28
N PHE D 70 24.48 21.06 -22.33
CA PHE D 70 24.84 22.44 -22.56
C PHE D 70 24.92 23.09 -21.20
N THR D 71 25.76 24.10 -21.13
CA THR D 71 25.87 24.93 -19.96
C THR D 71 25.46 26.31 -20.43
N PRO D 72 24.34 26.80 -19.91
CA PRO D 72 24.06 28.19 -20.28
C PRO D 72 25.03 29.18 -19.60
N THR D 73 25.19 30.31 -20.26
CA THR D 73 25.95 31.40 -19.69
C THR D 73 25.15 32.63 -20.01
N GLU D 74 25.72 33.80 -19.81
CA GLU D 74 25.01 35.02 -20.14
C GLU D 74 25.25 35.37 -21.60
N THR D 75 26.33 34.86 -22.18
CA THR D 75 26.70 35.29 -23.53
C THR D 75 26.15 34.39 -24.64
N ASP D 76 26.09 33.09 -24.38
CA ASP D 76 25.81 32.10 -25.41
C ASP D 76 24.37 32.14 -25.90
N THR D 77 24.12 32.03 -27.20
CA THR D 77 22.71 31.91 -27.62
C THR D 77 22.45 30.54 -28.26
N TYR D 78 21.47 29.82 -27.74
CA TYR D 78 21.05 28.54 -28.32
C TYR D 78 19.79 28.65 -29.18
N ALA D 79 19.77 27.93 -30.30
CA ALA D 79 18.53 27.78 -31.10
C ALA D 79 18.31 26.38 -31.72
N CYS D 80 17.13 26.18 -32.24
CA CYS D 80 16.80 24.91 -32.89
C CYS D 80 16.19 25.32 -34.18
N ARG D 81 16.59 24.63 -35.22
CA ARG D 81 16.21 24.92 -36.57
C ARG D 81 15.68 23.68 -37.21
N VAL D 82 14.46 23.76 -37.71
CA VAL D 82 13.69 22.60 -38.15
C VAL D 82 13.44 22.82 -39.62
N LYS D 83 13.83 21.87 -40.46
CA LYS D 83 13.46 21.85 -41.89
C LYS D 83 12.38 20.80 -42.07
N HIS D 84 11.41 21.10 -42.90
CA HIS D 84 10.26 20.26 -43.10
C HIS D 84 9.45 20.69 -44.36
N ASP D 85 8.88 19.71 -45.09
CA ASP D 85 8.20 19.98 -46.38
C ASP D 85 7.04 20.92 -46.27
N SER D 86 6.60 21.24 -45.07
CA SER D 86 5.44 22.03 -44.92
C SER D 86 5.86 23.51 -44.88
N MET D 87 7.16 23.77 -44.96
CA MET D 87 7.65 25.13 -44.77
C MET D 87 8.73 25.41 -45.80
N ALA D 88 8.64 26.54 -46.49
CA ALA D 88 9.51 26.79 -47.64
C ALA D 88 10.97 26.96 -47.24
N GLU D 89 11.22 27.42 -46.02
CA GLU D 89 12.60 27.52 -45.57
C GLU D 89 12.67 27.05 -44.13
N PRO D 90 13.86 26.75 -43.66
CA PRO D 90 13.92 26.21 -42.28
C PRO D 90 13.32 27.18 -41.27
N LYS D 91 12.88 26.71 -40.10
CA LYS D 91 12.41 27.61 -39.07
C LYS D 91 13.32 27.55 -37.88
N THR D 92 13.82 28.71 -37.47
CA THR D 92 14.71 28.76 -36.32
C THR D 92 13.94 29.21 -35.08
N VAL D 93 14.14 28.57 -33.91
CA VAL D 93 13.74 29.20 -32.67
C VAL D 93 14.75 29.17 -31.56
N TYR D 94 14.82 30.36 -30.97
CA TYR D 94 15.88 30.83 -30.10
C TYR D 94 15.41 30.46 -28.72
N TRP D 95 16.33 29.91 -27.95
CA TRP D 95 16.07 29.61 -26.57
C TRP D 95 15.87 30.90 -25.80
N ASP D 96 14.70 31.05 -25.20
CA ASP D 96 14.47 31.99 -24.12
C ASP D 96 14.49 31.26 -22.72
N ARG D 97 15.36 31.73 -21.83
CA ARG D 97 15.59 31.09 -20.54
C ARG D 97 14.41 31.27 -19.55
N ASP D 98 13.47 32.16 -19.82
CA ASP D 98 12.36 32.36 -18.87
C ASP D 98 11.20 31.63 -19.44
N MET D 99 11.50 30.78 -20.41
CA MET D 99 10.50 29.96 -20.98
C MET D 99 10.93 28.51 -21.10
N GLY E 1 9.71 -1.77 8.67
CA GLY E 1 10.89 -2.68 8.80
C GLY E 1 12.13 -1.98 9.33
N PRO E 2 13.02 -2.75 10.02
CA PRO E 2 14.18 -2.21 10.74
C PRO E 2 15.26 -1.87 9.74
N HIS E 3 16.31 -1.15 10.18
CA HIS E 3 17.37 -0.74 9.26
C HIS E 3 18.70 -0.69 9.96
N SER E 4 19.75 -0.54 9.16
CA SER E 4 21.06 -0.53 9.77
C SER E 4 22.12 -0.01 8.81
N MET E 5 23.26 0.37 9.38
CA MET E 5 24.43 0.73 8.61
C MET E 5 25.62 0.09 9.30
N ARG E 6 26.60 -0.28 8.48
CA ARG E 6 27.86 -0.81 8.98
C ARG E 6 29.04 -0.30 8.13
N TYR E 7 30.14 0.04 8.79
CA TYR E 7 31.39 0.13 8.07
C TYR E 7 32.27 -1.06 8.54
N PHE E 8 32.73 -1.92 7.63
CA PHE E 8 33.70 -2.97 7.96
C PHE E 8 35.03 -2.51 7.42
N GLU E 9 36.00 -2.33 8.29
CA GLU E 9 37.29 -1.83 7.85
C GLU E 9 38.40 -2.82 8.19
N THR E 10 39.39 -2.93 7.32
CA THR E 10 40.52 -3.86 7.45
C THR E 10 41.90 -3.30 7.12
N ALA E 11 42.87 -3.49 7.99
CA ALA E 11 44.27 -3.29 7.59
C ALA E 11 45.03 -4.64 7.67
N VAL E 12 45.89 -4.94 6.71
CA VAL E 12 46.64 -6.18 6.69
C VAL E 12 48.09 -5.91 6.41
N SER E 13 48.97 -6.29 7.34
CA SER E 13 50.41 -6.18 7.10
C SER E 13 50.96 -7.54 6.69
N ARG E 14 52.00 -7.51 5.86
CA ARG E 14 52.63 -8.71 5.29
C ARG E 14 54.13 -8.50 5.22
N PRO E 15 54.90 -9.61 5.27
CA PRO E 15 56.37 -9.52 5.38
C PRO E 15 56.99 -8.69 4.27
N GLY E 16 56.55 -8.90 3.05
CA GLY E 16 57.11 -8.14 1.95
C GLY E 16 56.83 -6.66 2.06
N LEU E 17 55.54 -6.32 2.11
CA LEU E 17 55.05 -4.96 1.96
C LEU E 17 55.81 -3.99 2.83
N GLU E 18 56.10 -2.79 2.33
CA GLU E 18 56.54 -1.71 3.20
C GLU E 18 55.39 -1.27 4.14
N GLU E 19 54.21 -0.93 3.58
CA GLU E 19 53.04 -0.54 4.41
C GLU E 19 51.67 -1.27 4.17
N PRO E 20 50.85 -1.33 5.23
CA PRO E 20 49.66 -2.20 5.18
C PRO E 20 48.76 -1.80 4.07
N ARG E 21 47.96 -2.73 3.57
CA ARG E 21 46.76 -2.43 2.79
C ARG E 21 45.48 -2.25 3.65
N TYR E 22 44.72 -1.21 3.38
CA TYR E 22 43.59 -0.82 4.23
C TYR E 22 42.37 -0.83 3.33
N ILE E 23 41.29 -1.46 3.72
CA ILE E 23 40.10 -1.51 2.86
C ILE E 23 38.87 -1.10 3.65
N SER E 24 38.00 -0.24 3.14
CA SER E 24 36.81 0.07 3.93
C SER E 24 35.53 -0.24 3.17
N VAL E 25 34.61 -0.92 3.80
CA VAL E 25 33.39 -1.28 3.07
C VAL E 25 32.16 -0.81 3.82
N GLY E 26 31.27 -0.09 3.12
CA GLY E 26 30.05 0.45 3.74
C GLY E 26 28.80 -0.34 3.38
N TYR E 27 27.90 -0.55 4.34
CA TYR E 27 26.67 -1.30 4.08
C TYR E 27 25.46 -0.55 4.62
N VAL E 28 24.38 -0.60 3.88
CA VAL E 28 23.14 -0.15 4.41
C VAL E 28 22.20 -1.28 4.17
N ASP E 29 21.47 -1.57 5.25
CA ASP E 29 20.74 -2.82 5.42
C ASP E 29 21.49 -4.00 4.79
N ASN E 30 22.77 -4.14 5.05
CA ASN E 30 23.48 -5.36 4.69
C ASN E 30 23.78 -5.43 3.23
N LYS E 31 23.63 -4.33 2.52
CA LYS E 31 24.01 -4.30 1.13
C LYS E 31 25.14 -3.25 0.90
N GLU E 32 26.23 -3.67 0.25
CA GLU E 32 27.44 -2.87 0.07
C GLU E 32 27.06 -1.55 -0.64
N PHE E 33 27.40 -0.38 -0.09
CA PHE E 33 27.01 0.89 -0.83
C PHE E 33 28.21 1.84 -1.14
N VAL E 34 29.31 1.71 -0.39
CA VAL E 34 30.55 2.42 -0.72
C VAL E 34 31.71 1.56 -0.41
N ARG E 35 32.89 1.92 -0.94
CA ARG E 35 34.10 1.08 -0.79
C ARG E 35 35.39 1.85 -1.04
N PHE E 36 36.40 1.67 -0.18
CA PHE E 36 37.71 2.30 -0.34
C PHE E 36 38.80 1.26 -0.21
N ASP E 37 39.78 1.30 -1.10
CA ASP E 37 40.85 0.27 -1.10
C ASP E 37 42.17 0.93 -1.46
N SER E 38 43.08 0.97 -0.48
CA SER E 38 44.41 1.61 -0.68
C SER E 38 45.24 0.93 -1.77
N ASP E 39 44.82 -0.24 -2.20
CA ASP E 39 45.51 -0.85 -3.33
C ASP E 39 45.11 -0.26 -4.70
N ALA E 40 44.02 0.46 -4.82
CA ALA E 40 43.66 1.01 -6.13
C ALA E 40 44.71 2.05 -6.60
N GLU E 41 44.80 2.20 -7.92
CA GLU E 41 45.60 3.26 -8.52
C GLU E 41 45.28 4.64 -7.90
N ASN E 42 44.01 5.01 -7.96
CA ASN E 42 43.62 6.29 -7.40
C ASN E 42 42.69 6.08 -6.22
N PRO E 43 43.25 5.94 -5.01
CA PRO E 43 42.44 5.41 -3.90
C PRO E 43 41.33 6.38 -3.45
N ARG E 44 40.03 6.04 -3.60
CA ARG E 44 39.00 6.97 -3.19
C ARG E 44 37.89 6.16 -2.67
N TYR E 45 37.03 6.69 -1.78
CA TYR E 45 35.70 6.08 -1.72
C TYR E 45 35.00 6.19 -3.10
N GLU E 46 34.21 5.17 -3.42
CA GLU E 46 33.57 4.97 -4.73
C GLU E 46 32.15 4.45 -4.50
N PRO E 47 31.16 4.93 -5.26
CA PRO E 47 29.84 4.40 -4.96
C PRO E 47 29.75 2.90 -5.37
N ARG E 48 28.89 2.15 -4.71
CA ARG E 48 28.78 0.74 -4.96
C ARG E 48 27.34 0.40 -5.28
N ALA E 49 26.45 1.36 -5.09
CA ALA E 49 25.08 1.25 -5.60
C ALA E 49 24.73 2.47 -6.46
N PRO E 50 23.76 2.34 -7.38
CA PRO E 50 23.44 3.47 -8.27
C PRO E 50 22.97 4.66 -7.48
N TRP E 51 22.25 4.39 -6.38
CA TRP E 51 21.60 5.45 -5.63
C TRP E 51 22.59 6.39 -4.89
N MET E 52 23.86 6.05 -4.89
CA MET E 52 24.87 6.87 -4.25
C MET E 52 25.52 7.83 -5.24
N GLU E 53 25.42 7.56 -6.53
CA GLU E 53 26.00 8.47 -7.52
C GLU E 53 25.47 9.92 -7.25
N GLN E 54 24.27 10.02 -6.68
CA GLN E 54 23.73 11.31 -6.24
C GLN E 54 24.71 12.22 -5.52
N GLU E 55 25.42 11.70 -4.52
CA GLU E 55 26.16 12.57 -3.64
C GLU E 55 27.09 13.37 -4.53
N GLY E 56 27.18 14.66 -4.22
CA GLY E 56 28.01 15.60 -4.99
C GLY E 56 29.43 15.65 -4.47
N PRO E 57 30.22 16.57 -4.98
CA PRO E 57 31.64 16.33 -4.82
C PRO E 57 32.16 16.50 -3.39
N GLU E 58 31.49 17.26 -2.51
CA GLU E 58 32.01 17.43 -1.13
C GLU E 58 31.98 16.09 -0.33
N TYR E 59 30.96 15.30 -0.55
CA TYR E 59 30.82 13.94 0.03
C TYR E 59 32.07 13.11 -0.23
N TRP E 60 32.38 12.89 -1.52
CA TRP E 60 33.46 12.01 -1.92
C TRP E 60 34.81 12.52 -1.44
N GLU E 61 35.01 13.83 -1.52
CA GLU E 61 36.24 14.46 -1.05
C GLU E 61 36.44 14.25 0.43
N ARG E 62 35.36 14.44 1.18
CA ARG E 62 35.44 14.36 2.63
C ARG E 62 35.58 12.88 3.12
N GLU E 63 34.73 12.01 2.61
CA GLU E 63 34.82 10.58 2.92
C GLU E 63 36.18 10.00 2.48
N THR E 64 36.66 10.35 1.29
CA THR E 64 37.98 9.90 0.87
C THR E 64 39.02 10.32 1.89
N GLN E 65 38.95 11.54 2.39
CA GLN E 65 40.05 12.02 3.22
C GLN E 65 39.96 11.29 4.53
N LYS E 66 38.73 11.03 4.93
CA LYS E 66 38.46 10.24 6.16
C LYS E 66 39.13 8.83 6.04
N ALA E 67 38.88 8.13 4.92
CA ALA E 67 39.60 6.91 4.61
C ALA E 67 41.10 7.07 4.91
N LYS E 68 41.71 8.15 4.47
CA LYS E 68 43.16 8.22 4.52
C LYS E 68 43.66 8.45 5.98
N GLY E 69 42.85 9.14 6.80
CA GLY E 69 43.11 9.27 8.21
C GLY E 69 42.95 7.87 8.91
N GLN E 70 41.84 7.19 8.64
CA GLN E 70 41.65 5.81 9.06
C GLN E 70 42.89 4.94 8.69
N GLU E 71 43.39 5.07 7.45
CA GLU E 71 44.52 4.23 7.00
C GLU E 71 45.67 4.46 7.93
N GLN E 72 45.94 5.72 8.33
CA GLN E 72 47.11 5.96 9.17
C GLN E 72 46.88 5.42 10.57
N TRP E 73 45.65 5.61 11.04
CA TRP E 73 45.24 5.21 12.36
C TRP E 73 45.45 3.65 12.43
N PHE E 74 45.06 2.91 11.41
CA PHE E 74 45.24 1.43 11.39
C PHE E 74 46.74 1.11 11.25
N ARG E 75 47.50 1.93 10.49
CA ARG E 75 48.93 1.68 10.35
C ARG E 75 49.55 1.88 11.73
N VAL E 76 49.21 2.97 12.42
CA VAL E 76 49.84 3.17 13.74
C VAL E 76 49.38 2.08 14.74
N SER E 77 48.11 1.75 14.73
CA SER E 77 47.64 0.73 15.67
C SER E 77 48.33 -0.64 15.40
N LEU E 78 48.51 -1.02 14.15
CA LEU E 78 49.14 -2.36 13.88
C LEU E 78 50.58 -2.38 14.49
N ARG E 79 51.24 -1.22 14.42
CA ARG E 79 52.57 -1.07 14.98
C ARG E 79 52.56 -1.25 16.48
N ASN E 80 51.60 -0.65 17.18
CA ASN E 80 51.58 -0.74 18.64
C ASN E 80 51.25 -2.18 19.08
N LEU E 81 50.26 -2.72 18.42
CA LEU E 81 49.82 -4.10 18.65
C LEU E 81 50.94 -5.10 18.56
N LEU E 82 51.77 -4.98 17.53
CA LEU E 82 52.94 -5.82 17.31
C LEU E 82 53.80 -5.73 18.57
N GLY E 83 53.94 -4.53 19.12
CA GLY E 83 54.60 -4.40 20.38
C GLY E 83 53.86 -4.97 21.59
N TYR E 84 52.54 -4.78 21.69
CA TYR E 84 51.82 -5.32 22.82
C TYR E 84 51.87 -6.83 22.87
N TYR E 85 52.07 -7.52 21.75
CA TYR E 85 52.07 -8.97 21.75
C TYR E 85 53.45 -9.53 21.60
N ASN E 86 54.42 -8.64 21.75
CA ASN E 86 55.78 -9.04 21.59
C ASN E 86 56.00 -9.98 20.41
N GLN E 87 55.41 -9.62 19.28
CA GLN E 87 55.56 -10.31 18.04
C GLN E 87 56.73 -9.68 17.30
N SER E 88 57.53 -10.49 16.65
CA SER E 88 58.69 -9.89 16.02
C SER E 88 58.36 -9.47 14.58
N ALA E 89 59.33 -8.96 13.84
CA ALA E 89 59.09 -8.64 12.44
C ALA E 89 58.96 -9.94 11.67
N GLY E 90 58.42 -9.91 10.46
CA GLY E 90 58.45 -11.09 9.60
C GLY E 90 57.18 -11.91 9.53
N GLY E 91 56.15 -11.45 10.22
CA GLY E 91 54.88 -12.15 10.13
C GLY E 91 53.86 -11.35 9.36
N SER E 92 52.69 -11.91 9.17
CA SER E 92 51.52 -11.21 8.67
C SER E 92 50.56 -10.88 9.73
N HIS E 93 49.83 -9.77 9.62
CA HIS E 93 48.94 -9.35 10.72
C HIS E 93 47.69 -8.66 10.18
N THR E 94 46.60 -8.64 10.95
CA THR E 94 45.32 -8.22 10.46
C THR E 94 44.64 -7.41 11.54
N LEU E 95 44.02 -6.30 11.15
CA LEU E 95 43.30 -5.50 12.16
C LEU E 95 41.99 -5.11 11.60
N GLN E 96 40.90 -5.39 12.34
CA GLN E 96 39.58 -5.24 11.76
C GLN E 96 38.68 -4.45 12.67
N GLN E 97 37.74 -3.75 12.07
CA GLN E 97 36.84 -2.93 12.82
C GLN E 97 35.44 -3.07 12.25
N MET E 98 34.43 -3.22 13.07
CA MET E 98 33.09 -3.07 12.58
C MET E 98 32.43 -1.89 13.30
N SER E 99 31.75 -0.94 12.61
CA SER E 99 30.97 0.07 13.31
C SER E 99 29.61 0.35 12.67
N GLY E 100 28.62 0.82 13.43
CA GLY E 100 27.41 1.29 12.82
C GLY E 100 26.27 1.43 13.79
N CYS E 101 25.05 1.50 13.26
CA CYS E 101 23.86 1.63 14.10
C CYS E 101 22.77 0.73 13.52
N ASP E 102 21.92 0.22 14.43
CA ASP E 102 20.66 -0.41 14.05
C ASP E 102 19.52 0.57 14.45
N LEU E 103 18.53 0.67 13.58
CA LEU E 103 17.35 1.44 13.83
C LEU E 103 16.13 0.48 13.77
N GLY E 104 15.20 0.61 14.72
CA GLY E 104 13.92 -0.08 14.65
C GLY E 104 13.06 0.50 13.50
N SER E 105 11.89 -0.06 13.28
CA SER E 105 11.12 0.29 12.07
C SER E 105 10.54 1.71 12.23
N ASP E 106 10.62 2.24 13.44
CA ASP E 106 10.24 3.63 13.69
C ASP E 106 11.35 4.57 13.33
N TRP E 107 12.54 4.02 13.02
CA TRP E 107 13.73 4.79 12.52
C TRP E 107 14.58 5.41 13.67
N ARG E 108 14.24 5.05 14.91
CA ARG E 108 14.98 5.44 16.10
C ARG E 108 16.13 4.48 16.35
N LEU E 109 17.19 4.96 16.94
CA LEU E 109 18.34 4.15 17.23
C LEU E 109 17.97 2.98 18.17
N LEU E 110 18.32 1.75 17.80
CA LEU E 110 18.07 0.60 18.73
C LEU E 110 19.36 0.32 19.46
N ARG E 111 20.49 0.60 18.78
CA ARG E 111 21.81 0.06 19.12
C ARG E 111 22.98 0.55 18.27
N GLY E 112 24.07 0.96 18.93
CA GLY E 112 25.34 1.31 18.27
C GLY E 112 26.37 0.20 18.37
N TYR E 113 27.28 0.09 17.39
CA TYR E 113 28.26 -0.98 17.29
C TYR E 113 29.58 -0.34 16.97
N LEU E 114 30.56 -0.74 17.77
CA LEU E 114 31.95 -0.36 17.66
C LEU E 114 32.76 -1.55 18.25
N GLN E 115 33.29 -2.40 17.37
CA GLN E 115 34.08 -3.57 17.77
C GLN E 115 35.35 -3.63 16.91
N PHE E 116 36.41 -4.21 17.48
CA PHE E 116 37.68 -4.37 16.78
C PHE E 116 38.20 -5.78 16.99
N ALA E 117 39.12 -6.25 16.15
CA ALA E 117 39.62 -7.60 16.20
C ALA E 117 41.03 -7.52 15.68
N TYR E 118 41.94 -8.27 16.28
CA TYR E 118 43.32 -8.36 15.85
C TYR E 118 43.61 -9.83 15.63
N GLU E 119 44.29 -10.15 14.54
CA GLU E 119 44.48 -11.53 14.07
C GLU E 119 43.16 -12.30 14.07
N GLY E 120 42.04 -11.65 13.73
CA GLY E 120 40.76 -12.32 13.59
C GLY E 120 40.08 -12.69 14.87
N ARG E 121 40.62 -12.21 15.97
CA ARG E 121 40.06 -12.41 17.31
C ARG E 121 39.62 -11.11 18.02
N ASP E 122 38.55 -11.18 18.82
CA ASP E 122 38.15 -10.03 19.65
C ASP E 122 39.27 -9.35 20.36
N TYR E 123 39.37 -8.06 20.06
CA TYR E 123 40.46 -7.27 20.68
C TYR E 123 39.81 -6.34 21.75
N ILE E 124 38.92 -5.47 21.34
CA ILE E 124 38.21 -4.56 22.23
C ILE E 124 36.94 -4.17 21.53
N ALA E 125 35.91 -3.95 22.33
CA ALA E 125 34.58 -3.64 21.82
C ALA E 125 33.91 -2.62 22.75
N LEU E 126 33.12 -1.70 22.21
CA LEU E 126 32.33 -0.76 23.02
C LEU E 126 31.07 -1.49 23.47
N ASN E 127 30.76 -1.53 24.75
CA ASN E 127 29.50 -2.20 25.18
C ASN E 127 28.26 -1.47 24.70
N GLU E 128 27.12 -2.14 24.67
CA GLU E 128 25.90 -1.49 24.28
C GLU E 128 25.54 -0.20 25.05
N ASP E 129 25.89 -0.04 26.32
CA ASP E 129 25.64 1.22 27.01
C ASP E 129 26.40 2.35 26.27
N LEU E 130 27.24 2.00 25.28
CA LEU E 130 28.09 2.98 24.60
C LEU E 130 28.90 3.85 25.59
N LYS E 131 29.24 3.32 26.75
CA LYS E 131 30.09 3.99 27.74
C LYS E 131 31.29 3.18 28.23
N THR E 132 31.15 1.87 28.38
CA THR E 132 32.29 1.05 28.88
C THR E 132 32.74 0.09 27.77
N TRP E 133 33.95 -0.46 27.93
CA TRP E 133 34.64 -1.29 26.95
C TRP E 133 34.86 -2.74 27.46
N THR E 134 34.73 -3.76 26.60
CA THR E 134 35.14 -5.11 26.91
C THR E 134 36.46 -5.33 26.18
N ALA E 135 37.44 -5.91 26.89
CA ALA E 135 38.73 -6.29 26.28
C ALA E 135 39.27 -7.51 27.02
N ALA E 136 39.24 -8.67 26.40
CA ALA E 136 39.53 -9.88 27.14
C ALA E 136 41.01 -9.92 27.40
N ASP E 137 41.80 -9.74 26.34
CA ASP E 137 43.24 -10.09 26.39
C ASP E 137 43.91 -9.19 27.36
N MET E 138 45.03 -9.66 27.91
CA MET E 138 45.82 -8.91 28.88
C MET E 138 46.48 -7.74 28.16
N ALA E 139 47.02 -8.03 26.98
CA ALA E 139 47.58 -7.02 26.10
C ALA E 139 46.50 -5.98 25.89
N ALA E 140 45.29 -6.42 25.61
CA ALA E 140 44.27 -5.44 25.28
C ALA E 140 43.99 -4.43 26.44
N GLN E 141 44.46 -4.71 27.66
CA GLN E 141 44.15 -3.82 28.78
C GLN E 141 44.91 -2.55 28.60
N ILE E 142 46.09 -2.67 28.04
CA ILE E 142 46.92 -1.49 27.79
C ILE E 142 46.05 -0.49 27.01
N THR E 143 45.31 -0.99 26.01
CA THR E 143 44.40 -0.18 25.20
C THR E 143 43.12 0.36 25.93
N ARG E 144 42.36 -0.52 26.56
CA ARG E 144 41.25 -0.13 27.39
C ARG E 144 41.69 0.99 28.36
N ARG E 145 42.81 0.81 29.06
CA ARG E 145 43.29 1.88 30.00
C ARG E 145 43.49 3.21 29.25
N LYS E 146 44.26 3.18 28.16
CA LYS E 146 44.43 4.35 27.29
C LYS E 146 43.13 5.01 26.87
N TRP E 147 42.20 4.24 26.31
CA TRP E 147 40.94 4.80 25.84
C TRP E 147 40.04 5.32 26.98
N GLU E 148 40.12 4.75 28.16
CA GLU E 148 39.28 5.28 29.24
C GLU E 148 39.81 6.72 29.63
N GLN E 149 41.12 6.83 29.83
CA GLN E 149 41.77 8.11 30.13
C GLN E 149 41.45 9.16 29.09
N SER E 150 41.29 8.78 27.84
CA SER E 150 41.27 9.78 26.78
C SER E 150 39.85 10.16 26.54
N GLY E 151 38.93 9.50 27.23
CA GLY E 151 37.50 9.67 26.94
C GLY E 151 36.98 9.21 25.57
N ALA E 152 37.69 8.33 24.87
CA ALA E 152 37.18 7.81 23.51
C ALA E 152 35.70 7.44 23.48
N ALA E 153 35.20 6.71 24.48
CA ALA E 153 33.81 6.22 24.40
C ALA E 153 32.73 7.32 24.10
N GLU E 154 32.90 8.47 24.73
CA GLU E 154 32.01 9.60 24.60
C GLU E 154 32.02 10.04 23.14
N HIS E 155 33.20 10.15 22.53
CA HIS E 155 33.23 10.51 21.11
C HIS E 155 32.60 9.47 20.14
N TYR E 156 32.91 8.19 20.31
CA TYR E 156 32.34 7.18 19.41
C TYR E 156 30.82 7.16 19.62
N LYS E 157 30.41 7.34 20.90
CA LYS E 157 29.01 7.41 21.30
C LYS E 157 28.33 8.59 20.58
N ALA E 158 29.00 9.74 20.46
CA ALA E 158 28.38 10.88 19.67
C ALA E 158 28.21 10.50 18.18
N TYR E 159 29.30 9.92 17.66
CA TYR E 159 29.32 9.46 16.30
C TYR E 159 28.15 8.48 16.05
N LEU E 160 27.91 7.50 16.94
CA LEU E 160 26.96 6.41 16.67
C LEU E 160 25.51 6.94 16.75
N GLU E 161 25.22 7.73 17.78
CA GLU E 161 23.91 8.32 17.98
C GLU E 161 23.54 9.43 17.00
N GLY E 162 24.58 10.06 16.46
CA GLY E 162 24.39 11.26 15.65
C GLY E 162 24.66 11.06 14.17
N GLU E 163 25.93 11.22 13.82
CA GLU E 163 26.29 11.14 12.40
C GLU E 163 25.83 9.81 11.84
N CYS E 164 26.08 8.71 12.55
CA CYS E 164 25.73 7.42 11.96
C CYS E 164 24.22 7.33 11.67
N VAL E 165 23.38 7.71 12.63
CA VAL E 165 21.93 7.64 12.47
C VAL E 165 21.49 8.67 11.41
N GLU E 166 22.16 9.81 11.42
CA GLU E 166 21.75 10.90 10.60
C GLU E 166 22.02 10.60 9.14
N TRP E 167 23.15 10.03 8.80
CA TRP E 167 23.38 9.77 7.38
C TRP E 167 22.64 8.54 6.89
N LEU E 168 22.44 7.57 7.79
CA LEU E 168 21.57 6.45 7.42
C LEU E 168 20.12 6.93 7.05
N HIS E 169 19.54 7.80 7.88
CA HIS E 169 18.19 8.37 7.59
C HIS E 169 18.20 8.95 6.13
N ARG E 170 19.27 9.65 5.79
CA ARG E 170 19.42 10.22 4.45
C ARG E 170 19.64 9.15 3.40
N TYR E 171 20.48 8.17 3.68
CA TYR E 171 20.74 7.13 2.70
C TYR E 171 19.44 6.45 2.37
N LEU E 172 18.56 6.32 3.37
CA LEU E 172 17.34 5.52 3.20
C LEU E 172 16.34 6.25 2.34
N LYS E 173 16.29 7.57 2.50
CA LYS E 173 15.46 8.36 1.62
C LYS E 173 16.00 8.19 0.19
N ASN E 174 17.32 8.32 0.00
CA ASN E 174 17.89 8.40 -1.36
C ASN E 174 17.58 7.17 -2.19
N GLY E 175 17.54 6.01 -1.54
CA GLY E 175 17.31 4.78 -2.26
C GLY E 175 16.10 4.08 -1.70
N ASN E 176 14.91 4.57 -2.05
CA ASN E 176 13.68 4.13 -1.39
C ASN E 176 13.14 2.78 -1.90
N ALA E 177 13.76 2.23 -2.95
CA ALA E 177 13.32 0.96 -3.53
C ALA E 177 14.43 -0.06 -3.87
N THR E 178 15.68 0.25 -3.54
CA THR E 178 16.83 -0.63 -3.85
C THR E 178 17.23 -1.60 -2.73
N LEU E 179 16.68 -1.39 -1.53
CA LEU E 179 16.95 -2.30 -0.42
C LEU E 179 15.64 -2.64 0.34
N LEU E 180 14.50 -2.34 -0.28
CA LEU E 180 13.17 -2.31 0.37
C LEU E 180 12.33 -3.59 0.30
N ARG E 181 12.58 -4.42 -0.72
CA ARG E 181 11.70 -5.56 -0.94
C ARG E 181 12.43 -6.90 -1.05
N THR E 182 12.32 -7.67 0.04
CA THR E 182 12.65 -9.07 0.05
C THR E 182 12.12 -9.84 -1.23
N ASP E 183 12.87 -10.91 -1.60
CA ASP E 183 12.43 -11.90 -2.58
C ASP E 183 12.13 -13.23 -1.89
N SER E 184 10.96 -13.79 -2.11
CA SER E 184 10.57 -15.03 -1.43
C SER E 184 11.27 -16.26 -2.03
N PRO E 185 11.63 -17.22 -1.17
CA PRO E 185 12.16 -18.49 -1.70
C PRO E 185 11.17 -19.13 -2.64
N LYS E 186 11.62 -19.73 -3.74
CA LYS E 186 10.75 -20.70 -4.45
C LYS E 186 11.26 -22.08 -4.08
N ALA E 187 10.37 -23.00 -3.72
CA ALA E 187 10.79 -24.27 -3.15
C ALA E 187 10.34 -25.49 -3.95
N HIS E 188 11.29 -26.42 -4.17
CA HIS E 188 10.98 -27.68 -4.86
C HIS E 188 11.81 -28.85 -4.29
N VAL E 189 11.36 -30.08 -4.52
CA VAL E 189 12.05 -31.25 -3.98
C VAL E 189 12.55 -32.13 -5.14
N THR E 190 13.84 -32.39 -5.19
CA THR E 190 14.40 -33.34 -6.16
C THR E 190 14.55 -34.68 -5.50
N HIS E 191 14.66 -35.71 -6.34
CA HIS E 191 14.68 -37.09 -5.91
C HIS E 191 15.96 -37.77 -6.38
N HIS E 192 16.67 -38.39 -5.46
CA HIS E 192 17.98 -38.94 -5.79
C HIS E 192 18.07 -40.40 -5.33
N PRO E 193 17.92 -41.34 -6.29
CA PRO E 193 18.08 -42.75 -5.94
C PRO E 193 19.29 -42.90 -5.04
N ARG E 194 19.20 -43.72 -3.99
CA ARG E 194 20.33 -43.85 -3.08
C ARG E 194 20.61 -45.32 -2.72
N SER E 195 21.34 -45.55 -1.62
CA SER E 195 21.68 -46.90 -1.18
C SER E 195 20.47 -47.82 -1.05
N LYS E 196 20.67 -49.13 -1.17
CA LYS E 196 19.62 -50.09 -1.48
C LYS E 196 18.33 -49.89 -0.66
N GLY E 197 17.23 -49.71 -1.39
CA GLY E 197 15.93 -49.48 -0.81
C GLY E 197 15.78 -48.16 -0.07
N GLU E 198 16.49 -47.14 -0.51
CA GLU E 198 16.40 -45.79 0.10
C GLU E 198 16.72 -44.65 -0.85
N VAL E 199 15.95 -43.57 -0.72
CA VAL E 199 16.16 -42.39 -1.55
C VAL E 199 16.38 -41.11 -0.72
N THR E 200 17.21 -40.21 -1.25
CA THR E 200 17.47 -38.90 -0.64
C THR E 200 16.51 -37.87 -1.24
N LEU E 201 15.70 -37.21 -0.40
CA LEU E 201 14.84 -36.10 -0.81
C LEU E 201 15.52 -34.75 -0.50
N ARG E 202 15.76 -33.91 -1.52
CA ARG E 202 16.53 -32.66 -1.34
C ARG E 202 15.65 -31.43 -1.61
N CYS E 203 15.32 -30.69 -0.56
CA CYS E 203 14.39 -29.56 -0.66
C CYS E 203 15.19 -28.33 -0.97
N TRP E 204 14.97 -27.76 -2.15
CA TRP E 204 15.71 -26.59 -2.61
C TRP E 204 14.92 -25.34 -2.41
N ALA E 205 15.64 -24.25 -2.14
CA ALA E 205 15.04 -22.93 -2.09
C ALA E 205 15.95 -22.13 -2.95
N LEU E 206 15.37 -21.43 -3.91
CA LEU E 206 16.19 -20.64 -4.80
C LEU E 206 15.60 -19.24 -4.95
N GLY E 207 16.44 -18.29 -5.38
CA GLY E 207 16.04 -16.90 -5.58
C GLY E 207 15.65 -16.04 -4.38
N PHE E 208 16.08 -16.36 -3.19
CA PHE E 208 15.58 -15.55 -2.09
C PHE E 208 16.56 -14.42 -1.66
N TYR E 209 16.01 -13.44 -0.92
CA TYR E 209 16.74 -12.30 -0.33
C TYR E 209 15.84 -11.66 0.68
N PRO E 210 16.36 -11.33 1.84
CA PRO E 210 17.70 -11.57 2.38
C PRO E 210 18.07 -13.04 2.49
N ALA E 211 19.29 -13.31 2.92
CA ALA E 211 19.83 -14.68 2.97
C ALA E 211 19.29 -15.59 4.08
N ASP E 212 18.86 -15.01 5.21
CA ASP E 212 18.44 -15.80 6.36
C ASP E 212 17.26 -16.61 5.95
N ILE E 213 17.17 -17.84 6.47
CA ILE E 213 16.11 -18.73 6.05
C ILE E 213 16.25 -20.06 6.76
N THR E 214 15.13 -20.77 6.95
CA THR E 214 15.17 -22.04 7.66
C THR E 214 14.42 -23.11 6.90
N LEU E 215 15.06 -24.26 6.76
CA LEU E 215 14.44 -25.41 6.12
C LEU E 215 14.27 -26.51 7.18
N THR E 216 13.09 -27.12 7.23
CA THR E 216 12.83 -28.19 8.17
C THR E 216 12.10 -29.34 7.50
N TRP E 217 12.56 -30.55 7.75
CA TRP E 217 11.82 -31.75 7.34
C TRP E 217 11.07 -32.30 8.55
N GLN E 218 9.85 -32.77 8.31
CA GLN E 218 9.05 -33.42 9.35
C GLN E 218 8.52 -34.79 8.91
N LEU E 219 8.63 -35.79 9.78
CA LEU E 219 7.97 -37.08 9.60
C LEU E 219 6.64 -37.09 10.39
N ASN E 220 5.57 -36.72 9.71
CA ASN E 220 4.23 -36.56 10.30
C ASN E 220 4.19 -35.78 11.63
N GLY E 221 4.92 -34.67 11.71
CA GLY E 221 4.87 -33.79 12.88
C GLY E 221 6.13 -33.75 13.74
N GLU E 222 7.11 -34.60 13.44
CA GLU E 222 8.31 -34.70 14.24
C GLU E 222 9.51 -34.10 13.53
N GLU E 223 9.89 -32.88 13.93
CA GLU E 223 11.05 -32.25 13.31
C GLU E 223 12.22 -33.23 13.39
N LEU E 224 12.98 -33.35 12.29
CA LEU E 224 14.17 -34.20 12.24
C LEU E 224 15.48 -33.43 12.42
N THR E 225 16.05 -33.49 13.62
CA THR E 225 17.44 -33.11 13.84
C THR E 225 18.36 -34.34 13.95
N GLN E 226 17.79 -35.48 13.59
CA GLN E 226 18.34 -36.73 13.07
C GLN E 226 18.93 -36.96 11.67
N ASP E 227 20.24 -36.74 11.53
CA ASP E 227 20.96 -36.62 10.25
C ASP E 227 20.18 -35.97 9.09
N MET E 228 19.57 -34.82 9.34
CA MET E 228 19.12 -34.00 8.24
C MET E 228 20.40 -33.40 7.71
N GLU E 229 20.64 -33.54 6.41
CA GLU E 229 21.79 -32.85 5.80
C GLU E 229 21.34 -31.46 5.25
N LEU E 230 22.21 -30.49 5.34
CA LEU E 230 21.94 -29.16 4.77
C LEU E 230 23.24 -28.53 4.24
N VAL E 231 23.14 -27.41 3.54
CA VAL E 231 24.36 -26.69 3.17
C VAL E 231 24.21 -25.32 3.75
N GLU E 232 25.35 -24.64 4.00
CA GLU E 232 25.31 -23.21 4.36
C GLU E 232 24.65 -22.42 3.22
N THR E 233 23.87 -21.41 3.57
CA THR E 233 23.18 -20.60 2.56
C THR E 233 24.25 -19.92 1.66
N ARG E 234 24.01 -19.83 0.36
CA ARG E 234 25.08 -19.40 -0.55
C ARG E 234 24.59 -18.48 -1.61
N PRO E 235 25.44 -17.62 -2.09
CA PRO E 235 24.99 -16.67 -3.13
C PRO E 235 24.95 -17.23 -4.54
N ALA E 236 23.97 -16.81 -5.33
CA ALA E 236 23.94 -17.28 -6.71
C ALA E 236 24.89 -16.48 -7.61
N GLY E 237 25.46 -15.44 -7.03
CA GLY E 237 26.27 -14.47 -7.78
C GLY E 237 25.46 -13.42 -8.54
N ASP E 238 24.12 -13.52 -8.50
CA ASP E 238 23.21 -12.53 -9.09
C ASP E 238 22.54 -11.68 -8.03
N GLY E 239 22.99 -11.74 -6.78
CA GLY E 239 22.33 -11.03 -5.69
C GLY E 239 21.24 -11.80 -4.93
N THR E 240 20.84 -13.01 -5.37
CA THR E 240 19.91 -13.83 -4.57
C THR E 240 20.67 -15.02 -3.94
N PHE E 241 19.98 -15.90 -3.19
CA PHE E 241 20.71 -16.92 -2.44
C PHE E 241 20.09 -18.27 -2.69
N GLN E 242 20.77 -19.36 -2.32
CA GLN E 242 20.23 -20.69 -2.47
C GLN E 242 20.51 -21.51 -1.21
N LYS E 243 19.66 -22.47 -0.91
CA LYS E 243 19.94 -23.40 0.17
C LYS E 243 19.19 -24.65 -0.14
N TRP E 244 19.63 -25.77 0.39
CA TRP E 244 18.74 -26.94 0.41
C TRP E 244 18.96 -27.72 1.71
N ALA E 245 18.01 -28.59 2.05
CA ALA E 245 18.18 -29.56 3.14
C ALA E 245 17.65 -30.90 2.69
N SER E 246 18.41 -31.96 2.89
CA SER E 246 17.94 -33.26 2.44
C SER E 246 17.78 -34.21 3.60
N VAL E 247 17.12 -35.32 3.35
CA VAL E 247 16.90 -36.33 4.37
C VAL E 247 16.71 -37.64 3.65
N VAL E 248 17.32 -38.70 4.20
CA VAL E 248 17.25 -40.04 3.60
C VAL E 248 16.00 -40.82 4.04
N VAL E 249 15.37 -41.47 3.08
CA VAL E 249 14.01 -41.95 3.23
C VAL E 249 13.84 -43.42 2.75
N PRO E 250 12.92 -44.19 3.37
CA PRO E 250 12.51 -45.50 2.83
C PRO E 250 11.81 -45.37 1.48
N LEU E 251 12.31 -46.08 0.46
CA LEU E 251 11.75 -45.99 -0.89
C LEU E 251 10.30 -46.37 -0.77
N GLY E 252 9.45 -45.71 -1.53
CA GLY E 252 8.02 -45.95 -1.52
C GLY E 252 7.32 -45.19 -0.40
N LYS E 253 8.06 -44.93 0.67
CA LYS E 253 7.56 -44.19 1.83
C LYS E 253 7.71 -42.67 1.69
N GLU E 254 7.94 -42.19 0.47
CA GLU E 254 8.24 -40.77 0.25
C GLU E 254 6.98 -39.90 0.08
N GLN E 255 6.07 -40.03 1.04
CA GLN E 255 4.95 -39.07 1.19
C GLN E 255 4.52 -38.87 2.64
N ASN E 256 5.23 -39.52 3.58
CA ASN E 256 5.12 -39.21 5.02
C ASN E 256 6.06 -38.08 5.37
N TYR E 257 6.47 -37.33 4.34
CA TYR E 257 7.58 -36.40 4.45
C TYR E 257 7.26 -35.02 3.89
N THR E 258 7.47 -34.00 4.71
CA THR E 258 7.21 -32.63 4.29
C THR E 258 8.33 -31.71 4.74
N CYS E 259 8.80 -30.90 3.80
CA CYS E 259 9.75 -29.82 4.04
C CYS E 259 9.00 -28.47 4.27
N ARG E 260 9.46 -27.70 5.25
CA ARG E 260 8.93 -26.38 5.53
C ARG E 260 10.02 -25.37 5.16
N VAL E 261 9.63 -24.18 4.72
CA VAL E 261 10.57 -23.12 4.37
C VAL E 261 10.15 -21.80 5.08
N TYR E 262 10.98 -21.34 6.03
CA TYR E 262 10.66 -20.11 6.79
C TYR E 262 11.53 -18.99 6.27
N HIS E 263 10.87 -17.92 5.85
CA HIS E 263 11.54 -16.75 5.29
C HIS E 263 10.77 -15.42 5.49
N GLU E 264 11.47 -14.35 5.86
CA GLU E 264 10.78 -13.11 6.23
C GLU E 264 9.93 -12.57 5.07
N GLY E 265 10.22 -13.03 3.87
CA GLY E 265 9.57 -12.55 2.67
C GLY E 265 8.29 -13.27 2.33
N LEU E 266 8.01 -14.36 3.06
CA LEU E 266 6.81 -15.18 2.91
C LEU E 266 5.60 -14.62 3.66
N PRO E 267 4.39 -14.82 3.09
CA PRO E 267 3.14 -14.64 3.85
C PRO E 267 3.15 -15.50 5.11
N GLU E 268 3.37 -16.78 4.91
CA GLU E 268 3.54 -17.74 6.01
C GLU E 268 4.36 -18.91 5.44
N PRO E 269 4.94 -19.74 6.32
CA PRO E 269 5.96 -20.69 5.82
C PRO E 269 5.41 -21.62 4.75
N LEU E 270 6.25 -22.02 3.79
CA LEU E 270 5.85 -22.96 2.72
C LEU E 270 5.84 -24.40 3.21
N THR E 271 4.85 -25.16 2.78
CA THR E 271 4.80 -26.60 3.01
C THR E 271 4.95 -27.29 1.65
N LEU E 272 5.76 -28.35 1.60
CA LEU E 272 6.29 -28.85 0.34
C LEU E 272 6.58 -30.32 0.45
N ARG E 273 6.17 -31.10 -0.55
CA ARG E 273 6.56 -32.53 -0.60
C ARG E 273 6.93 -33.03 -2.03
N TRP E 274 7.54 -34.21 -2.13
CA TRP E 274 8.04 -34.76 -3.40
C TRP E 274 6.87 -35.09 -4.31
N GLU E 275 6.86 -34.52 -5.52
CA GLU E 275 5.75 -34.73 -6.45
C GLU E 275 6.23 -35.37 -7.76
N PRO E 276 6.23 -36.71 -7.81
CA PRO E 276 6.64 -37.47 -8.99
C PRO E 276 5.83 -37.08 -10.23
N ILE F 1 46.23 -16.67 14.51
CA ILE F 1 45.97 -18.12 14.18
C ILE F 1 44.95 -18.31 13.02
N GLN F 2 44.93 -19.51 12.43
CA GLN F 2 44.33 -19.72 11.10
C GLN F 2 42.93 -20.31 11.14
N LYS F 3 42.08 -19.93 10.20
CA LYS F 3 40.80 -20.62 10.07
C LYS F 3 40.74 -21.24 8.67
N THR F 4 40.39 -22.54 8.61
CA THR F 4 40.36 -23.23 7.32
C THR F 4 39.05 -23.07 6.54
N PRO F 5 39.21 -22.74 5.26
CA PRO F 5 38.11 -22.38 4.32
C PRO F 5 37.10 -23.48 4.23
N GLN F 6 35.80 -23.14 4.30
CA GLN F 6 34.72 -23.99 3.86
C GLN F 6 34.47 -23.65 2.41
N ILE F 7 34.21 -24.67 1.59
CA ILE F 7 34.21 -24.51 0.17
C ILE F 7 32.92 -25.10 -0.37
N GLN F 8 32.17 -24.35 -1.14
CA GLN F 8 31.08 -24.95 -1.95
C GLN F 8 31.23 -24.66 -3.45
N VAL F 9 30.80 -25.61 -4.30
CA VAL F 9 30.99 -25.48 -5.71
C VAL F 9 29.68 -25.86 -6.31
N TYR F 10 29.14 -25.02 -7.21
CA TYR F 10 27.74 -25.16 -7.56
C TYR F 10 27.37 -24.16 -8.67
N SER F 11 26.27 -24.42 -9.38
CA SER F 11 26.00 -23.61 -10.58
C SER F 11 25.06 -22.46 -10.20
N ARG F 12 25.18 -21.31 -10.88
CA ARG F 12 24.19 -20.20 -10.74
C ARG F 12 22.80 -20.68 -11.04
N HIS F 13 22.59 -21.23 -12.26
CA HIS F 13 21.28 -21.73 -12.70
C HIS F 13 21.22 -23.22 -12.79
N PRO F 14 20.01 -23.78 -12.70
CA PRO F 14 20.00 -25.23 -12.67
C PRO F 14 20.75 -25.73 -13.89
N PRO F 15 21.60 -26.76 -13.71
CA PRO F 15 22.51 -27.20 -14.76
C PRO F 15 21.75 -27.94 -15.85
N GLU F 16 22.12 -27.73 -17.10
CA GLU F 16 21.55 -28.47 -18.24
C GLU F 16 22.61 -28.63 -19.32
N ASN F 17 23.02 -29.85 -19.61
CA ASN F 17 24.07 -30.09 -20.58
C ASN F 17 23.83 -29.38 -21.87
N GLY F 18 24.87 -28.74 -22.38
CA GLY F 18 24.83 -27.97 -23.60
C GLY F 18 24.50 -26.50 -23.36
N LYS F 19 24.03 -26.16 -22.16
CA LYS F 19 23.61 -24.81 -21.84
C LYS F 19 24.71 -24.02 -21.10
N PRO F 20 25.16 -22.92 -21.73
CA PRO F 20 26.10 -22.05 -21.04
C PRO F 20 25.50 -21.68 -19.69
N ASN F 21 26.35 -21.51 -18.66
CA ASN F 21 25.88 -21.32 -17.28
C ASN F 21 27.02 -20.61 -16.59
N ILE F 22 26.91 -20.45 -15.27
CA ILE F 22 27.97 -19.92 -14.44
C ILE F 22 28.30 -20.89 -13.31
N LEU F 23 29.59 -21.07 -13.04
CA LEU F 23 30.03 -22.01 -12.02
C LEU F 23 30.64 -21.19 -10.89
N ASN F 24 30.11 -21.37 -9.67
CA ASN F 24 30.54 -20.67 -8.45
C ASN F 24 31.40 -21.59 -7.55
N CYS F 25 32.40 -21.01 -6.89
CA CYS F 25 33.16 -21.67 -5.82
C CYS F 25 33.14 -20.64 -4.73
N TYR F 26 32.28 -20.85 -3.75
CA TYR F 26 32.13 -19.95 -2.60
C TYR F 26 33.01 -20.39 -1.46
N VAL F 27 33.99 -19.56 -1.03
CA VAL F 27 34.94 -19.97 -0.01
C VAL F 27 34.79 -19.12 1.27
N THR F 28 34.57 -19.74 2.44
CA THR F 28 34.10 -18.95 3.63
C THR F 28 34.92 -19.33 4.87
N GLN F 29 34.85 -18.54 5.95
CA GLN F 29 35.41 -18.89 7.25
C GLN F 29 36.88 -19.04 7.26
N PHE F 30 37.60 -18.34 6.38
CA PHE F 30 39.05 -18.36 6.43
C PHE F 30 39.72 -17.13 6.97
N HIS F 31 40.93 -17.36 7.49
CA HIS F 31 41.77 -16.34 8.06
C HIS F 31 43.18 -16.85 8.17
N PRO F 32 44.17 -16.06 7.78
CA PRO F 32 44.11 -14.68 7.26
C PRO F 32 43.44 -14.59 5.88
N PRO F 33 43.19 -13.36 5.42
CA PRO F 33 42.42 -13.05 4.19
C PRO F 33 43.19 -13.38 2.88
N HIS F 34 44.52 -13.55 2.93
CA HIS F 34 45.27 -14.00 1.75
C HIS F 34 44.88 -15.45 1.34
N ILE F 35 44.61 -15.72 0.05
CA ILE F 35 44.13 -17.05 -0.36
C ILE F 35 44.24 -17.19 -1.86
N GLU F 36 44.35 -18.44 -2.35
CA GLU F 36 44.41 -18.75 -3.79
C GLU F 36 43.30 -19.72 -4.16
N ILE F 37 42.45 -19.31 -5.05
CA ILE F 37 41.35 -20.16 -5.43
C ILE F 37 41.48 -20.39 -6.91
N GLN F 38 41.60 -21.64 -7.35
CA GLN F 38 41.52 -21.96 -8.80
C GLN F 38 40.33 -22.82 -9.11
N MET F 39 39.79 -22.68 -10.30
CA MET F 39 38.75 -23.57 -10.78
C MET F 39 39.27 -24.43 -11.95
N LEU F 40 39.05 -25.75 -11.88
CA LEU F 40 39.63 -26.69 -12.82
C LEU F 40 38.55 -27.27 -13.71
N LYS F 41 38.94 -27.57 -14.93
CA LYS F 41 38.12 -28.29 -15.84
C LYS F 41 38.99 -29.53 -16.18
N ASN F 42 38.42 -30.71 -15.91
CA ASN F 42 39.17 -31.91 -16.11
C ASN F 42 40.59 -31.81 -15.58
N GLY F 43 40.73 -31.26 -14.38
CA GLY F 43 41.99 -31.28 -13.69
C GLY F 43 42.93 -30.15 -14.05
N LYS F 44 42.64 -29.39 -15.12
CA LYS F 44 43.46 -28.20 -15.52
C LYS F 44 42.87 -26.79 -15.24
N LYS F 45 43.65 -25.89 -14.59
CA LYS F 45 43.24 -24.47 -14.36
C LYS F 45 42.36 -23.89 -15.48
N ILE F 46 41.19 -23.33 -15.14
CA ILE F 46 40.27 -22.69 -16.08
C ILE F 46 40.85 -21.28 -16.28
N PRO F 47 40.96 -20.84 -17.55
CA PRO F 47 41.82 -19.75 -18.00
C PRO F 47 41.63 -18.47 -17.22
N LYS F 48 40.40 -18.00 -17.05
CA LYS F 48 40.28 -16.86 -16.13
C LYS F 48 38.96 -16.67 -15.44
N VAL F 49 39.11 -16.55 -14.14
CA VAL F 49 38.06 -16.79 -13.21
C VAL F 49 37.73 -15.48 -12.49
N GLU F 50 36.46 -15.10 -12.41
CA GLU F 50 36.08 -13.88 -11.65
C GLU F 50 36.21 -14.07 -10.13
N MET F 51 36.66 -13.03 -9.46
CA MET F 51 36.93 -13.10 -8.05
C MET F 51 36.24 -11.90 -7.34
N SER F 52 35.36 -12.12 -6.35
CA SER F 52 34.68 -10.98 -5.66
C SER F 52 35.73 -10.20 -4.82
N ASP F 53 35.39 -8.99 -4.34
CA ASP F 53 36.30 -8.21 -3.48
C ASP F 53 36.28 -8.67 -2.02
N MET F 54 37.41 -8.45 -1.34
CA MET F 54 37.63 -8.80 0.08
C MET F 54 36.42 -8.40 0.92
N SER F 55 35.83 -9.38 1.61
CA SER F 55 34.70 -9.12 2.49
C SER F 55 34.75 -9.99 3.72
N PHE F 56 34.23 -9.51 4.87
CA PHE F 56 34.31 -10.37 6.07
C PHE F 56 33.02 -10.37 6.82
N SER F 57 32.78 -11.43 7.64
CA SER F 57 31.49 -11.65 8.27
C SER F 57 31.58 -11.14 9.70
N LYS F 58 30.43 -11.13 10.39
CA LYS F 58 30.43 -10.51 11.69
C LYS F 58 31.20 -11.33 12.71
N ASP F 59 31.62 -12.55 12.37
CA ASP F 59 32.51 -13.33 13.28
C ASP F 59 33.90 -13.14 12.88
N TRP F 60 34.15 -12.22 11.92
CA TRP F 60 35.47 -11.73 11.57
C TRP F 60 36.15 -12.54 10.49
N SER F 61 35.63 -13.70 10.14
CA SER F 61 36.22 -14.52 9.10
C SER F 61 35.97 -13.92 7.72
N PHE F 62 36.88 -14.13 6.78
CA PHE F 62 36.66 -13.63 5.41
C PHE F 62 35.99 -14.65 4.50
N TYR F 63 35.48 -14.20 3.37
CA TYR F 63 34.78 -15.05 2.40
C TYR F 63 34.95 -14.51 0.98
N ILE F 64 34.94 -15.38 -0.02
CA ILE F 64 35.09 -14.94 -1.39
C ILE F 64 34.20 -15.80 -2.23
N LEU F 65 33.64 -15.23 -3.26
CA LEU F 65 32.96 -16.02 -4.27
C LEU F 65 33.82 -15.91 -5.52
N ALA F 66 34.28 -17.07 -5.98
CA ALA F 66 34.92 -17.13 -7.31
C ALA F 66 33.90 -17.68 -8.25
N HIS F 67 33.93 -17.26 -9.52
CA HIS F 67 33.02 -17.82 -10.51
C HIS F 67 33.53 -17.64 -11.95
N THR F 68 33.04 -18.49 -12.84
CA THR F 68 33.49 -18.52 -14.22
C THR F 68 32.36 -19.11 -15.10
N GLU F 69 32.32 -18.73 -16.37
CA GLU F 69 31.25 -19.18 -17.28
C GLU F 69 31.63 -20.58 -17.64
N PHE F 70 30.68 -21.46 -17.97
CA PHE F 70 31.03 -22.84 -18.36
C PHE F 70 29.81 -23.47 -18.94
N THR F 71 29.99 -24.56 -19.69
CA THR F 71 28.88 -25.32 -20.21
C THR F 71 28.92 -26.76 -19.64
N PRO F 72 27.93 -27.12 -18.81
CA PRO F 72 28.13 -28.47 -18.29
C PRO F 72 27.98 -29.44 -19.40
N THR F 73 28.72 -30.56 -19.36
CA THR F 73 28.50 -31.69 -20.23
C THR F 73 28.43 -32.98 -19.44
N GLU F 74 28.02 -34.03 -20.13
CA GLU F 74 27.93 -35.34 -19.45
C GLU F 74 29.24 -35.85 -18.87
N THR F 75 30.34 -35.52 -19.51
CA THR F 75 31.59 -36.24 -19.30
C THR F 75 32.73 -35.47 -18.57
N ASP F 76 32.79 -34.16 -18.77
CA ASP F 76 33.74 -33.27 -18.07
C ASP F 76 33.30 -33.07 -16.65
N THR F 77 34.29 -32.85 -15.80
CA THR F 77 34.02 -32.67 -14.43
C THR F 77 34.72 -31.38 -14.01
N TYR F 78 34.08 -30.63 -13.15
CA TYR F 78 34.67 -29.36 -12.70
C TYR F 78 34.98 -29.37 -11.27
N ALA F 79 35.92 -28.52 -10.86
CA ALA F 79 36.29 -28.50 -9.48
C ALA F 79 36.77 -27.15 -9.10
N CYS F 80 36.79 -26.94 -7.80
CA CYS F 80 37.54 -25.84 -7.24
C CYS F 80 38.65 -26.32 -6.28
N ARG F 81 39.79 -25.62 -6.23
CA ARG F 81 40.96 -26.03 -5.52
C ARG F 81 41.45 -24.82 -4.80
N VAL F 82 41.51 -24.90 -3.47
CA VAL F 82 41.79 -23.73 -2.64
C VAL F 82 43.09 -23.90 -1.93
N LYS F 83 43.98 -22.92 -2.02
CA LYS F 83 45.23 -22.97 -1.29
C LYS F 83 45.23 -21.90 -0.24
N HIS F 84 45.63 -22.23 0.97
CA HIS F 84 45.53 -21.28 2.05
C HIS F 84 46.50 -21.65 3.14
N ASP F 85 47.01 -20.67 3.89
CA ASP F 85 48.05 -20.94 4.88
C ASP F 85 47.58 -21.88 5.96
N SER F 86 46.28 -22.17 6.01
CA SER F 86 45.76 -23.01 7.08
C SER F 86 45.84 -24.50 6.72
N MET F 87 46.17 -24.77 5.47
CA MET F 87 46.15 -26.11 4.95
C MET F 87 47.54 -26.45 4.44
N ALA F 88 48.03 -27.60 4.89
CA ALA F 88 49.31 -28.09 4.42
C ALA F 88 49.27 -28.25 2.93
N GLU F 89 48.25 -28.93 2.44
CA GLU F 89 48.09 -29.10 1.01
C GLU F 89 46.82 -28.42 0.52
N PRO F 90 46.73 -28.17 -0.75
CA PRO F 90 45.56 -27.52 -1.32
C PRO F 90 44.34 -28.35 -1.22
N LYS F 91 43.19 -27.77 -0.89
CA LYS F 91 41.99 -28.60 -0.82
C LYS F 91 41.12 -28.47 -2.08
N THR F 92 40.64 -29.59 -2.60
CA THR F 92 39.95 -29.65 -3.88
C THR F 92 38.52 -30.15 -3.65
N VAL F 93 37.57 -29.44 -4.20
CA VAL F 93 36.19 -29.87 -4.11
C VAL F 93 35.61 -29.97 -5.51
N TYR F 94 34.91 -31.08 -5.74
CA TYR F 94 34.40 -31.44 -7.10
C TYR F 94 32.96 -30.98 -7.23
N TRP F 95 32.64 -30.35 -8.36
CA TRP F 95 31.26 -30.00 -8.65
C TRP F 95 30.30 -31.19 -8.70
N ASP F 96 29.19 -31.11 -8.00
CA ASP F 96 28.15 -32.15 -8.13
C ASP F 96 26.79 -31.49 -8.54
N ARG F 97 26.36 -31.71 -9.78
CA ARG F 97 25.08 -31.22 -10.28
C ARG F 97 23.85 -31.41 -9.36
N ASP F 98 23.89 -32.38 -8.46
CA ASP F 98 22.78 -32.58 -7.52
C ASP F 98 22.96 -31.78 -6.24
N MET F 99 23.92 -30.88 -6.27
CA MET F 99 24.20 -30.14 -5.09
C MET F 99 24.58 -28.70 -5.34
N GLY G 1 6.46 -9.01 9.17
CA GLY G 1 6.38 -8.50 10.58
C GLY G 1 6.39 -9.62 11.62
N PRO G 2 6.89 -9.33 12.83
CA PRO G 2 6.94 -10.32 13.93
C PRO G 2 5.56 -10.53 14.52
N HIS G 3 5.38 -11.55 15.35
CA HIS G 3 4.10 -11.81 16.02
C HIS G 3 4.32 -12.31 17.45
N SER G 4 3.25 -12.37 18.23
CA SER G 4 3.35 -12.82 19.59
C SER G 4 2.01 -13.25 20.15
N MET G 5 2.03 -14.15 21.13
CA MET G 5 0.86 -14.51 21.93
C MET G 5 1.21 -14.45 23.41
N ARG G 6 0.26 -14.02 24.24
CA ARG G 6 0.47 -13.97 25.68
C ARG G 6 -0.80 -14.46 26.42
N TYR G 7 -0.62 -15.14 27.56
CA TYR G 7 -1.69 -15.32 28.55
C TYR G 7 -1.27 -14.64 29.90
N PHE G 8 -2.15 -13.76 30.39
CA PHE G 8 -1.90 -12.96 31.56
C PHE G 8 -2.92 -13.48 32.55
N GLU G 9 -2.46 -14.01 33.66
CA GLU G 9 -3.34 -14.72 34.56
C GLU G 9 -3.13 -14.16 35.95
N THR G 10 -4.18 -14.10 36.72
CA THR G 10 -4.13 -13.40 37.98
C THR G 10 -5.06 -14.05 38.90
N ALA G 11 -4.60 -14.26 40.11
CA ALA G 11 -5.59 -14.56 41.15
C ALA G 11 -5.37 -13.63 42.28
N VAL G 12 -6.47 -13.19 42.89
CA VAL G 12 -6.45 -12.22 43.87
C VAL G 12 -7.28 -12.70 45.03
N SER G 13 -6.81 -12.48 46.24
CA SER G 13 -7.62 -12.74 47.42
C SER G 13 -7.73 -11.48 48.32
N ARG G 14 -8.75 -11.44 49.19
CA ARG G 14 -9.11 -10.31 50.09
C ARG G 14 -9.63 -10.78 51.45
N PRO G 15 -9.44 -10.00 52.54
CA PRO G 15 -9.78 -10.47 53.90
C PRO G 15 -11.23 -10.92 54.13
N GLY G 16 -12.14 -10.55 53.22
CA GLY G 16 -13.51 -11.01 53.27
C GLY G 16 -13.70 -12.36 52.62
N LEU G 17 -13.46 -12.42 51.32
CA LEU G 17 -13.81 -13.59 50.50
C LEU G 17 -13.40 -14.93 51.12
N GLU G 18 -14.08 -16.00 50.71
CA GLU G 18 -13.64 -17.35 51.07
C GLU G 18 -12.42 -17.69 50.19
N GLU G 19 -12.65 -17.97 48.91
CA GLU G 19 -11.54 -18.24 48.00
C GLU G 19 -11.24 -17.05 47.01
N PRO G 20 -10.07 -17.10 46.36
CA PRO G 20 -9.60 -16.02 45.51
C PRO G 20 -10.43 -15.92 44.23
N ARG G 21 -10.29 -14.84 43.50
CA ARG G 21 -10.88 -14.71 42.19
C ARG G 21 -9.78 -14.88 41.13
N TYR G 22 -10.11 -15.47 39.98
CA TYR G 22 -9.06 -15.97 39.08
C TYR G 22 -9.42 -15.47 37.71
N ILE G 23 -8.55 -14.65 37.14
CA ILE G 23 -8.78 -14.13 35.83
C ILE G 23 -7.68 -14.43 34.85
N SER G 24 -8.07 -14.81 33.64
CA SER G 24 -7.16 -15.06 32.54
C SER G 24 -7.47 -14.30 31.27
N VAL G 25 -6.45 -13.70 30.69
CA VAL G 25 -6.60 -12.92 29.47
C VAL G 25 -5.51 -13.28 28.50
N GLY G 26 -5.94 -13.60 27.29
CA GLY G 26 -5.03 -13.96 26.22
C GLY G 26 -4.97 -12.91 25.12
N TYR G 27 -3.77 -12.55 24.70
CA TYR G 27 -3.60 -11.61 23.62
C TYR G 27 -2.95 -12.31 22.42
N VAL G 28 -3.27 -11.82 21.22
CA VAL G 28 -2.50 -12.08 20.01
C VAL G 28 -1.98 -10.72 19.48
N ASP G 29 -0.68 -10.60 19.29
CA ASP G 29 -0.12 -9.32 18.88
C ASP G 29 -0.72 -8.21 19.73
N ASN G 30 -0.74 -8.44 21.05
CA ASN G 30 -0.99 -7.40 22.08
C ASN G 30 -2.42 -6.83 22.11
N LYS G 31 -3.29 -7.41 21.29
CA LYS G 31 -4.73 -7.22 21.36
C LYS G 31 -5.39 -8.45 22.02
N GLU G 32 -6.26 -8.19 23.01
CA GLU G 32 -7.03 -9.22 23.73
C GLU G 32 -8.00 -10.04 22.82
N PHE G 33 -7.84 -11.37 22.81
CA PHE G 33 -8.72 -12.26 22.02
C PHE G 33 -9.53 -13.31 22.84
N VAL G 34 -9.10 -13.65 24.05
CA VAL G 34 -9.93 -14.53 24.88
C VAL G 34 -9.89 -14.12 26.34
N ARG G 35 -10.85 -14.60 27.15
CA ARG G 35 -10.79 -14.26 28.57
C ARG G 35 -11.74 -15.05 29.42
N PHE G 36 -11.29 -15.33 30.64
CA PHE G 36 -12.02 -16.13 31.63
C PHE G 36 -11.94 -15.42 33.00
N ASP G 37 -13.05 -15.44 33.72
CA ASP G 37 -13.18 -14.67 34.95
C ASP G 37 -14.10 -15.47 35.83
N SER G 38 -13.60 -15.84 36.99
CA SER G 38 -14.28 -16.76 37.91
C SER G 38 -15.39 -16.10 38.65
N ASP G 39 -15.53 -14.81 38.47
CA ASP G 39 -16.65 -14.12 39.12
C ASP G 39 -17.93 -14.25 38.33
N ALA G 40 -17.81 -14.69 37.09
CA ALA G 40 -18.96 -14.75 36.22
C ALA G 40 -19.93 -15.81 36.74
N GLU G 41 -21.21 -15.55 36.54
CA GLU G 41 -22.23 -16.55 36.75
C GLU G 41 -21.80 -17.88 36.13
N ASN G 42 -21.61 -17.90 34.81
CA ASN G 42 -21.22 -19.14 34.14
C ASN G 42 -19.79 -19.06 33.63
N PRO G 43 -18.82 -19.45 34.47
CA PRO G 43 -17.44 -19.12 34.08
C PRO G 43 -16.97 -19.91 32.87
N ARG G 44 -16.51 -19.21 31.83
CA ARG G 44 -15.96 -19.86 30.62
C ARG G 44 -14.99 -18.93 29.89
N TYR G 45 -14.08 -19.50 29.12
CA TYR G 45 -13.32 -18.67 28.19
C TYR G 45 -14.26 -18.17 27.09
N GLU G 46 -14.30 -16.86 26.88
CA GLU G 46 -15.19 -16.23 25.92
C GLU G 46 -14.37 -15.60 24.80
N PRO G 47 -14.89 -15.67 23.57
CA PRO G 47 -14.17 -14.98 22.51
C PRO G 47 -14.21 -13.47 22.80
N ARG G 48 -13.21 -12.74 22.31
CA ARG G 48 -13.08 -11.31 22.57
C ARG G 48 -12.68 -10.56 21.31
N ALA G 49 -12.61 -11.29 20.20
CA ALA G 49 -12.52 -10.72 18.86
C ALA G 49 -13.52 -11.43 17.97
N PRO G 50 -14.04 -10.70 16.97
CA PRO G 50 -15.00 -11.31 16.06
C PRO G 50 -14.45 -12.66 15.61
N TRP G 51 -13.16 -12.68 15.25
CA TRP G 51 -12.53 -13.79 14.52
C TRP G 51 -12.36 -15.08 15.29
N MET G 52 -12.46 -15.02 16.61
CA MET G 52 -12.37 -16.22 17.43
C MET G 52 -13.66 -17.02 17.49
N GLU G 53 -14.78 -16.41 17.09
CA GLU G 53 -16.05 -17.13 17.03
C GLU G 53 -15.95 -18.39 16.16
N GLN G 54 -15.01 -18.41 15.21
CA GLN G 54 -14.69 -19.61 14.45
C GLN G 54 -14.63 -20.83 15.35
N GLU G 55 -13.75 -20.78 16.35
CA GLU G 55 -13.55 -21.96 17.18
C GLU G 55 -14.93 -22.50 17.57
N GLY G 56 -15.00 -23.80 17.79
CA GLY G 56 -16.28 -24.48 17.94
C GLY G 56 -16.61 -24.85 19.36
N PRO G 57 -17.50 -25.84 19.54
CA PRO G 57 -17.85 -26.11 20.93
C PRO G 57 -16.68 -26.73 21.70
N GLU G 58 -15.87 -27.59 21.07
CA GLU G 58 -14.88 -28.34 21.84
C GLU G 58 -13.79 -27.40 22.35
N TYR G 59 -13.45 -26.41 21.55
CA TYR G 59 -12.37 -25.50 21.89
C TYR G 59 -12.65 -24.77 23.20
N TRP G 60 -13.82 -24.15 23.27
CA TRP G 60 -14.23 -23.39 24.46
C TRP G 60 -14.42 -24.28 25.65
N GLU G 61 -14.99 -25.45 25.42
CA GLU G 61 -15.06 -26.47 26.49
C GLU G 61 -13.72 -26.78 27.11
N ARG G 62 -12.75 -27.12 26.29
CA ARG G 62 -11.49 -27.64 26.78
C ARG G 62 -10.64 -26.51 27.36
N GLU G 63 -10.73 -25.32 26.78
CA GLU G 63 -9.97 -24.21 27.33
C GLU G 63 -10.61 -23.82 28.67
N THR G 64 -11.94 -23.89 28.74
CA THR G 64 -12.68 -23.58 29.97
C THR G 64 -12.20 -24.54 31.06
N GLN G 65 -11.96 -25.79 30.68
CA GLN G 65 -11.59 -26.77 31.68
C GLN G 65 -10.18 -26.48 32.14
N LYS G 66 -9.32 -26.08 31.21
CA LYS G 66 -7.94 -25.75 31.54
C LYS G 66 -7.98 -24.60 32.53
N ALA G 67 -8.95 -23.71 32.35
CA ALA G 67 -9.07 -22.54 33.25
C ALA G 67 -9.41 -22.96 34.69
N LYS G 68 -10.34 -23.85 34.83
CA LYS G 68 -10.66 -24.29 36.16
C LYS G 68 -9.44 -25.00 36.78
N GLY G 69 -8.55 -25.55 35.95
CA GLY G 69 -7.33 -26.19 36.45
C GLY G 69 -6.33 -25.15 36.97
N GLN G 70 -6.09 -24.09 36.19
CA GLN G 70 -5.25 -23.02 36.68
C GLN G 70 -5.82 -22.48 38.00
N GLU G 71 -7.12 -22.28 38.07
CA GLU G 71 -7.69 -21.60 39.23
C GLU G 71 -7.26 -22.31 40.51
N GLN G 72 -7.34 -23.65 40.51
CA GLN G 72 -6.93 -24.41 41.67
C GLN G 72 -5.45 -24.35 41.88
N TRP G 73 -4.66 -24.40 40.81
CA TRP G 73 -3.21 -24.22 40.93
C TRP G 73 -2.87 -22.85 41.61
N PHE G 74 -3.46 -21.77 41.08
CA PHE G 74 -3.29 -20.46 41.69
C PHE G 74 -3.79 -20.49 43.11
N ARG G 75 -4.93 -21.13 43.39
CA ARG G 75 -5.40 -21.17 44.77
C ARG G 75 -4.38 -21.83 45.71
N VAL G 76 -3.84 -22.99 45.32
CA VAL G 76 -2.92 -23.70 46.21
C VAL G 76 -1.64 -22.85 46.25
N SER G 77 -1.28 -22.30 45.09
CA SER G 77 -0.06 -21.46 45.08
C SER G 77 -0.21 -20.27 46.06
N LEU G 78 -1.38 -19.64 46.09
CA LEU G 78 -1.57 -18.46 46.96
C LEU G 78 -1.35 -18.90 48.41
N ARG G 79 -1.97 -20.03 48.80
CA ARG G 79 -1.81 -20.58 50.16
C ARG G 79 -0.36 -20.92 50.53
N ASN G 80 0.42 -21.48 49.60
CA ASN G 80 1.81 -21.80 49.91
C ASN G 80 2.58 -20.48 50.12
N LEU G 81 2.33 -19.49 49.26
CA LEU G 81 3.09 -18.21 49.34
C LEU G 81 2.94 -17.58 50.73
N LEU G 82 1.74 -17.66 51.26
CA LEU G 82 1.40 -17.03 52.49
C LEU G 82 2.30 -17.57 53.58
N GLY G 83 2.57 -18.87 53.55
CA GLY G 83 3.50 -19.47 54.53
C GLY G 83 4.98 -19.15 54.28
N TYR G 84 5.40 -19.20 53.01
CA TYR G 84 6.72 -18.76 52.65
C TYR G 84 7.00 -17.38 53.23
N TYR G 85 6.06 -16.44 53.20
CA TYR G 85 6.42 -15.08 53.65
C TYR G 85 5.99 -14.79 55.04
N ASN G 86 5.55 -15.82 55.77
CA ASN G 86 5.09 -15.66 57.15
C ASN G 86 4.06 -14.50 57.33
N GLN G 87 3.19 -14.37 56.33
CA GLN G 87 2.15 -13.36 56.25
C GLN G 87 0.99 -14.03 56.92
N SER G 88 0.23 -13.31 57.70
CA SER G 88 -0.88 -14.04 58.23
C SER G 88 -2.15 -13.88 57.37
N ALA G 89 -3.07 -14.80 57.56
CA ALA G 89 -4.45 -14.61 57.11
C ALA G 89 -4.92 -13.22 57.56
N GLY G 90 -5.76 -12.57 56.76
CA GLY G 90 -6.17 -11.23 57.08
C GLY G 90 -5.71 -10.14 56.14
N GLY G 91 -5.11 -10.48 55.00
CA GLY G 91 -4.62 -9.46 54.08
C GLY G 91 -5.15 -9.56 52.65
N SER G 92 -4.80 -8.60 51.77
CA SER G 92 -4.97 -8.81 50.33
C SER G 92 -3.66 -9.32 49.74
N HIS G 93 -3.73 -10.26 48.75
CA HIS G 93 -2.60 -10.80 48.05
C HIS G 93 -2.93 -11.09 46.60
N THR G 94 -1.90 -11.11 45.77
CA THR G 94 -2.03 -11.23 44.34
C THR G 94 -0.97 -12.15 43.80
N LEU G 95 -1.30 -12.98 42.81
CA LEU G 95 -0.33 -13.86 42.21
C LEU G 95 -0.60 -13.68 40.76
N GLN G 96 0.41 -13.31 39.98
CA GLN G 96 0.21 -13.00 38.57
C GLN G 96 1.12 -13.85 37.69
N GLN G 97 0.66 -14.19 36.49
CA GLN G 97 1.58 -14.89 35.56
C GLN G 97 1.43 -14.31 34.16
N MET G 98 2.56 -14.20 33.46
CA MET G 98 2.54 -13.92 32.04
C MET G 98 3.25 -15.12 31.43
N SER G 99 2.72 -15.67 30.34
CA SER G 99 3.41 -16.74 29.59
C SER G 99 3.26 -16.44 28.14
N GLY G 100 4.19 -16.92 27.32
CA GLY G 100 3.88 -17.01 25.90
C GLY G 100 5.09 -17.04 24.98
N CYS G 101 4.83 -16.78 23.68
CA CYS G 101 5.88 -16.79 22.66
C CYS G 101 5.86 -15.60 21.70
N ASP G 102 7.04 -15.35 21.13
CA ASP G 102 7.24 -14.30 20.10
C ASP G 102 7.81 -15.04 18.92
N LEU G 103 7.24 -14.81 17.73
CA LEU G 103 7.83 -15.28 16.47
C LEU G 103 8.50 -14.11 15.73
N GLY G 104 9.50 -14.46 14.92
CA GLY G 104 10.15 -13.53 14.05
C GLY G 104 9.26 -13.39 12.83
N SER G 105 9.63 -12.51 11.91
CA SER G 105 8.81 -12.34 10.73
C SER G 105 8.90 -13.59 9.86
N ASP G 106 9.82 -14.50 10.18
CA ASP G 106 9.90 -15.76 9.46
C ASP G 106 8.90 -16.81 10.02
N TRP G 107 8.10 -16.38 11.02
CA TRP G 107 7.10 -17.22 11.73
C TRP G 107 7.71 -18.25 12.76
N ARG G 108 9.02 -18.17 12.97
CA ARG G 108 9.77 -19.11 13.82
C ARG G 108 9.99 -18.62 15.25
N LEU G 109 9.76 -19.47 16.25
CA LEU G 109 9.97 -19.06 17.64
C LEU G 109 11.25 -18.25 17.81
N LEU G 110 11.15 -17.13 18.51
CA LEU G 110 12.28 -16.22 18.71
C LEU G 110 12.60 -16.26 20.22
N ARG G 111 11.55 -16.38 21.02
CA ARG G 111 11.68 -16.32 22.47
C ARG G 111 10.40 -16.78 23.15
N GLY G 112 10.54 -17.61 24.19
CA GLY G 112 9.44 -17.95 25.08
C GLY G 112 9.49 -17.18 26.38
N TYR G 113 8.33 -17.03 27.07
CA TYR G 113 8.15 -16.22 28.30
C TYR G 113 7.38 -16.98 29.35
N LEU G 114 7.87 -16.98 30.58
CA LEU G 114 7.06 -17.48 31.69
C LEU G 114 7.60 -16.69 32.83
N GLN G 115 6.76 -15.91 33.49
CA GLN G 115 7.20 -15.23 34.72
C GLN G 115 6.05 -15.09 35.64
N PHE G 116 6.36 -14.86 36.89
CA PHE G 116 5.34 -14.84 37.91
C PHE G 116 5.65 -13.72 38.86
N ALA G 117 4.60 -13.14 39.41
CA ALA G 117 4.75 -12.08 40.40
C ALA G 117 3.87 -12.37 41.59
N TYR G 118 4.42 -12.11 42.74
CA TYR G 118 3.64 -12.16 43.96
C TYR G 118 3.56 -10.74 44.58
N GLU G 119 2.35 -10.24 44.84
CA GLU G 119 2.17 -8.87 45.38
C GLU G 119 2.69 -7.84 44.38
N GLY G 120 2.52 -8.10 43.10
CA GLY G 120 2.98 -7.17 42.10
C GLY G 120 4.49 -7.05 41.94
N ARG G 121 5.27 -7.96 42.58
CA ARG G 121 6.73 -8.00 42.48
C ARG G 121 7.31 -9.32 41.88
N ASP G 122 8.46 -9.24 41.21
CA ASP G 122 9.09 -10.40 40.54
C ASP G 122 9.23 -11.49 41.61
N TYR G 123 8.59 -12.63 41.38
CA TYR G 123 8.83 -13.77 42.28
C TYR G 123 9.76 -14.87 41.61
N ILE G 124 9.41 -15.41 40.43
CA ILE G 124 10.32 -16.28 39.74
C ILE G 124 10.00 -16.16 38.28
N ALA G 125 10.97 -16.37 37.40
CA ALA G 125 10.76 -16.32 35.96
C ALA G 125 11.64 -17.35 35.33
N LEU G 126 11.18 -17.93 34.22
CA LEU G 126 11.99 -18.80 33.39
C LEU G 126 12.97 -18.02 32.54
N ASN G 127 14.24 -18.38 32.55
CA ASN G 127 15.21 -17.66 31.73
C ASN G 127 15.02 -17.91 30.22
N GLU G 128 15.64 -17.07 29.39
CA GLU G 128 15.47 -17.19 27.95
C GLU G 128 16.04 -18.58 27.48
N ASP G 129 17.03 -19.14 28.16
CA ASP G 129 17.42 -20.54 27.85
C ASP G 129 16.28 -21.57 27.99
N LEU G 130 15.19 -21.15 28.64
CA LEU G 130 14.06 -22.01 28.96
C LEU G 130 14.49 -23.28 29.66
N LYS G 131 15.53 -23.14 30.48
CA LYS G 131 16.12 -24.24 31.22
C LYS G 131 16.41 -23.90 32.67
N THR G 132 16.67 -22.63 32.97
CA THR G 132 17.20 -22.24 34.29
C THR G 132 16.26 -21.15 34.83
N TRP G 133 16.24 -20.98 36.14
CA TRP G 133 15.17 -20.09 36.69
C TRP G 133 15.84 -18.89 37.29
N THR G 134 15.22 -17.74 37.15
CA THR G 134 15.58 -16.59 38.01
C THR G 134 14.55 -16.31 39.11
N ALA G 135 15.06 -16.16 40.34
CA ALA G 135 14.27 -15.87 41.54
C ALA G 135 15.14 -15.13 42.55
N ALA G 136 14.81 -13.88 42.83
CA ALA G 136 15.61 -13.06 43.76
C ALA G 136 15.35 -13.37 45.19
N ASP G 137 14.08 -13.43 45.61
CA ASP G 137 13.80 -13.43 47.04
C ASP G 137 14.34 -14.64 47.82
N MET G 138 14.69 -14.46 49.07
CA MET G 138 15.07 -15.59 49.90
C MET G 138 13.85 -16.53 49.98
N ALA G 139 12.61 -16.03 50.17
CA ALA G 139 11.37 -16.89 50.18
C ALA G 139 11.26 -17.64 48.89
N ALA G 140 11.68 -17.02 47.79
CA ALA G 140 11.39 -17.61 46.51
C ALA G 140 12.35 -18.76 46.16
N GLN G 141 13.41 -18.95 46.94
CA GLN G 141 14.31 -20.05 46.64
C GLN G 141 13.69 -21.43 46.86
N ILE G 142 12.71 -21.49 47.74
CA ILE G 142 12.02 -22.71 48.04
C ILE G 142 11.43 -23.17 46.73
N THR G 143 10.74 -22.27 46.03
CA THR G 143 9.98 -22.61 44.86
C THR G 143 10.96 -23.00 43.82
N ARG G 144 12.06 -22.26 43.80
CA ARG G 144 13.05 -22.39 42.75
C ARG G 144 13.61 -23.86 42.87
N ARG G 145 13.97 -24.24 44.08
CA ARG G 145 14.48 -25.61 44.39
C ARG G 145 13.43 -26.65 43.99
N LYS G 146 12.20 -26.44 44.45
CA LYS G 146 11.09 -27.33 44.20
C LYS G 146 10.88 -27.47 42.67
N TRP G 147 10.91 -26.37 41.90
CA TRP G 147 10.70 -26.49 40.47
C TRP G 147 11.91 -27.13 39.77
N GLU G 148 13.12 -26.90 40.26
CA GLU G 148 14.29 -27.53 39.71
C GLU G 148 14.24 -29.06 39.95
N GLN G 149 14.12 -29.47 41.20
CA GLN G 149 13.94 -30.88 41.53
C GLN G 149 12.88 -31.56 40.65
N SER G 150 11.84 -30.83 40.32
CA SER G 150 10.69 -31.48 39.66
C SER G 150 10.77 -31.50 38.14
N GLY G 151 11.75 -30.84 37.56
CA GLY G 151 11.82 -30.73 36.11
C GLY G 151 10.75 -29.85 35.51
N ALA G 152 10.20 -28.91 36.26
CA ALA G 152 9.14 -28.04 35.69
C ALA G 152 9.61 -27.28 34.41
N ALA G 153 10.87 -26.89 34.35
CA ALA G 153 11.32 -26.09 33.21
C ALA G 153 11.17 -26.82 31.88
N GLU G 154 11.47 -28.11 31.88
CA GLU G 154 11.38 -28.88 30.64
C GLU G 154 9.94 -28.92 30.22
N HIS G 155 9.02 -28.99 31.18
CA HIS G 155 7.58 -29.04 30.82
C HIS G 155 7.02 -27.73 30.22
N TYR G 156 7.40 -26.62 30.80
CA TYR G 156 7.04 -25.30 30.27
C TYR G 156 7.68 -25.04 28.93
N LYS G 157 8.93 -25.50 28.76
CA LYS G 157 9.71 -25.41 27.53
C LYS G 157 8.94 -26.11 26.38
N ALA G 158 8.46 -27.33 26.62
CA ALA G 158 7.62 -28.02 25.61
C ALA G 158 6.39 -27.21 25.24
N TYR G 159 5.71 -26.69 26.23
CA TYR G 159 4.51 -25.94 25.94
C TYR G 159 4.88 -24.65 25.13
N LEU G 160 5.97 -23.96 25.51
CA LEU G 160 6.34 -22.69 24.84
C LEU G 160 6.88 -22.87 23.41
N GLU G 161 7.52 -24.00 23.19
CA GLU G 161 8.07 -24.29 21.88
C GLU G 161 7.03 -25.00 21.01
N GLY G 162 6.08 -25.66 21.66
CA GLY G 162 5.17 -26.53 20.95
C GLY G 162 3.80 -25.93 20.79
N GLU G 163 2.93 -26.25 21.75
CA GLU G 163 1.56 -25.83 21.67
C GLU G 163 1.39 -24.31 21.49
N CYS G 164 2.23 -23.48 22.13
CA CYS G 164 2.11 -22.02 22.03
C CYS G 164 2.44 -21.57 20.62
N VAL G 165 3.50 -22.13 20.04
CA VAL G 165 3.88 -21.79 18.68
C VAL G 165 2.77 -22.25 17.74
N GLU G 166 2.29 -23.46 18.00
CA GLU G 166 1.38 -24.11 17.09
C GLU G 166 0.16 -23.24 17.06
N TRP G 167 -0.40 -22.92 18.21
CA TRP G 167 -1.71 -22.28 18.19
C TRP G 167 -1.63 -20.86 17.67
N LEU G 168 -0.50 -20.22 17.90
CA LEU G 168 -0.32 -18.87 17.39
C LEU G 168 -0.38 -18.83 15.83
N HIS G 169 0.20 -19.86 15.21
CA HIS G 169 0.12 -20.05 13.76
C HIS G 169 -1.35 -20.17 13.38
N ARG G 170 -2.05 -21.12 13.99
CA ARG G 170 -3.47 -21.30 13.69
C ARG G 170 -4.32 -20.06 13.94
N TYR G 171 -4.00 -19.30 14.98
CA TYR G 171 -4.79 -18.10 15.21
C TYR G 171 -4.46 -17.05 14.16
N LEU G 172 -3.24 -17.11 13.63
CA LEU G 172 -2.75 -16.04 12.76
C LEU G 172 -3.32 -16.17 11.33
N LYS G 173 -3.54 -17.39 10.87
CA LYS G 173 -4.13 -17.53 9.55
C LYS G 173 -5.60 -17.13 9.64
N ASN G 174 -6.17 -17.11 10.86
CA ASN G 174 -7.63 -16.86 11.04
C ASN G 174 -8.13 -15.39 10.94
N GLY G 175 -7.37 -14.43 11.44
CA GLY G 175 -7.69 -13.04 11.17
C GLY G 175 -6.48 -12.37 10.55
N ASN G 176 -6.19 -12.68 9.29
CA ASN G 176 -4.94 -12.23 8.67
C ASN G 176 -4.96 -10.75 8.26
N ALA G 177 -6.11 -10.10 8.43
CA ALA G 177 -6.28 -8.68 8.07
C ALA G 177 -6.78 -7.80 9.23
N THR G 178 -6.98 -8.38 10.41
CA THR G 178 -7.39 -7.62 11.60
C THR G 178 -6.23 -7.45 12.61
N LEU G 179 -5.11 -8.12 12.34
CA LEU G 179 -3.88 -8.02 13.16
C LEU G 179 -2.59 -8.26 12.37
N LEU G 180 -2.50 -7.66 11.18
CA LEU G 180 -1.23 -7.51 10.45
C LEU G 180 -0.90 -6.01 10.36
N ARG G 181 -1.93 -5.16 10.46
CA ARG G 181 -1.80 -3.75 10.11
C ARG G 181 -1.66 -2.80 11.32
N THR G 182 -0.77 -1.82 11.10
CA THR G 182 -0.54 -0.66 11.94
C THR G 182 -1.41 0.47 11.41
N ASP G 183 -1.73 1.43 12.28
CA ASP G 183 -2.29 2.72 11.87
C ASP G 183 -1.27 3.79 12.17
N SER G 184 -0.90 4.55 11.13
CA SER G 184 0.06 5.63 11.24
C SER G 184 -0.56 6.74 12.06
N PRO G 185 0.22 7.35 12.92
CA PRO G 185 -0.25 8.56 13.63
C PRO G 185 -0.61 9.71 12.64
N LYS G 186 -1.62 10.49 12.97
CA LYS G 186 -1.81 11.81 12.34
C LYS G 186 -1.41 12.86 13.36
N ALA G 187 -0.53 13.80 12.96
CA ALA G 187 0.01 14.77 13.93
C ALA G 187 -0.45 16.20 13.63
N HIS G 188 -0.59 17.00 14.66
CA HIS G 188 -0.75 18.44 14.47
C HIS G 188 -0.19 19.16 15.70
N VAL G 189 -0.07 20.49 15.59
CA VAL G 189 0.36 21.32 16.75
C VAL G 189 -0.68 22.41 17.12
N THR G 190 -0.95 22.53 18.41
CA THR G 190 -1.86 23.54 18.91
C THR G 190 -1.08 24.59 19.64
N HIS G 191 -1.71 25.77 19.73
CA HIS G 191 -1.08 26.98 20.21
C HIS G 191 -1.88 27.44 21.43
N HIS G 192 -1.23 27.44 22.58
CA HIS G 192 -1.89 27.89 23.81
C HIS G 192 -1.17 29.04 24.50
N PRO G 193 -1.93 30.10 24.84
CA PRO G 193 -1.39 31.24 25.56
C PRO G 193 -0.75 30.75 26.86
N ARG G 194 0.24 31.46 27.35
CA ARG G 194 1.15 30.89 28.33
C ARG G 194 0.86 31.75 29.54
N SER G 195 1.45 32.93 29.50
CA SER G 195 2.12 33.70 30.51
C SER G 195 2.44 34.95 29.72
N LYS G 196 3.18 35.90 30.31
CA LYS G 196 3.63 37.04 29.53
C LYS G 196 4.72 36.61 28.55
N GLY G 197 4.47 36.84 27.26
CA GLY G 197 5.49 36.75 26.21
C GLY G 197 5.90 35.35 25.78
N GLU G 198 5.25 34.34 26.33
CA GLU G 198 5.58 32.94 26.03
C GLU G 198 4.34 32.19 25.52
N VAL G 199 4.53 31.15 24.73
CA VAL G 199 3.40 30.29 24.35
C VAL G 199 3.73 28.80 24.38
N THR G 200 2.75 28.00 24.84
CA THR G 200 2.86 26.56 24.83
C THR G 200 2.54 25.97 23.42
N LEU G 201 3.49 25.21 22.85
CA LEU G 201 3.23 24.41 21.65
C LEU G 201 3.00 22.96 22.07
N ARG G 202 1.86 22.41 21.71
CA ARG G 202 1.46 21.05 22.07
C ARG G 202 1.33 20.23 20.79
N CYS G 203 2.33 19.39 20.53
CA CYS G 203 2.36 18.51 19.37
C CYS G 203 1.56 17.21 19.60
N TRP G 204 0.50 17.01 18.85
CA TRP G 204 -0.37 15.86 19.06
C TRP G 204 -0.13 14.71 18.10
N ALA G 205 -0.05 13.50 18.61
CA ALA G 205 -0.17 12.32 17.73
C ALA G 205 -1.48 11.63 18.05
N LEU G 206 -2.24 11.24 17.01
CA LEU G 206 -3.57 10.69 17.19
C LEU G 206 -3.84 9.56 16.21
N GLY G 207 -4.73 8.65 16.61
CA GLY G 207 -5.23 7.59 15.73
C GLY G 207 -4.24 6.45 15.40
N PHE G 208 -3.17 6.31 16.16
CA PHE G 208 -2.12 5.34 15.78
C PHE G 208 -2.27 4.02 16.53
N TYR G 209 -1.74 2.95 15.94
CA TYR G 209 -1.71 1.66 16.60
C TYR G 209 -0.55 0.89 15.95
N PRO G 210 0.30 0.20 16.72
CA PRO G 210 0.40 -0.08 18.15
C PRO G 210 0.70 1.17 18.95
N ALA G 211 0.58 1.09 20.27
CA ALA G 211 0.79 2.28 21.12
C ALA G 211 2.24 2.87 21.08
N ASP G 212 3.25 2.05 20.75
CA ASP G 212 4.64 2.55 20.77
C ASP G 212 4.90 3.71 19.81
N ILE G 213 5.46 4.80 20.33
CA ILE G 213 5.62 6.02 19.53
C ILE G 213 6.62 6.91 20.27
N THR G 214 7.36 7.74 19.54
CA THR G 214 8.19 8.75 20.15
C THR G 214 7.81 10.14 19.57
N LEU G 215 7.81 11.15 20.43
CA LEU G 215 7.58 12.56 20.12
C LEU G 215 8.71 13.34 20.69
N THR G 216 9.32 14.15 19.85
CA THR G 216 10.41 15.00 20.22
C THR G 216 10.21 16.38 19.60
N TRP G 217 10.76 17.38 20.27
CA TRP G 217 10.75 18.74 19.80
C TRP G 217 12.20 19.20 19.58
N GLN G 218 12.47 19.87 18.45
CA GLN G 218 13.81 20.39 18.16
C GLN G 218 13.81 21.91 18.03
N LEU G 219 14.85 22.52 18.61
CA LEU G 219 15.19 23.93 18.37
C LEU G 219 16.34 23.99 17.37
N ASN G 220 15.97 24.17 16.11
CA ASN G 220 16.94 24.09 15.02
C ASN G 220 18.00 23.03 15.34
N GLY G 221 17.56 21.78 15.31
CA GLY G 221 18.46 20.66 15.41
C GLY G 221 18.70 20.12 16.81
N GLU G 222 18.47 20.93 17.83
CA GLU G 222 18.85 20.51 19.17
C GLU G 222 17.66 19.95 19.94
N GLU G 223 17.63 18.62 20.10
CA GLU G 223 16.55 17.96 20.82
C GLU G 223 16.34 18.54 22.24
N LEU G 224 15.09 18.88 22.55
CA LEU G 224 14.76 19.47 23.85
C LEU G 224 14.32 18.45 24.90
N THR G 225 15.26 17.94 25.70
CA THR G 225 14.93 17.08 26.84
C THR G 225 14.57 17.92 28.05
N GLN G 226 15.15 19.11 28.13
CA GLN G 226 14.93 19.97 29.28
C GLN G 226 13.47 20.39 29.36
N ASP G 227 12.79 19.88 30.35
CA ASP G 227 11.43 20.33 30.63
C ASP G 227 10.56 20.45 29.36
N MET G 228 10.72 19.54 28.41
CA MET G 228 9.66 19.35 27.45
C MET G 228 8.70 18.54 28.26
N GLU G 229 7.42 18.87 28.17
CA GLU G 229 6.34 18.21 28.93
C GLU G 229 5.60 17.17 28.05
N LEU G 230 5.33 15.98 28.56
CA LEU G 230 4.58 15.02 27.75
C LEU G 230 3.48 14.36 28.55
N VAL G 231 2.64 13.55 27.91
CA VAL G 231 1.81 12.63 28.71
C VAL G 231 2.16 11.18 28.42
N GLU G 232 1.77 10.28 29.30
CA GLU G 232 1.86 8.86 29.01
C GLU G 232 0.87 8.53 27.85
N THR G 233 1.30 7.65 26.97
CA THR G 233 0.43 7.20 25.83
C THR G 233 -0.88 6.59 26.29
N ARG G 234 -1.97 6.91 25.63
CA ARG G 234 -3.26 6.63 26.23
C ARG G 234 -4.17 6.15 25.12
N PRO G 235 -5.11 5.21 25.43
CA PRO G 235 -6.11 4.60 24.52
C PRO G 235 -7.26 5.57 24.20
N ALA G 236 -7.59 5.72 22.93
CA ALA G 236 -8.69 6.64 22.57
C ALA G 236 -10.01 5.95 22.83
N GLY G 237 -9.96 4.62 22.83
CA GLY G 237 -11.10 3.81 23.26
C GLY G 237 -11.75 3.04 22.13
N ASP G 238 -11.32 3.33 20.89
CA ASP G 238 -11.76 2.70 19.65
C ASP G 238 -10.66 1.80 19.05
N GLY G 239 -9.64 1.48 19.81
CA GLY G 239 -8.52 0.73 19.29
C GLY G 239 -7.23 1.51 19.05
N THR G 240 -7.32 2.81 18.77
CA THR G 240 -6.12 3.62 18.61
C THR G 240 -5.62 4.33 19.89
N PHE G 241 -4.43 4.91 19.81
CA PHE G 241 -3.80 5.59 20.92
C PHE G 241 -3.52 7.11 20.61
N GLN G 242 -3.18 7.88 21.65
CA GLN G 242 -2.95 9.31 21.55
C GLN G 242 -1.74 9.61 22.42
N LYS G 243 -0.94 10.61 22.04
CA LYS G 243 0.09 11.11 22.94
C LYS G 243 0.33 12.54 22.56
N TRP G 244 0.92 13.36 23.45
CA TRP G 244 1.35 14.64 23.00
C TRP G 244 2.59 15.04 23.71
N ALA G 245 3.39 15.89 23.06
CA ALA G 245 4.45 16.61 23.80
C ALA G 245 4.35 18.09 23.56
N SER G 246 4.67 18.85 24.59
CA SER G 246 4.53 20.31 24.59
C SER G 246 5.83 20.94 25.09
N VAL G 247 6.00 22.21 24.78
CA VAL G 247 7.18 22.92 25.16
C VAL G 247 6.80 24.40 25.38
N VAL G 248 7.61 25.16 26.11
CA VAL G 248 7.37 26.60 26.19
C VAL G 248 8.28 27.33 25.23
N VAL G 249 7.71 28.28 24.51
CA VAL G 249 8.39 28.97 23.45
C VAL G 249 8.32 30.50 23.71
N PRO G 250 9.29 31.27 23.19
CA PRO G 250 9.12 32.73 23.09
C PRO G 250 8.06 33.11 22.05
N LEU G 251 7.10 33.96 22.41
CA LEU G 251 6.06 34.41 21.48
C LEU G 251 6.73 35.08 20.28
N GLY G 252 6.26 34.77 19.06
CA GLY G 252 6.89 35.26 17.84
C GLY G 252 7.96 34.32 17.30
N LYS G 253 8.68 33.69 18.22
CA LYS G 253 9.74 32.74 17.89
C LYS G 253 9.21 31.31 17.73
N GLU G 254 7.96 31.14 17.33
CA GLU G 254 7.38 29.79 17.27
C GLU G 254 7.49 29.15 15.88
N GLN G 255 8.63 29.32 15.21
CA GLN G 255 8.88 28.59 13.96
C GLN G 255 10.32 28.11 13.88
N ASN G 256 11.08 28.34 14.96
CA ASN G 256 12.36 27.67 15.15
C ASN G 256 12.13 26.33 15.86
N TYR G 257 10.86 25.92 15.97
CA TYR G 257 10.47 24.72 16.71
C TYR G 257 9.81 23.69 15.81
N THR G 258 10.36 22.47 15.80
CA THR G 258 9.81 21.40 14.96
C THR G 258 9.55 20.17 15.83
N CYS G 259 8.51 19.42 15.49
CA CYS G 259 8.13 18.22 16.22
C CYS G 259 8.48 17.06 15.30
N ARG G 260 9.08 16.00 15.84
CA ARG G 260 9.26 14.79 15.07
C ARG G 260 8.43 13.68 15.72
N VAL G 261 7.61 13.01 14.88
CA VAL G 261 6.86 11.80 15.25
C VAL G 261 7.56 10.53 14.66
N TYR G 262 7.81 9.55 15.51
CA TYR G 262 8.44 8.29 15.10
C TYR G 262 7.51 7.17 15.45
N HIS G 263 7.08 6.42 14.44
CA HIS G 263 6.11 5.36 14.63
C HIS G 263 6.22 4.21 13.58
N GLU G 264 6.25 2.97 14.06
CA GLU G 264 6.54 1.87 13.15
C GLU G 264 5.64 1.86 11.90
N GLY G 265 4.48 2.48 11.96
CA GLY G 265 3.61 2.50 10.79
C GLY G 265 3.94 3.50 9.70
N LEU G 266 4.79 4.48 10.03
CA LEU G 266 5.19 5.56 9.13
C LEU G 266 6.20 5.09 8.09
N PRO G 267 6.17 5.68 6.89
CA PRO G 267 7.17 5.52 5.83
C PRO G 267 8.47 6.12 6.25
N GLU G 268 8.40 7.24 6.94
CA GLU G 268 9.55 7.83 7.61
C GLU G 268 9.00 8.64 8.76
N PRO G 269 9.85 9.14 9.64
CA PRO G 269 9.32 9.94 10.72
C PRO G 269 8.63 11.21 10.18
N LEU G 270 7.52 11.63 10.80
CA LEU G 270 6.85 12.92 10.51
C LEU G 270 7.62 14.12 11.03
N THR G 271 7.56 15.22 10.27
CA THR G 271 8.08 16.51 10.73
C THR G 271 7.04 17.60 10.60
N LEU G 272 6.91 18.42 11.63
CA LEU G 272 5.71 19.19 11.89
C LEU G 272 6.05 20.45 12.63
N ARG G 273 5.41 21.56 12.27
CA ARG G 273 5.55 22.78 13.06
C ARG G 273 4.19 23.49 13.27
N TRP G 274 4.12 24.44 14.17
CA TRP G 274 2.94 25.30 14.25
C TRP G 274 2.70 25.98 12.87
N GLU G 275 1.45 26.04 12.45
CA GLU G 275 1.12 26.70 11.19
C GLU G 275 -0.23 27.44 11.31
N PRO G 276 -0.19 28.76 11.54
CA PRO G 276 -1.40 29.59 11.62
C PRO G 276 -2.09 29.75 10.28
N ILE H 1 2.19 -4.50 48.62
CA ILE H 1 2.49 -3.05 48.89
C ILE H 1 2.05 -2.17 47.72
N GLN H 2 1.53 -1.01 48.06
CA GLN H 2 0.64 -0.25 47.19
C GLN H 2 1.38 0.47 46.09
N LYS H 3 0.75 0.61 44.94
CA LYS H 3 1.18 1.55 43.92
C LYS H 3 0.00 2.50 43.73
N THR H 4 0.23 3.81 43.66
CA THR H 4 -0.90 4.75 43.54
C THR H 4 -1.34 4.92 42.09
N PRO H 5 -2.66 4.86 41.82
CA PRO H 5 -3.17 5.13 40.46
C PRO H 5 -2.68 6.45 39.83
N GLN H 6 -2.27 6.41 38.56
CA GLN H 6 -1.97 7.59 37.78
C GLN H 6 -3.25 7.80 37.00
N ILE H 7 -3.65 9.05 36.69
CA ILE H 7 -5.01 9.26 36.17
C ILE H 7 -4.89 10.21 35.04
N GLN H 8 -5.37 9.88 33.85
CA GLN H 8 -5.75 10.97 32.87
C GLN H 8 -7.23 11.02 32.49
N VAL H 9 -7.69 12.22 32.17
CA VAL H 9 -9.07 12.46 31.71
C VAL H 9 -8.95 13.24 30.41
N TYR H 10 -9.64 12.76 29.37
CA TYR H 10 -9.43 13.30 28.04
C TYR H 10 -10.47 12.76 27.12
N SER H 11 -10.67 13.40 26.00
CA SER H 11 -11.76 12.93 25.14
C SER H 11 -11.23 12.08 24.01
N ARG H 12 -12.11 11.27 23.43
CA ARG H 12 -11.74 10.42 22.32
C ARG H 12 -11.41 11.22 21.11
N HIS H 13 -12.22 12.25 20.80
CA HIS H 13 -11.98 13.07 19.61
C HIS H 13 -11.71 14.53 19.99
N PRO H 14 -10.93 15.25 19.17
CA PRO H 14 -10.76 16.66 19.52
C PRO H 14 -12.13 17.24 19.85
N PRO H 15 -12.29 17.81 21.06
CA PRO H 15 -13.61 18.23 21.54
C PRO H 15 -14.06 19.44 20.75
N GLU H 16 -15.36 19.57 20.56
CA GLU H 16 -15.94 20.73 19.85
C GLU H 16 -17.27 20.89 20.44
N ASN H 17 -17.54 22.08 20.98
CA ASN H 17 -18.81 22.37 21.66
C ASN H 17 -19.99 22.04 20.78
N GLY H 18 -21.04 21.54 21.41
CA GLY H 18 -22.17 20.98 20.72
C GLY H 18 -21.95 19.72 19.90
N LYS H 19 -20.86 18.97 20.09
CA LYS H 19 -20.70 17.75 19.28
C LYS H 19 -20.50 16.47 20.11
N PRO H 20 -21.44 15.54 20.04
CA PRO H 20 -21.27 14.43 20.98
C PRO H 20 -19.88 13.79 20.83
N ASN H 21 -19.28 13.42 21.96
CA ASN H 21 -17.93 12.86 21.94
C ASN H 21 -17.94 11.72 22.99
N ILE H 22 -16.76 11.28 23.43
CA ILE H 22 -16.67 10.33 24.54
C ILE H 22 -15.62 10.86 25.50
N LEU H 23 -15.92 10.93 26.79
CA LEU H 23 -14.93 11.40 27.77
C LEU H 23 -14.31 10.10 28.34
N ASN H 24 -12.99 9.99 28.29
CA ASN H 24 -12.28 8.84 28.92
C ASN H 24 -11.63 9.24 30.19
N CYS H 25 -11.67 8.32 31.14
CA CYS H 25 -10.81 8.34 32.28
C CYS H 25 -9.91 7.07 32.23
N TYR H 26 -8.61 7.25 32.08
CA TYR H 26 -7.67 6.14 31.93
C TYR H 26 -6.90 6.09 33.22
N VAL H 27 -6.97 4.99 33.95
CA VAL H 27 -6.33 4.89 35.27
C VAL H 27 -5.29 3.73 35.27
N THR H 28 -3.98 4.05 35.39
CA THR H 28 -2.87 3.10 35.24
C THR H 28 -1.97 2.94 36.50
N GLN H 29 -1.02 1.99 36.46
CA GLN H 29 0.06 1.84 37.49
C GLN H 29 -0.35 1.60 38.97
N PHE H 30 -1.47 0.95 39.22
CA PHE H 30 -1.87 0.82 40.62
C PHE H 30 -1.78 -0.67 41.06
N HIS H 31 -1.85 -0.88 42.36
CA HIS H 31 -1.78 -2.19 42.99
C HIS H 31 -2.14 -1.94 44.45
N PRO H 32 -3.02 -2.76 45.04
CA PRO H 32 -3.65 -4.00 44.56
C PRO H 32 -4.76 -3.73 43.56
N PRO H 33 -5.30 -4.76 42.90
CA PRO H 33 -6.12 -4.39 41.77
C PRO H 33 -7.50 -3.81 42.11
N HIS H 34 -7.96 -3.87 43.36
CA HIS H 34 -9.33 -3.39 43.70
C HIS H 34 -9.41 -1.80 43.66
N ILE H 35 -10.40 -1.27 42.98
CA ILE H 35 -10.46 0.16 42.76
C ILE H 35 -11.87 0.62 42.50
N GLU H 36 -12.16 1.89 42.86
CA GLU H 36 -13.46 2.53 42.58
C GLU H 36 -13.15 3.81 41.76
N ILE H 37 -13.69 3.87 40.54
CA ILE H 37 -13.57 5.01 39.65
C ILE H 37 -14.96 5.59 39.37
N GLN H 38 -15.20 6.88 39.67
CA GLN H 38 -16.44 7.58 39.23
C GLN H 38 -16.14 8.74 38.33
N MET H 39 -16.95 8.93 37.31
CA MET H 39 -16.83 10.15 36.51
C MET H 39 -17.93 11.09 36.99
N LEU H 40 -17.65 12.39 36.94
CA LEU H 40 -18.45 13.39 37.59
C LEU H 40 -18.66 14.54 36.64
N LYS H 41 -19.88 15.05 36.63
CA LYS H 41 -20.31 16.18 35.80
C LYS H 41 -20.88 17.24 36.75
N ASN H 42 -20.41 18.47 36.66
CA ASN H 42 -20.64 19.48 37.70
C ASN H 42 -20.74 18.95 39.13
N GLY H 43 -19.85 18.01 39.46
CA GLY H 43 -19.63 17.65 40.84
C GLY H 43 -20.51 16.49 41.25
N LYS H 44 -21.37 16.03 40.35
CA LYS H 44 -22.36 14.97 40.65
C LYS H 44 -22.12 13.67 39.82
N LYS H 45 -22.26 12.50 40.45
CA LYS H 45 -21.93 11.22 39.81
C LYS H 45 -22.67 11.05 38.46
N ILE H 46 -21.93 10.66 37.42
CA ILE H 46 -22.56 10.39 36.11
C ILE H 46 -23.10 8.99 36.18
N PRO H 47 -24.41 8.78 35.87
CA PRO H 47 -25.06 7.47 36.11
C PRO H 47 -24.43 6.34 35.33
N LYS H 48 -24.34 6.49 34.00
CA LYS H 48 -23.98 5.33 33.19
C LYS H 48 -22.55 5.52 32.70
N VAL H 49 -21.62 4.78 33.30
CA VAL H 49 -20.24 4.83 32.79
C VAL H 49 -19.75 3.43 32.49
N GLU H 50 -19.29 3.19 31.25
CA GLU H 50 -18.66 1.92 30.84
C GLU H 50 -17.33 1.76 31.48
N MET H 51 -16.98 0.52 31.79
CA MET H 51 -15.79 0.24 32.55
C MET H 51 -15.03 -0.95 31.85
N SER H 52 -13.79 -0.78 31.45
CA SER H 52 -13.14 -1.94 30.81
C SER H 52 -12.89 -3.00 31.87
N ASP H 53 -12.60 -4.23 31.45
CA ASP H 53 -12.23 -5.26 32.41
C ASP H 53 -10.77 -5.07 32.91
N MET H 54 -10.48 -5.66 34.07
CA MET H 54 -9.17 -5.91 34.66
C MET H 54 -8.14 -6.36 33.63
N SER H 55 -7.10 -5.56 33.46
CA SER H 55 -5.91 -5.93 32.73
C SER H 55 -4.69 -5.53 33.51
N PHE H 56 -3.53 -6.11 33.17
CA PHE H 56 -2.27 -5.59 33.73
C PHE H 56 -1.23 -5.53 32.70
N SER H 57 -0.19 -4.75 32.99
CA SER H 57 0.88 -4.49 32.06
C SER H 57 2.12 -5.30 32.37
N LYS H 58 3.14 -5.23 31.52
CA LYS H 58 4.25 -6.12 31.72
C LYS H 58 5.04 -5.79 32.97
N ASP H 59 4.80 -4.61 33.57
CA ASP H 59 5.50 -4.29 34.85
C ASP H 59 4.66 -4.69 36.02
N TRP H 60 3.61 -5.44 35.71
CA TRP H 60 2.70 -6.12 36.64
C TRP H 60 1.55 -5.22 37.14
N SER H 61 1.62 -3.94 36.83
CA SER H 61 0.66 -2.93 37.36
C SER H 61 -0.66 -2.99 36.59
N PHE H 62 -1.72 -2.77 37.31
CA PHE H 62 -3.05 -2.87 36.80
C PHE H 62 -3.47 -1.56 36.13
N TYR H 63 -4.30 -1.69 35.10
CA TYR H 63 -4.95 -0.52 34.51
C TYR H 63 -6.41 -0.75 34.14
N ILE H 64 -7.16 0.37 34.08
CA ILE H 64 -8.53 0.43 33.60
C ILE H 64 -8.80 1.68 32.71
N LEU H 65 -9.76 1.55 31.80
CA LEU H 65 -10.28 2.66 31.03
C LEU H 65 -11.77 2.79 31.32
N ALA H 66 -12.20 3.93 31.88
CA ALA H 66 -13.63 4.17 32.08
C ALA H 66 -14.04 5.25 31.07
N HIS H 67 -15.23 5.16 30.46
CA HIS H 67 -15.59 6.20 29.52
C HIS H 67 -17.11 6.48 29.51
N THR H 68 -17.48 7.62 28.90
CA THR H 68 -18.87 8.03 28.89
C THR H 68 -19.15 9.01 27.73
N GLU H 69 -20.40 9.05 27.30
CA GLU H 69 -20.72 9.82 26.16
C GLU H 69 -20.96 11.14 26.79
N PHE H 70 -20.57 12.19 26.09
CA PHE H 70 -20.89 13.54 26.56
C PHE H 70 -20.83 14.46 25.34
N THR H 71 -21.47 15.63 25.48
CA THR H 71 -21.35 16.70 24.49
C THR H 71 -20.66 17.90 25.19
N PRO H 72 -19.45 18.27 24.73
CA PRO H 72 -18.78 19.32 25.49
C PRO H 72 -19.53 20.63 25.37
N THR H 73 -19.74 21.32 26.49
CA THR H 73 -20.25 22.68 26.46
C THR H 73 -19.20 23.62 27.04
N GLU H 74 -19.50 24.92 27.01
CA GLU H 74 -18.66 25.91 27.67
C GLU H 74 -19.13 26.06 29.12
N THR H 75 -20.22 25.40 29.49
CA THR H 75 -20.78 25.50 30.84
C THR H 75 -20.54 24.30 31.82
N ASP H 76 -20.18 23.14 31.30
CA ASP H 76 -20.02 21.97 32.22
C ASP H 76 -18.58 21.74 32.69
N THR H 77 -18.39 21.35 33.96
CA THR H 77 -17.10 20.75 34.31
C THR H 77 -17.21 19.21 34.43
N TYR H 78 -16.23 18.49 33.87
CA TYR H 78 -16.15 17.03 34.03
C TYR H 78 -14.96 16.67 34.84
N ALA H 79 -15.02 15.55 35.55
CA ALA H 79 -13.90 15.12 36.34
C ALA H 79 -13.92 13.59 36.54
N CYS H 80 -12.82 12.96 36.94
CA CYS H 80 -12.85 11.53 37.25
C CYS H 80 -12.29 11.41 38.67
N ARG H 81 -12.96 10.61 39.49
CA ARG H 81 -12.64 10.55 40.93
C ARG H 81 -12.32 9.10 41.23
N VAL H 82 -11.20 8.86 41.90
CA VAL H 82 -10.65 7.52 42.00
C VAL H 82 -10.44 7.16 43.46
N LYS H 83 -11.07 6.06 43.92
CA LYS H 83 -10.78 5.58 45.27
C LYS H 83 -10.02 4.23 45.29
N HIS H 84 -8.93 4.22 46.03
CA HIS H 84 -8.01 3.09 46.09
C HIS H 84 -7.18 3.12 47.39
N ASP H 85 -6.76 1.94 47.87
CA ASP H 85 -6.16 1.78 49.19
C ASP H 85 -4.82 2.45 49.41
N SER H 86 -4.12 2.78 48.34
CA SER H 86 -2.91 3.57 48.46
C SER H 86 -3.17 4.98 48.97
N MET H 87 -4.41 5.41 49.00
CA MET H 87 -4.68 6.81 49.32
C MET H 87 -5.78 6.97 50.40
N ALA H 88 -5.52 7.73 51.46
CA ALA H 88 -6.62 7.97 52.41
C ALA H 88 -7.85 8.58 51.72
N GLU H 89 -7.67 9.58 50.84
CA GLU H 89 -8.84 10.20 50.22
C GLU H 89 -8.92 10.08 48.69
N PRO H 90 -10.14 9.99 48.15
CA PRO H 90 -10.32 9.95 46.70
C PRO H 90 -9.54 11.08 46.03
N LYS H 91 -9.13 10.88 44.79
CA LYS H 91 -8.32 11.83 44.07
C LYS H 91 -9.09 12.16 42.84
N THR H 92 -9.27 13.46 42.58
CA THR H 92 -10.21 13.95 41.56
C THR H 92 -9.39 14.65 40.53
N VAL H 93 -9.53 14.26 39.27
CA VAL H 93 -8.82 14.92 38.19
C VAL H 93 -9.85 15.50 37.17
N TYR H 94 -9.74 16.80 36.93
CA TYR H 94 -10.71 17.55 36.07
C TYR H 94 -10.30 17.41 34.63
N TRP H 95 -11.27 17.31 33.75
CA TRP H 95 -10.96 17.32 32.34
C TRP H 95 -10.38 18.72 31.99
N ASP H 96 -9.26 18.73 31.30
CA ASP H 96 -8.79 19.97 30.66
C ASP H 96 -8.86 19.78 29.15
N ARG H 97 -9.60 20.61 28.44
CA ARG H 97 -9.87 20.27 27.02
C ARG H 97 -8.61 20.47 26.13
N ASP H 98 -7.60 21.21 26.62
CA ASP H 98 -6.30 21.29 25.90
C ASP H 98 -5.36 20.16 26.26
N MET H 99 -5.86 19.15 26.93
CA MET H 99 -4.99 18.00 27.22
C MET H 99 -5.57 16.62 26.95
N LYS I 1 -24.75 21.39 -1.94
CA LYS I 1 -25.91 22.32 -1.91
C LYS I 1 -26.67 22.11 -3.25
N GLY I 2 -28.00 22.14 -3.24
CA GLY I 2 -28.74 21.66 -4.38
C GLY I 2 -29.35 22.73 -5.28
N PRO I 3 -29.63 22.37 -6.54
CA PRO I 3 -30.11 23.41 -7.44
C PRO I 3 -31.33 24.12 -6.88
N ALA I 4 -31.56 25.37 -7.29
CA ALA I 4 -32.83 26.01 -7.04
C ALA I 4 -33.39 26.29 -8.41
N ASN I 5 -34.61 25.82 -8.67
CA ASN I 5 -35.07 25.69 -10.04
C ASN I 5 -35.57 27.03 -10.55
N PHE I 6 -35.54 27.15 -11.88
CA PHE I 6 -36.01 28.34 -12.63
C PHE I 6 -37.39 28.27 -13.22
N ALA I 7 -37.61 28.49 -14.51
CA ALA I 7 -39.02 28.49 -15.00
C ALA I 7 -39.71 27.17 -14.60
N THR I 8 -40.99 27.18 -14.25
CA THR I 8 -41.63 25.90 -13.92
C THR I 8 -41.95 25.11 -15.21
N MET I 9 -42.37 23.84 -15.08
CA MET I 9 -42.65 22.98 -16.26
C MET I 9 -43.52 23.87 -17.21
N LYS J 1 0.37 -7.89 -26.85
CA LYS J 1 0.49 -8.46 -28.24
C LYS J 1 -0.40 -7.70 -29.19
N GLY J 2 0.06 -7.41 -30.40
CA GLY J 2 -0.62 -6.49 -31.30
C GLY J 2 -1.54 -7.26 -32.24
N PRO J 3 -2.36 -6.53 -32.99
CA PRO J 3 -3.27 -7.21 -33.92
C PRO J 3 -2.49 -7.85 -35.04
N ALA J 4 -3.09 -8.85 -35.70
CA ALA J 4 -2.54 -9.38 -36.92
C ALA J 4 -3.74 -9.17 -37.81
N ASN J 5 -3.63 -8.20 -38.71
CA ASN J 5 -4.74 -7.66 -39.44
C ASN J 5 -5.35 -8.64 -40.42
N PHE J 6 -6.62 -8.42 -40.79
CA PHE J 6 -7.35 -9.35 -41.66
C PHE J 6 -7.32 -8.91 -43.12
N ALA J 7 -8.47 -8.73 -43.74
CA ALA J 7 -8.43 -8.41 -45.15
C ALA J 7 -7.63 -7.12 -45.35
N THR J 8 -6.78 -7.08 -46.36
CA THR J 8 -6.19 -5.81 -46.77
C THR J 8 -7.17 -4.72 -47.17
N MET J 9 -6.65 -3.49 -47.25
CA MET J 9 -7.53 -2.35 -47.43
C MET J 9 -8.12 -2.40 -48.80
N LYS K 1 28.17 7.42 6.34
CA LYS K 1 29.48 8.01 6.61
C LYS K 1 30.03 7.23 7.78
N GLY K 2 31.28 6.80 7.70
CA GLY K 2 31.83 5.92 8.71
C GLY K 2 32.53 6.67 9.83
N PRO K 3 33.06 5.93 10.83
CA PRO K 3 33.75 6.67 11.89
C PRO K 3 35.08 7.27 11.51
N ALA K 4 35.51 8.25 12.30
CA ALA K 4 36.91 8.63 12.27
C ALA K 4 37.40 8.35 13.68
N ASN K 5 38.32 7.41 13.80
CA ASN K 5 38.65 6.89 15.12
C ASN K 5 39.47 7.93 15.95
N PHE K 6 39.52 7.71 17.26
CA PHE K 6 40.11 8.64 18.20
C PHE K 6 41.45 8.09 18.70
N ALA K 7 41.71 7.92 19.99
CA ALA K 7 43.04 7.40 20.34
C ALA K 7 43.35 6.06 19.59
N THR K 8 44.57 5.97 19.10
CA THR K 8 45.10 4.78 18.46
C THR K 8 45.16 3.63 19.49
N MET K 9 45.24 2.40 19.00
CA MET K 9 45.28 1.25 19.90
C MET K 9 46.29 1.62 21.00
N LYS L 1 -3.88 -20.81 22.60
CA LYS L 1 -4.10 -21.68 23.80
C LYS L 1 -3.05 -21.43 24.89
N GLY L 2 -3.48 -21.45 26.14
CA GLY L 2 -2.65 -21.01 27.22
C GLY L 2 -2.05 -22.17 28.00
N PRO L 3 -1.03 -21.90 28.82
CA PRO L 3 -0.27 -22.93 29.53
C PRO L 3 -1.18 -23.63 30.50
N ALA L 4 -0.81 -24.84 30.91
CA ALA L 4 -1.38 -25.44 32.06
C ALA L 4 -0.19 -25.70 32.96
N ASN L 5 -0.21 -25.12 34.16
CA ASN L 5 1.00 -25.05 34.96
C ASN L 5 1.30 -26.41 35.57
N PHE L 6 2.52 -26.53 36.08
CA PHE L 6 3.09 -27.78 36.67
C PHE L 6 3.27 -27.71 38.17
N ALA L 7 4.46 -27.80 38.71
CA ALA L 7 4.50 -27.78 40.15
C ALA L 7 3.96 -26.39 40.67
N THR L 8 3.18 -26.42 41.74
CA THR L 8 2.73 -25.20 42.45
C THR L 8 3.91 -24.46 43.14
N MET L 9 3.65 -23.22 43.62
CA MET L 9 4.72 -22.33 44.11
C MET L 9 5.20 -23.03 45.36
S SO4 M . -57.86 14.08 -7.32
O1 SO4 M . -57.61 15.40 -7.89
O2 SO4 M . -59.28 13.76 -7.39
O3 SO4 M . -57.38 14.09 -5.93
O4 SO4 M . -57.13 13.11 -8.10
C1 GOL N . -34.31 10.11 -3.80
O1 GOL N . -33.44 8.98 -3.87
C2 GOL N . -35.78 9.83 -3.42
O2 GOL N . -35.80 9.28 -2.14
C3 GOL N . -36.61 11.13 -3.32
O3 GOL N . -35.98 12.30 -3.84
C1 GOL O . -39.14 24.08 -30.40
O1 GOL O . -38.23 24.53 -29.39
C2 GOL O . -39.52 25.20 -31.41
O2 GOL O . -38.79 25.03 -32.60
C3 GOL O . -41.03 25.23 -31.72
O3 GOL O . -41.60 23.92 -31.65
C1 GOL P . -28.57 0.48 -6.80
O1 GOL P . -27.77 1.17 -5.87
C2 GOL P . -30.00 1.04 -6.77
O2 GOL P . -30.87 0.08 -7.42
C3 GOL P . -30.07 2.45 -7.45
O3 GOL P . -29.19 3.48 -7.02
S SO4 Q . 1.21 7.12 -26.63
O1 SO4 Q . 1.04 8.33 -27.44
O2 SO4 Q . 0.05 6.69 -25.81
O3 SO4 Q . 2.36 7.46 -25.78
O4 SO4 Q . 1.43 6.01 -27.59
S SO4 R . 58.77 -7.05 8.15
O1 SO4 R . 57.68 -7.71 8.87
O2 SO4 R . 58.23 -6.47 6.92
O3 SO4 R . 59.79 -8.07 7.87
O4 SO4 R . 59.29 -5.96 8.98
C1 GOL S . 28.36 -7.01 6.25
O1 GOL S . 27.14 -6.47 6.73
C2 GOL S . 28.29 -8.42 5.64
O2 GOL S . 29.54 -8.68 4.92
C3 GOL S . 27.00 -8.35 4.85
O3 GOL S . 26.00 -7.66 5.62
C1 GOL T . 43.81 -1.25 34.54
O1 GOL T . 43.66 -2.57 35.07
C2 GOL T . 42.75 -0.33 35.18
O2 GOL T . 41.79 -1.16 35.81
C3 GOL T . 43.42 0.55 36.24
O3 GOL T . 42.56 0.61 37.36
S SO4 U . 39.55 -24.28 11.35
O1 SO4 U . 38.81 -23.04 11.66
O2 SO4 U . 39.20 -25.37 12.30
O3 SO4 U . 41.03 -24.04 11.35
O4 SO4 U . 39.09 -24.70 10.02
C1 GOL V . -0.23 -5.40 26.05
O1 GOL V . 0.55 -6.40 25.43
C2 GOL V . -1.17 -6.19 26.93
O2 GOL V . -0.58 -7.46 26.98
C3 GOL V . -1.34 -5.56 28.31
O3 GOL V . -2.55 -5.90 28.97
C1 GOL W . -0.15 -0.02 31.01
O1 GOL W . 0.01 1.28 31.55
C2 GOL W . -0.71 0.00 29.57
O2 GOL W . 0.14 0.77 28.74
C3 GOL W . -0.83 -1.36 28.86
O3 GOL W . -1.19 -1.15 27.49
#